data_6EPT
# 
_entry.id   6EPT 
# 
_audit_conform.dict_name       mmcif_pdbx.dic 
_audit_conform.dict_version    5.383 
_audit_conform.dict_location   http://mmcif.pdb.org/dictionaries/ascii/mmcif_pdbx.dic 
# 
loop_
_database_2.database_id 
_database_2.database_code 
_database_2.pdbx_database_accession 
_database_2.pdbx_DOI 
PDB   6EPT         pdb_00006ept 10.2210/pdb6ept/pdb 
WWPDB D_1200007027 ?            ?                   
# 
loop_
_pdbx_audit_revision_history.ordinal 
_pdbx_audit_revision_history.data_content_type 
_pdbx_audit_revision_history.major_revision 
_pdbx_audit_revision_history.minor_revision 
_pdbx_audit_revision_history.revision_date 
1 'Structure model' 1 0 2018-10-31 
2 'Structure model' 1 1 2019-11-13 
3 'Structure model' 1 2 2020-11-04 
4 'Structure model' 1 3 2024-01-17 
# 
_pdbx_audit_revision_details.ordinal             1 
_pdbx_audit_revision_details.revision_ordinal    1 
_pdbx_audit_revision_details.data_content_type   'Structure model' 
_pdbx_audit_revision_details.provider            repository 
_pdbx_audit_revision_details.type                'Initial release' 
_pdbx_audit_revision_details.description         ? 
_pdbx_audit_revision_details.details             ? 
# 
loop_
_pdbx_audit_revision_group.ordinal 
_pdbx_audit_revision_group.revision_ordinal 
_pdbx_audit_revision_group.data_content_type 
_pdbx_audit_revision_group.group 
1 2 'Structure model' 'Data collection'        
2 2 'Structure model' 'Database references'    
3 3 'Structure model' 'Database references'    
4 4 'Structure model' 'Data collection'        
5 4 'Structure model' 'Database references'    
6 4 'Structure model' 'Refinement description' 
# 
loop_
_pdbx_audit_revision_category.ordinal 
_pdbx_audit_revision_category.revision_ordinal 
_pdbx_audit_revision_category.data_content_type 
_pdbx_audit_revision_category.category 
1 2 'Structure model' citation                      
2 3 'Structure model' citation                      
3 3 'Structure model' citation_author               
4 4 'Structure model' chem_comp_atom                
5 4 'Structure model' chem_comp_bond                
6 4 'Structure model' database_2                    
7 4 'Structure model' pdbx_initial_refinement_model 
# 
loop_
_pdbx_audit_revision_item.ordinal 
_pdbx_audit_revision_item.revision_ordinal 
_pdbx_audit_revision_item.data_content_type 
_pdbx_audit_revision_item.item 
1  2 'Structure model' '_citation.title'                     
2  3 'Structure model' '_citation.country'                   
3  3 'Structure model' '_citation.journal_abbrev'            
4  3 'Structure model' '_citation.journal_id_CSD'            
5  3 'Structure model' '_citation.journal_id_ISSN'           
6  3 'Structure model' '_citation.journal_volume'            
7  3 'Structure model' '_citation.page_first'                
8  3 'Structure model' '_citation.page_last'                 
9  3 'Structure model' '_citation.pdbx_database_id_DOI'      
10 3 'Structure model' '_citation.pdbx_database_id_PubMed'   
11 3 'Structure model' '_citation.title'                     
12 3 'Structure model' '_citation.year'                      
13 4 'Structure model' '_database_2.pdbx_DOI'                
14 4 'Structure model' '_database_2.pdbx_database_accession' 
# 
_pdbx_database_status.status_code                     REL 
_pdbx_database_status.status_code_sf                  REL 
_pdbx_database_status.status_code_mr                  ? 
_pdbx_database_status.entry_id                        6EPT 
_pdbx_database_status.recvd_initial_deposition_date   2017-10-12 
_pdbx_database_status.SG_entry                        N 
_pdbx_database_status.deposit_site                    PDBE 
_pdbx_database_status.process_site                    PDBE 
_pdbx_database_status.status_code_cs                  ? 
_pdbx_database_status.methods_development_category    ? 
_pdbx_database_status.pdb_format_compatible           Y 
_pdbx_database_status.status_code_nmr_data            ? 
# 
loop_
_audit_author.name 
_audit_author.pdbx_ordinal 
_audit_author.identifier_ORCID 
'Sledz, P.'    1 ? 
'Caflisch, A.' 2 ? 
# 
_citation.abstract                  ? 
_citation.abstract_id_CAS           ? 
_citation.book_id_ISBN              ? 
_citation.book_publisher            ? 
_citation.book_publisher_city       ? 
_citation.book_title                ? 
_citation.coordinate_linkage        ? 
_citation.country                   US 
_citation.database_id_Medline       ? 
_citation.details                   ? 
_citation.id                        primary 
_citation.journal_abbrev            'Acs Med.Chem.Lett.' 
_citation.journal_id_ASTM           ? 
_citation.journal_id_CSD            ? 
_citation.journal_id_ISSN           1948-5875 
_citation.journal_full              ? 
_citation.journal_issue             ? 
_citation.journal_volume            11 
_citation.language                  ? 
_citation.page_first                1573 
_citation.page_last                 1580 
_citation.title                     'Hitting a Moving Target: Simulation and Crystallography Study of ATAD2 Bromodomain Blockers.' 
_citation.year                      2020 
_citation.database_id_CSD           ? 
_citation.pdbx_database_id_DOI      10.1021/acsmedchemlett.0c00080 
_citation.pdbx_database_id_PubMed   32832026 
_citation.unpublished_flag          ? 
# 
loop_
_citation_author.citation_id 
_citation_author.name 
_citation_author.ordinal 
_citation_author.identifier_ORCID 
primary 'Dolbois, A.'        1  ? 
primary 'Batiste, L.'        2  ? 
primary 'Wiedmer, L.'        3  ? 
primary 'Dong, J.'           4  ? 
primary 'Brutsch, M.'        5  ? 
primary 'Huang, D.'          6  ? 
primary 'Deerain, N.M.'      7  ? 
primary 'Spiliotopoulos, D.' 8  ? 
primary 'Cheng-Sanchez, I.'  9  ? 
primary 'Laul, E.'           10 ? 
primary 'Nevado, C.'         11 ? 
primary 'Sledz, P.'          12 ? 
primary 'Caflisch, A.'       13 ? 
# 
loop_
_entity.id 
_entity.type 
_entity.src_method 
_entity.pdbx_description 
_entity.formula_weight 
_entity.pdbx_number_of_molecules 
_entity.pdbx_ec 
_entity.pdbx_mutation 
_entity.pdbx_fragment 
_entity.details 
1 polymer     man 'ATPase family AAA domain-containing protein 2'                                               15453.514 1   
3.6.1.3 ? ? ? 
2 non-polymer syn 'SULFATE ION'                                                                                 96.063    1   ? ? 
? ? 
3 non-polymer syn '(2~{R})-~{N}-[5-(5-azanylpyridin-3-yl)-4-ethanoyl-1,3-thiazol-2-yl]piperazine-2-carboxamide' 346.407   1   ? ? 
? ? 
4 non-polymer syn '(2~{S})-~{N}-[5-(5-azanylpyridin-3-yl)-4-ethanoyl-1,3-thiazol-2-yl]piperazine-2-carboxamide' 346.407   1   ? ? 
? ? 
5 water       nat water                                                                                         18.015    131 ? ? 
? ? 
# 
_entity_name_com.entity_id   1 
_entity_name_com.name        'AAA nuclear coregulator cancer-associated protein,ANCCA' 
# 
_entity_poly.entity_id                      1 
_entity_poly.type                           'polypeptide(L)' 
_entity_poly.nstd_linkage                   no 
_entity_poly.nstd_monomer                   no 
_entity_poly.pdbx_seq_one_letter_code       
;SMQEEDTFRELRIFLRNVTHRLAIDKRFRVFTKPVDPDEVPDYVTVIKQPMDLSSVISKIDLHKYLTVKDYLRDIDLICS
NALEYNPDRDPGDRLIRHRACALRDTAYAIIKEELDEDFEQLCEEIQESR
;
_entity_poly.pdbx_seq_one_letter_code_can   
;SMQEEDTFRELRIFLRNVTHRLAIDKRFRVFTKPVDPDEVPDYVTVIKQPMDLSSVISKIDLHKYLTVKDYLRDIDLICS
NALEYNPDRDPGDRLIRHRACALRDTAYAIIKEELDEDFEQLCEEIQESR
;
_entity_poly.pdbx_strand_id                 A 
_entity_poly.pdbx_target_identifier         ? 
# 
loop_
_pdbx_entity_nonpoly.entity_id 
_pdbx_entity_nonpoly.name 
_pdbx_entity_nonpoly.comp_id 
2 'SULFATE ION'                                                                                 SO4 
3 '(2~{R})-~{N}-[5-(5-azanylpyridin-3-yl)-4-ethanoyl-1,3-thiazol-2-yl]piperazine-2-carboxamide' G1E 
4 '(2~{S})-~{N}-[5-(5-azanylpyridin-3-yl)-4-ethanoyl-1,3-thiazol-2-yl]piperazine-2-carboxamide' BQQ 
5 water                                                                                         HOH 
# 
loop_
_entity_poly_seq.entity_id 
_entity_poly_seq.num 
_entity_poly_seq.mon_id 
_entity_poly_seq.hetero 
1 1   SER n 
1 2   MET n 
1 3   GLN n 
1 4   GLU n 
1 5   GLU n 
1 6   ASP n 
1 7   THR n 
1 8   PHE n 
1 9   ARG n 
1 10  GLU n 
1 11  LEU n 
1 12  ARG n 
1 13  ILE n 
1 14  PHE n 
1 15  LEU n 
1 16  ARG n 
1 17  ASN n 
1 18  VAL n 
1 19  THR n 
1 20  HIS n 
1 21  ARG n 
1 22  LEU n 
1 23  ALA n 
1 24  ILE n 
1 25  ASP n 
1 26  LYS n 
1 27  ARG n 
1 28  PHE n 
1 29  ARG n 
1 30  VAL n 
1 31  PHE n 
1 32  THR n 
1 33  LYS n 
1 34  PRO n 
1 35  VAL n 
1 36  ASP n 
1 37  PRO n 
1 38  ASP n 
1 39  GLU n 
1 40  VAL n 
1 41  PRO n 
1 42  ASP n 
1 43  TYR n 
1 44  VAL n 
1 45  THR n 
1 46  VAL n 
1 47  ILE n 
1 48  LYS n 
1 49  GLN n 
1 50  PRO n 
1 51  MET n 
1 52  ASP n 
1 53  LEU n 
1 54  SER n 
1 55  SER n 
1 56  VAL n 
1 57  ILE n 
1 58  SER n 
1 59  LYS n 
1 60  ILE n 
1 61  ASP n 
1 62  LEU n 
1 63  HIS n 
1 64  LYS n 
1 65  TYR n 
1 66  LEU n 
1 67  THR n 
1 68  VAL n 
1 69  LYS n 
1 70  ASP n 
1 71  TYR n 
1 72  LEU n 
1 73  ARG n 
1 74  ASP n 
1 75  ILE n 
1 76  ASP n 
1 77  LEU n 
1 78  ILE n 
1 79  CYS n 
1 80  SER n 
1 81  ASN n 
1 82  ALA n 
1 83  LEU n 
1 84  GLU n 
1 85  TYR n 
1 86  ASN n 
1 87  PRO n 
1 88  ASP n 
1 89  ARG n 
1 90  ASP n 
1 91  PRO n 
1 92  GLY n 
1 93  ASP n 
1 94  ARG n 
1 95  LEU n 
1 96  ILE n 
1 97  ARG n 
1 98  HIS n 
1 99  ARG n 
1 100 ALA n 
1 101 CYS n 
1 102 ALA n 
1 103 LEU n 
1 104 ARG n 
1 105 ASP n 
1 106 THR n 
1 107 ALA n 
1 108 TYR n 
1 109 ALA n 
1 110 ILE n 
1 111 ILE n 
1 112 LYS n 
1 113 GLU n 
1 114 GLU n 
1 115 LEU n 
1 116 ASP n 
1 117 GLU n 
1 118 ASP n 
1 119 PHE n 
1 120 GLU n 
1 121 GLN n 
1 122 LEU n 
1 123 CYS n 
1 124 GLU n 
1 125 GLU n 
1 126 ILE n 
1 127 GLN n 
1 128 GLU n 
1 129 SER n 
1 130 ARG n 
# 
_entity_src_gen.entity_id                          1 
_entity_src_gen.pdbx_src_id                        1 
_entity_src_gen.pdbx_alt_source_flag               sample 
_entity_src_gen.pdbx_seq_type                      'Biological sequence' 
_entity_src_gen.pdbx_beg_seq_num                   1 
_entity_src_gen.pdbx_end_seq_num                   130 
_entity_src_gen.gene_src_common_name               Human 
_entity_src_gen.gene_src_genus                     ? 
_entity_src_gen.pdbx_gene_src_gene                 'ATAD2, L16, PRO2000' 
_entity_src_gen.gene_src_species                   ? 
_entity_src_gen.gene_src_strain                    ? 
_entity_src_gen.gene_src_tissue                    ? 
_entity_src_gen.gene_src_tissue_fraction           ? 
_entity_src_gen.gene_src_details                   ? 
_entity_src_gen.pdbx_gene_src_fragment             ? 
_entity_src_gen.pdbx_gene_src_scientific_name      'Homo sapiens' 
_entity_src_gen.pdbx_gene_src_ncbi_taxonomy_id     9606 
_entity_src_gen.pdbx_gene_src_variant              ? 
_entity_src_gen.pdbx_gene_src_cell_line            ? 
_entity_src_gen.pdbx_gene_src_atcc                 ? 
_entity_src_gen.pdbx_gene_src_organ                ? 
_entity_src_gen.pdbx_gene_src_organelle            ? 
_entity_src_gen.pdbx_gene_src_cell                 ? 
_entity_src_gen.pdbx_gene_src_cellular_location    ? 
_entity_src_gen.host_org_common_name               ? 
_entity_src_gen.pdbx_host_org_scientific_name      'Escherichia coli' 
_entity_src_gen.pdbx_host_org_ncbi_taxonomy_id     562 
_entity_src_gen.host_org_genus                     ? 
_entity_src_gen.pdbx_host_org_gene                 ? 
_entity_src_gen.pdbx_host_org_organ                ? 
_entity_src_gen.host_org_species                   ? 
_entity_src_gen.pdbx_host_org_tissue               ? 
_entity_src_gen.pdbx_host_org_tissue_fraction      ? 
_entity_src_gen.pdbx_host_org_strain               ? 
_entity_src_gen.pdbx_host_org_variant              ? 
_entity_src_gen.pdbx_host_org_cell_line            ? 
_entity_src_gen.pdbx_host_org_atcc                 ? 
_entity_src_gen.pdbx_host_org_culture_collection   ? 
_entity_src_gen.pdbx_host_org_cell                 ? 
_entity_src_gen.pdbx_host_org_organelle            ? 
_entity_src_gen.pdbx_host_org_cellular_location    ? 
_entity_src_gen.pdbx_host_org_vector_type          ? 
_entity_src_gen.pdbx_host_org_vector               ? 
_entity_src_gen.host_org_details                   ? 
_entity_src_gen.expression_system_id               ? 
_entity_src_gen.plasmid_name                       ? 
_entity_src_gen.plasmid_details                    ? 
_entity_src_gen.pdbx_description                   ? 
# 
loop_
_chem_comp.id 
_chem_comp.type 
_chem_comp.mon_nstd_flag 
_chem_comp.name 
_chem_comp.pdbx_synonyms 
_chem_comp.formula 
_chem_comp.formula_weight 
ALA 'L-peptide linking' y ALANINE                                                                                       ? 
'C3 H7 N O2'      89.093  
ARG 'L-peptide linking' y ARGININE                                                                                      ? 
'C6 H15 N4 O2 1'  175.209 
ASN 'L-peptide linking' y ASPARAGINE                                                                                    ? 
'C4 H8 N2 O3'     132.118 
ASP 'L-peptide linking' y 'ASPARTIC ACID'                                                                               ? 
'C4 H7 N O4'      133.103 
BQQ non-polymer         . '(2~{S})-~{N}-[5-(5-azanylpyridin-3-yl)-4-ethanoyl-1,3-thiazol-2-yl]piperazine-2-carboxamide' ? 
'C15 H18 N6 O2 S' 346.407 
CYS 'L-peptide linking' y CYSTEINE                                                                                      ? 
'C3 H7 N O2 S'    121.158 
G1E non-polymer         . '(2~{R})-~{N}-[5-(5-azanylpyridin-3-yl)-4-ethanoyl-1,3-thiazol-2-yl]piperazine-2-carboxamide' ? 
'C15 H18 N6 O2 S' 346.407 
GLN 'L-peptide linking' y GLUTAMINE                                                                                     ? 
'C5 H10 N2 O3'    146.144 
GLU 'L-peptide linking' y 'GLUTAMIC ACID'                                                                               ? 
'C5 H9 N O4'      147.129 
GLY 'peptide linking'   y GLYCINE                                                                                       ? 
'C2 H5 N O2'      75.067  
HIS 'L-peptide linking' y HISTIDINE                                                                                     ? 
'C6 H10 N3 O2 1'  156.162 
HOH non-polymer         . WATER                                                                                         ? 'H2 O' 
18.015  
ILE 'L-peptide linking' y ISOLEUCINE                                                                                    ? 
'C6 H13 N O2'     131.173 
LEU 'L-peptide linking' y LEUCINE                                                                                       ? 
'C6 H13 N O2'     131.173 
LYS 'L-peptide linking' y LYSINE                                                                                        ? 
'C6 H15 N2 O2 1'  147.195 
MET 'L-peptide linking' y METHIONINE                                                                                    ? 
'C5 H11 N O2 S'   149.211 
PHE 'L-peptide linking' y PHENYLALANINE                                                                                 ? 
'C9 H11 N O2'     165.189 
PRO 'L-peptide linking' y PROLINE                                                                                       ? 
'C5 H9 N O2'      115.130 
SER 'L-peptide linking' y SERINE                                                                                        ? 
'C3 H7 N O3'      105.093 
SO4 non-polymer         . 'SULFATE ION'                                                                                 ? 
'O4 S -2'         96.063  
THR 'L-peptide linking' y THREONINE                                                                                     ? 
'C4 H9 N O3'      119.119 
TYR 'L-peptide linking' y TYROSINE                                                                                      ? 
'C9 H11 N O3'     181.189 
VAL 'L-peptide linking' y VALINE                                                                                        ? 
'C5 H11 N O2'     117.146 
# 
loop_
_pdbx_poly_seq_scheme.asym_id 
_pdbx_poly_seq_scheme.entity_id 
_pdbx_poly_seq_scheme.seq_id 
_pdbx_poly_seq_scheme.mon_id 
_pdbx_poly_seq_scheme.ndb_seq_num 
_pdbx_poly_seq_scheme.pdb_seq_num 
_pdbx_poly_seq_scheme.auth_seq_num 
_pdbx_poly_seq_scheme.pdb_mon_id 
_pdbx_poly_seq_scheme.auth_mon_id 
_pdbx_poly_seq_scheme.pdb_strand_id 
_pdbx_poly_seq_scheme.pdb_ins_code 
_pdbx_poly_seq_scheme.hetero 
A 1 1   SER 1   979  979  SER SER A . n 
A 1 2   MET 2   980  980  MET MET A . n 
A 1 3   GLN 3   981  981  GLN GLN A . n 
A 1 4   GLU 4   982  982  GLU GLU A . n 
A 1 5   GLU 5   983  983  GLU GLU A . n 
A 1 6   ASP 6   984  984  ASP ASP A . n 
A 1 7   THR 7   985  985  THR THR A . n 
A 1 8   PHE 8   986  986  PHE PHE A . n 
A 1 9   ARG 9   987  987  ARG ARG A . n 
A 1 10  GLU 10  988  988  GLU GLU A . n 
A 1 11  LEU 11  989  989  LEU LEU A . n 
A 1 12  ARG 12  990  990  ARG ARG A . n 
A 1 13  ILE 13  991  991  ILE ILE A . n 
A 1 14  PHE 14  992  992  PHE PHE A . n 
A 1 15  LEU 15  993  993  LEU LEU A . n 
A 1 16  ARG 16  994  994  ARG ARG A . n 
A 1 17  ASN 17  995  995  ASN ASN A . n 
A 1 18  VAL 18  996  996  VAL VAL A . n 
A 1 19  THR 19  997  997  THR THR A . n 
A 1 20  HIS 20  998  998  HIS HIS A . n 
A 1 21  ARG 21  999  999  ARG ARG A . n 
A 1 22  LEU 22  1000 1000 LEU LEU A . n 
A 1 23  ALA 23  1001 1001 ALA ALA A . n 
A 1 24  ILE 24  1002 1002 ILE ILE A . n 
A 1 25  ASP 25  1003 1003 ASP ASP A . n 
A 1 26  LYS 26  1004 1004 LYS LYS A . n 
A 1 27  ARG 27  1005 1005 ARG ARG A . n 
A 1 28  PHE 28  1006 1006 PHE PHE A . n 
A 1 29  ARG 29  1007 1007 ARG ARG A . n 
A 1 30  VAL 30  1008 1008 VAL VAL A . n 
A 1 31  PHE 31  1009 1009 PHE PHE A . n 
A 1 32  THR 32  1010 1010 THR THR A . n 
A 1 33  LYS 33  1011 1011 LYS LYS A . n 
A 1 34  PRO 34  1012 1012 PRO PRO A . n 
A 1 35  VAL 35  1013 1013 VAL VAL A . n 
A 1 36  ASP 36  1014 1014 ASP ASP A . n 
A 1 37  PRO 37  1015 1015 PRO PRO A . n 
A 1 38  ASP 38  1016 1016 ASP ASP A . n 
A 1 39  GLU 39  1017 1017 GLU GLU A . n 
A 1 40  VAL 40  1018 1018 VAL VAL A . n 
A 1 41  PRO 41  1019 1019 PRO PRO A . n 
A 1 42  ASP 42  1020 1020 ASP ASP A . n 
A 1 43  TYR 43  1021 1021 TYR TYR A . n 
A 1 44  VAL 44  1022 1022 VAL VAL A . n 
A 1 45  THR 45  1023 1023 THR THR A . n 
A 1 46  VAL 46  1024 1024 VAL VAL A . n 
A 1 47  ILE 47  1025 1025 ILE ILE A . n 
A 1 48  LYS 48  1026 1026 LYS LYS A . n 
A 1 49  GLN 49  1027 1027 GLN GLN A . n 
A 1 50  PRO 50  1028 1028 PRO PRO A . n 
A 1 51  MET 51  1029 1029 MET MET A . n 
A 1 52  ASP 52  1030 1030 ASP ASP A . n 
A 1 53  LEU 53  1031 1031 LEU LEU A . n 
A 1 54  SER 54  1032 1032 SER SER A . n 
A 1 55  SER 55  1033 1033 SER SER A . n 
A 1 56  VAL 56  1034 1034 VAL VAL A . n 
A 1 57  ILE 57  1035 1035 ILE ILE A . n 
A 1 58  SER 58  1036 1036 SER SER A . n 
A 1 59  LYS 59  1037 1037 LYS LYS A . n 
A 1 60  ILE 60  1038 1038 ILE ILE A . n 
A 1 61  ASP 61  1039 1039 ASP ASP A . n 
A 1 62  LEU 62  1040 1040 LEU LEU A . n 
A 1 63  HIS 63  1041 1041 HIS HIS A . n 
A 1 64  LYS 64  1042 1042 LYS LYS A . n 
A 1 65  TYR 65  1043 1043 TYR TYR A . n 
A 1 66  LEU 66  1044 1044 LEU LEU A . n 
A 1 67  THR 67  1045 1045 THR THR A . n 
A 1 68  VAL 68  1046 1046 VAL VAL A . n 
A 1 69  LYS 69  1047 1047 LYS LYS A . n 
A 1 70  ASP 70  1048 1048 ASP ASP A . n 
A 1 71  TYR 71  1049 1049 TYR TYR A . n 
A 1 72  LEU 72  1050 1050 LEU LEU A . n 
A 1 73  ARG 73  1051 1051 ARG ARG A . n 
A 1 74  ASP 74  1052 1052 ASP ASP A . n 
A 1 75  ILE 75  1053 1053 ILE ILE A . n 
A 1 76  ASP 76  1054 1054 ASP ASP A . n 
A 1 77  LEU 77  1055 1055 LEU LEU A . n 
A 1 78  ILE 78  1056 1056 ILE ILE A . n 
A 1 79  CYS 79  1057 1057 CYS CYS A . n 
A 1 80  SER 80  1058 1058 SER SER A . n 
A 1 81  ASN 81  1059 1059 ASN ASN A . n 
A 1 82  ALA 82  1060 1060 ALA ALA A . n 
A 1 83  LEU 83  1061 1061 LEU LEU A . n 
A 1 84  GLU 84  1062 1062 GLU GLU A . n 
A 1 85  TYR 85  1063 1063 TYR TYR A . n 
A 1 86  ASN 86  1064 1064 ASN ASN A . n 
A 1 87  PRO 87  1065 1065 PRO PRO A . n 
A 1 88  ASP 88  1066 1066 ASP ASP A . n 
A 1 89  ARG 89  1067 1067 ARG ARG A . n 
A 1 90  ASP 90  1068 1068 ASP ASP A . n 
A 1 91  PRO 91  1069 1069 PRO PRO A . n 
A 1 92  GLY 92  1070 1070 GLY GLY A . n 
A 1 93  ASP 93  1071 1071 ASP ASP A . n 
A 1 94  ARG 94  1072 1072 ARG ARG A . n 
A 1 95  LEU 95  1073 1073 LEU LEU A . n 
A 1 96  ILE 96  1074 1074 ILE ILE A . n 
A 1 97  ARG 97  1075 1075 ARG ARG A . n 
A 1 98  HIS 98  1076 1076 HIS HIS A . n 
A 1 99  ARG 99  1077 1077 ARG ARG A . n 
A 1 100 ALA 100 1078 1078 ALA ALA A . n 
A 1 101 CYS 101 1079 1079 CYS CYS A . n 
A 1 102 ALA 102 1080 1080 ALA ALA A . n 
A 1 103 LEU 103 1081 1081 LEU LEU A . n 
A 1 104 ARG 104 1082 1082 ARG ARG A . n 
A 1 105 ASP 105 1083 1083 ASP ASP A . n 
A 1 106 THR 106 1084 1084 THR THR A . n 
A 1 107 ALA 107 1085 1085 ALA ALA A . n 
A 1 108 TYR 108 1086 1086 TYR TYR A . n 
A 1 109 ALA 109 1087 1087 ALA ALA A . n 
A 1 110 ILE 110 1088 1088 ILE ILE A . n 
A 1 111 ILE 111 1089 1089 ILE ILE A . n 
A 1 112 LYS 112 1090 1090 LYS LYS A . n 
A 1 113 GLU 113 1091 1091 GLU GLU A . n 
A 1 114 GLU 114 1092 1092 GLU GLU A . n 
A 1 115 LEU 115 1093 1093 LEU LEU A . n 
A 1 116 ASP 116 1094 1094 ASP ASP A . n 
A 1 117 GLU 117 1095 1095 GLU GLU A . n 
A 1 118 ASP 118 1096 1096 ASP ASP A . n 
A 1 119 PHE 119 1097 1097 PHE PHE A . n 
A 1 120 GLU 120 1098 1098 GLU GLU A . n 
A 1 121 GLN 121 1099 1099 GLN GLN A . n 
A 1 122 LEU 122 1100 1100 LEU LEU A . n 
A 1 123 CYS 123 1101 1101 CYS CYS A . n 
A 1 124 GLU 124 1102 1102 GLU GLU A . n 
A 1 125 GLU 125 1103 1103 GLU GLU A . n 
A 1 126 ILE 126 1104 1104 ILE ILE A . n 
A 1 127 GLN 127 1105 1105 GLN GLN A . n 
A 1 128 GLU 128 1106 1106 GLU GLU A . n 
A 1 129 SER 129 1107 1107 SER SER A . n 
A 1 130 ARG 130 1108 1108 ARG ARG A . n 
# 
loop_
_pdbx_nonpoly_scheme.asym_id 
_pdbx_nonpoly_scheme.entity_id 
_pdbx_nonpoly_scheme.mon_id 
_pdbx_nonpoly_scheme.ndb_seq_num 
_pdbx_nonpoly_scheme.pdb_seq_num 
_pdbx_nonpoly_scheme.auth_seq_num 
_pdbx_nonpoly_scheme.pdb_mon_id 
_pdbx_nonpoly_scheme.auth_mon_id 
_pdbx_nonpoly_scheme.pdb_strand_id 
_pdbx_nonpoly_scheme.pdb_ins_code 
B 2 SO4 1   1201 1   SO4 SO4 A . 
C 3 G1E 1   1202 1   G1E DRG A . 
D 4 BQQ 1   1203 2   BQQ DRG A . 
E 5 HOH 1   1301 128 HOH HOH A . 
E 5 HOH 2   1302 113 HOH HOH A . 
E 5 HOH 3   1303 135 HOH HOH A . 
E 5 HOH 4   1304 87  HOH HOH A . 
E 5 HOH 5   1305 97  HOH HOH A . 
E 5 HOH 6   1306 26  HOH HOH A . 
E 5 HOH 7   1307 109 HOH HOH A . 
E 5 HOH 8   1308 77  HOH HOH A . 
E 5 HOH 9   1309 52  HOH HOH A . 
E 5 HOH 10  1310 63  HOH HOH A . 
E 5 HOH 11  1311 88  HOH HOH A . 
E 5 HOH 12  1312 84  HOH HOH A . 
E 5 HOH 13  1313 59  HOH HOH A . 
E 5 HOH 14  1314 7   HOH HOH A . 
E 5 HOH 15  1315 24  HOH HOH A . 
E 5 HOH 16  1316 22  HOH HOH A . 
E 5 HOH 17  1317 66  HOH HOH A . 
E 5 HOH 18  1318 31  HOH HOH A . 
E 5 HOH 19  1319 124 HOH HOH A . 
E 5 HOH 20  1320 28  HOH HOH A . 
E 5 HOH 21  1321 16  HOH HOH A . 
E 5 HOH 22  1322 81  HOH HOH A . 
E 5 HOH 23  1323 102 HOH HOH A . 
E 5 HOH 24  1324 79  HOH HOH A . 
E 5 HOH 25  1325 9   HOH HOH A . 
E 5 HOH 26  1326 68  HOH HOH A . 
E 5 HOH 27  1327 82  HOH HOH A . 
E 5 HOH 28  1328 45  HOH HOH A . 
E 5 HOH 29  1329 23  HOH HOH A . 
E 5 HOH 30  1330 1   HOH HOH A . 
E 5 HOH 31  1331 8   HOH HOH A . 
E 5 HOH 32  1332 73  HOH HOH A . 
E 5 HOH 33  1333 30  HOH HOH A . 
E 5 HOH 34  1334 10  HOH HOH A . 
E 5 HOH 35  1335 99  HOH HOH A . 
E 5 HOH 36  1336 48  HOH HOH A . 
E 5 HOH 37  1337 3   HOH HOH A . 
E 5 HOH 38  1338 46  HOH HOH A . 
E 5 HOH 39  1339 132 HOH HOH A . 
E 5 HOH 40  1340 38  HOH HOH A . 
E 5 HOH 41  1341 57  HOH HOH A . 
E 5 HOH 42  1342 86  HOH HOH A . 
E 5 HOH 43  1343 44  HOH HOH A . 
E 5 HOH 44  1344 25  HOH HOH A . 
E 5 HOH 45  1345 37  HOH HOH A . 
E 5 HOH 46  1346 114 HOH HOH A . 
E 5 HOH 47  1347 17  HOH HOH A . 
E 5 HOH 48  1348 29  HOH HOH A . 
E 5 HOH 49  1349 70  HOH HOH A . 
E 5 HOH 50  1350 133 HOH HOH A . 
E 5 HOH 51  1351 80  HOH HOH A . 
E 5 HOH 52  1352 85  HOH HOH A . 
E 5 HOH 53  1353 56  HOH HOH A . 
E 5 HOH 54  1354 32  HOH HOH A . 
E 5 HOH 55  1355 74  HOH HOH A . 
E 5 HOH 56  1356 100 HOH HOH A . 
E 5 HOH 57  1357 92  HOH HOH A . 
E 5 HOH 58  1358 39  HOH HOH A . 
E 5 HOH 59  1359 19  HOH HOH A . 
E 5 HOH 60  1360 129 HOH HOH A . 
E 5 HOH 61  1361 54  HOH HOH A . 
E 5 HOH 62  1362 4   HOH HOH A . 
E 5 HOH 63  1363 21  HOH HOH A . 
E 5 HOH 64  1364 64  HOH HOH A . 
E 5 HOH 65  1365 103 HOH HOH A . 
E 5 HOH 66  1366 62  HOH HOH A . 
E 5 HOH 67  1367 14  HOH HOH A . 
E 5 HOH 68  1368 95  HOH HOH A . 
E 5 HOH 69  1369 75  HOH HOH A . 
E 5 HOH 70  1370 76  HOH HOH A . 
E 5 HOH 71  1371 98  HOH HOH A . 
E 5 HOH 72  1372 6   HOH HOH A . 
E 5 HOH 73  1373 15  HOH HOH A . 
E 5 HOH 74  1374 50  HOH HOH A . 
E 5 HOH 75  1375 33  HOH HOH A . 
E 5 HOH 76  1376 49  HOH HOH A . 
E 5 HOH 77  1377 12  HOH HOH A . 
E 5 HOH 78  1378 61  HOH HOH A . 
E 5 HOH 79  1379 11  HOH HOH A . 
E 5 HOH 80  1380 2   HOH HOH A . 
E 5 HOH 81  1381 27  HOH HOH A . 
E 5 HOH 82  1382 51  HOH HOH A . 
E 5 HOH 83  1383 112 HOH HOH A . 
E 5 HOH 84  1384 71  HOH HOH A . 
E 5 HOH 85  1385 65  HOH HOH A . 
E 5 HOH 86  1386 101 HOH HOH A . 
E 5 HOH 87  1387 78  HOH HOH A . 
E 5 HOH 88  1388 13  HOH HOH A . 
E 5 HOH 89  1389 55  HOH HOH A . 
E 5 HOH 90  1390 20  HOH HOH A . 
E 5 HOH 91  1391 41  HOH HOH A . 
E 5 HOH 92  1392 90  HOH HOH A . 
E 5 HOH 93  1393 5   HOH HOH A . 
E 5 HOH 94  1394 91  HOH HOH A . 
E 5 HOH 95  1395 127 HOH HOH A . 
E 5 HOH 96  1396 34  HOH HOH A . 
E 5 HOH 97  1397 58  HOH HOH A . 
E 5 HOH 98  1398 96  HOH HOH A . 
E 5 HOH 99  1399 105 HOH HOH A . 
E 5 HOH 100 1400 118 HOH HOH A . 
E 5 HOH 101 1401 110 HOH HOH A . 
E 5 HOH 102 1402 35  HOH HOH A . 
E 5 HOH 103 1403 67  HOH HOH A . 
E 5 HOH 104 1404 40  HOH HOH A . 
E 5 HOH 105 1405 93  HOH HOH A . 
E 5 HOH 106 1406 43  HOH HOH A . 
E 5 HOH 107 1407 36  HOH HOH A . 
E 5 HOH 108 1408 134 HOH HOH A . 
E 5 HOH 109 1409 104 HOH HOH A . 
E 5 HOH 110 1410 53  HOH HOH A . 
E 5 HOH 111 1411 18  HOH HOH A . 
E 5 HOH 112 1412 106 HOH HOH A . 
E 5 HOH 113 1413 123 HOH HOH A . 
E 5 HOH 114 1414 116 HOH HOH A . 
E 5 HOH 115 1415 119 HOH HOH A . 
E 5 HOH 116 1416 121 HOH HOH A . 
E 5 HOH 117 1417 94  HOH HOH A . 
E 5 HOH 118 1418 47  HOH HOH A . 
E 5 HOH 119 1419 69  HOH HOH A . 
E 5 HOH 120 1420 89  HOH HOH A . 
E 5 HOH 121 1421 131 HOH HOH A . 
E 5 HOH 122 1422 117 HOH HOH A . 
E 5 HOH 123 1423 122 HOH HOH A . 
E 5 HOH 124 1424 42  HOH HOH A . 
E 5 HOH 125 1425 107 HOH HOH A . 
E 5 HOH 126 1426 115 HOH HOH A . 
E 5 HOH 127 1427 130 HOH HOH A . 
E 5 HOH 128 1428 120 HOH HOH A . 
E 5 HOH 129 1429 108 HOH HOH A . 
E 5 HOH 130 1430 60  HOH HOH A . 
E 5 HOH 131 1431 72  HOH HOH A . 
# 
loop_
_pdbx_unobs_or_zero_occ_atoms.id 
_pdbx_unobs_or_zero_occ_atoms.PDB_model_num 
_pdbx_unobs_or_zero_occ_atoms.polymer_flag 
_pdbx_unobs_or_zero_occ_atoms.occupancy_flag 
_pdbx_unobs_or_zero_occ_atoms.auth_asym_id 
_pdbx_unobs_or_zero_occ_atoms.auth_comp_id 
_pdbx_unobs_or_zero_occ_atoms.auth_seq_id 
_pdbx_unobs_or_zero_occ_atoms.PDB_ins_code 
_pdbx_unobs_or_zero_occ_atoms.auth_atom_id 
_pdbx_unobs_or_zero_occ_atoms.label_alt_id 
_pdbx_unobs_or_zero_occ_atoms.label_asym_id 
_pdbx_unobs_or_zero_occ_atoms.label_comp_id 
_pdbx_unobs_or_zero_occ_atoms.label_seq_id 
_pdbx_unobs_or_zero_occ_atoms.label_atom_id 
1  1 Y 1 A MET 980  ? CG  ? A MET 2  CG  
2  1 Y 1 A MET 980  ? SD  ? A MET 2  SD  
3  1 Y 1 A MET 980  ? CE  ? A MET 2  CE  
4  1 Y 1 A LYS 1004 ? CD  ? A LYS 26 CD  
5  1 Y 1 A LYS 1004 ? CE  ? A LYS 26 CE  
6  1 Y 1 A LYS 1004 ? NZ  ? A LYS 26 NZ  
7  1 Y 1 A LYS 1011 ? CE  ? A LYS 33 CE  
8  1 Y 1 A LYS 1011 ? NZ  ? A LYS 33 NZ  
9  1 Y 1 A ASP 1016 ? CG  ? A ASP 38 CG  
10 1 Y 1 A ASP 1016 ? OD1 ? A ASP 38 OD1 
11 1 Y 1 A ASP 1016 ? OD2 ? A ASP 38 OD2 
12 1 Y 1 A GLU 1017 ? CG  ? A GLU 39 CG  
13 1 Y 1 A GLU 1017 ? CD  ? A GLU 39 CD  
14 1 Y 1 A GLU 1017 ? OE1 ? A GLU 39 OE1 
15 1 Y 1 A GLU 1017 ? OE2 ? A GLU 39 OE2 
16 1 Y 1 A LYS 1047 ? CE  ? A LYS 69 CE  
17 1 Y 1 A LYS 1047 ? NZ  ? A LYS 69 NZ  
# 
loop_
_software.citation_id 
_software.classification 
_software.compiler_name 
_software.compiler_version 
_software.contact_author 
_software.contact_author_email 
_software.date 
_software.description 
_software.dependencies 
_software.hardware 
_software.language 
_software.location 
_software.mods 
_software.name 
_software.os 
_software.os_version 
_software.type 
_software.version 
_software.pdbx_ordinal 
? refinement       ? ? ? ? ? ? ? ? ? ? ? PHENIX ? ? ? '(1.12_2829: ???)' 1 
? 'data reduction' ? ? ? ? ? ? ? ? ? ? ? XDS    ? ? ? .                  2 
? phasing          ? ? ? ? ? ? ? ? ? ? ? PHASER ? ? ? .                  3 
? 'data scaling'   ? ? ? ? ? ? ? ? ? ? ? XDS    ? ? ? .                  4 
# 
_cell.angle_alpha                  90.00 
_cell.angle_alpha_esd              ? 
_cell.angle_beta                   90.00 
_cell.angle_beta_esd               ? 
_cell.angle_gamma                  120.00 
_cell.angle_gamma_esd              ? 
_cell.entry_id                     6EPT 
_cell.details                      ? 
_cell.formula_units_Z              ? 
_cell.length_a                     79.740 
_cell.length_a_esd                 ? 
_cell.length_b                     79.740 
_cell.length_b_esd                 ? 
_cell.length_c                     139.211 
_cell.length_c_esd                 ? 
_cell.volume                       ? 
_cell.volume_esd                   ? 
_cell.Z_PDB                        12 
_cell.reciprocal_angle_alpha       ? 
_cell.reciprocal_angle_beta        ? 
_cell.reciprocal_angle_gamma       ? 
_cell.reciprocal_angle_alpha_esd   ? 
_cell.reciprocal_angle_beta_esd    ? 
_cell.reciprocal_angle_gamma_esd   ? 
_cell.reciprocal_length_a          ? 
_cell.reciprocal_length_b          ? 
_cell.reciprocal_length_c          ? 
_cell.reciprocal_length_a_esd      ? 
_cell.reciprocal_length_b_esd      ? 
_cell.reciprocal_length_c_esd      ? 
_cell.pdbx_unique_axis             ? 
# 
_symmetry.entry_id                         6EPT 
_symmetry.cell_setting                     ? 
_symmetry.Int_Tables_number                179 
_symmetry.space_group_name_Hall            ? 
_symmetry.space_group_name_H-M             'P 65 2 2' 
_symmetry.pdbx_full_space_group_name_H-M   ? 
# 
_exptl.absorpt_coefficient_mu     ? 
_exptl.absorpt_correction_T_max   ? 
_exptl.absorpt_correction_T_min   ? 
_exptl.absorpt_correction_type    ? 
_exptl.absorpt_process_details    ? 
_exptl.entry_id                   6EPT 
_exptl.crystals_number            1 
_exptl.details                    ? 
_exptl.method                     'X-RAY DIFFRACTION' 
_exptl.method_details             ? 
# 
_exptl_crystal.colour                      ? 
_exptl_crystal.density_diffrn              ? 
_exptl_crystal.density_Matthews            4.13 
_exptl_crystal.density_method              ? 
_exptl_crystal.density_percent_sol         70.25 
_exptl_crystal.description                 ? 
_exptl_crystal.F_000                       ? 
_exptl_crystal.id                          1 
_exptl_crystal.preparation                 ? 
_exptl_crystal.size_max                    ? 
_exptl_crystal.size_mid                    ? 
_exptl_crystal.size_min                    ? 
_exptl_crystal.size_rad                    ? 
_exptl_crystal.colour_lustre               ? 
_exptl_crystal.colour_modifier             ? 
_exptl_crystal.colour_primary              ? 
_exptl_crystal.density_meas                ? 
_exptl_crystal.density_meas_esd            ? 
_exptl_crystal.density_meas_gt             ? 
_exptl_crystal.density_meas_lt             ? 
_exptl_crystal.density_meas_temp           ? 
_exptl_crystal.density_meas_temp_esd       ? 
_exptl_crystal.density_meas_temp_gt        ? 
_exptl_crystal.density_meas_temp_lt        ? 
_exptl_crystal.pdbx_crystal_image_url      ? 
_exptl_crystal.pdbx_crystal_image_format   ? 
_exptl_crystal.pdbx_mosaicity              ? 
_exptl_crystal.pdbx_mosaicity_esd          ? 
# 
_exptl_crystal_grow.apparatus       ? 
_exptl_crystal_grow.atmosphere      ? 
_exptl_crystal_grow.crystal_id      1 
_exptl_crystal_grow.details         ? 
_exptl_crystal_grow.method          'VAPOR DIFFUSION, HANGING DROP' 
_exptl_crystal_grow.method_ref      ? 
_exptl_crystal_grow.pH              5.5 
_exptl_crystal_grow.pressure        ? 
_exptl_crystal_grow.pressure_esd    ? 
_exptl_crystal_grow.seeding         ? 
_exptl_crystal_grow.seeding_ref     ? 
_exptl_crystal_grow.temp            277 
_exptl_crystal_grow.temp_details    ? 
_exptl_crystal_grow.temp_esd        ? 
_exptl_crystal_grow.time            ? 
_exptl_crystal_grow.pdbx_details    '2M ammonium sulfate, 0.1M Bis-Tris pH 5.5' 
_exptl_crystal_grow.pdbx_pH_range   ? 
# 
_diffrn.ambient_environment    ? 
_diffrn.ambient_temp           100 
_diffrn.ambient_temp_details   ? 
_diffrn.ambient_temp_esd       ? 
_diffrn.crystal_id             1 
_diffrn.crystal_support        ? 
_diffrn.crystal_treatment      ? 
_diffrn.details                ? 
_diffrn.id                     1 
_diffrn.ambient_pressure       ? 
_diffrn.ambient_pressure_esd   ? 
_diffrn.ambient_pressure_gt    ? 
_diffrn.ambient_pressure_lt    ? 
_diffrn.ambient_temp_gt        ? 
_diffrn.ambient_temp_lt        ? 
# 
_diffrn_detector.details                      ? 
_diffrn_detector.detector                     PIXEL 
_diffrn_detector.diffrn_id                    1 
_diffrn_detector.type                         'DECTRIS EIGER X 16M' 
_diffrn_detector.area_resol_mean              ? 
_diffrn_detector.dtime                        ? 
_diffrn_detector.pdbx_frames_total            ? 
_diffrn_detector.pdbx_collection_time_total   ? 
_diffrn_detector.pdbx_collection_date         2017-02-08 
# 
_diffrn_radiation.collimation                      ? 
_diffrn_radiation.diffrn_id                        1 
_diffrn_radiation.filter_edge                      ? 
_diffrn_radiation.inhomogeneity                    ? 
_diffrn_radiation.monochromator                    ? 
_diffrn_radiation.polarisn_norm                    ? 
_diffrn_radiation.polarisn_ratio                   ? 
_diffrn_radiation.probe                            ? 
_diffrn_radiation.type                             ? 
_diffrn_radiation.xray_symbol                      ? 
_diffrn_radiation.wavelength_id                    1 
_diffrn_radiation.pdbx_monochromatic_or_laue_m_l   M 
_diffrn_radiation.pdbx_wavelength_list             ? 
_diffrn_radiation.pdbx_wavelength                  ? 
_diffrn_radiation.pdbx_diffrn_protocol             'SINGLE WAVELENGTH' 
_diffrn_radiation.pdbx_analyzer                    ? 
_diffrn_radiation.pdbx_scattering_type             x-ray 
# 
_diffrn_radiation_wavelength.id           1 
_diffrn_radiation_wavelength.wavelength   1.000000 
_diffrn_radiation_wavelength.wt           1.0 
# 
_diffrn_source.current                     ? 
_diffrn_source.details                     ? 
_diffrn_source.diffrn_id                   1 
_diffrn_source.power                       ? 
_diffrn_source.size                        ? 
_diffrn_source.source                      SYNCHROTRON 
_diffrn_source.target                      ? 
_diffrn_source.type                        'SLS BEAMLINE X06SA' 
_diffrn_source.voltage                     ? 
_diffrn_source.take-off_angle              ? 
_diffrn_source.pdbx_wavelength_list        1.000000 
_diffrn_source.pdbx_wavelength             ? 
_diffrn_source.pdbx_synchrotron_beamline   X06SA 
_diffrn_source.pdbx_synchrotron_site       SLS 
# 
_reflns.B_iso_Wilson_estimate            ? 
_reflns.entry_id                         6EPT 
_reflns.data_reduction_details           ? 
_reflns.data_reduction_method            ? 
_reflns.d_resolution_high                1.65 
_reflns.d_resolution_low                 49.023 
_reflns.details                          ? 
_reflns.limit_h_max                      ? 
_reflns.limit_h_min                      ? 
_reflns.limit_k_max                      ? 
_reflns.limit_k_min                      ? 
_reflns.limit_l_max                      ? 
_reflns.limit_l_min                      ? 
_reflns.number_all                       ? 
_reflns.number_obs                       59426 
_reflns.observed_criterion               ? 
_reflns.observed_criterion_F_max         ? 
_reflns.observed_criterion_F_min         ? 
_reflns.observed_criterion_I_max         ? 
_reflns.observed_criterion_I_min         ? 
_reflns.observed_criterion_sigma_F       ? 
_reflns.observed_criterion_sigma_I       ? 
_reflns.percent_possible_obs             99.6 
_reflns.R_free_details                   ? 
_reflns.Rmerge_F_all                     ? 
_reflns.Rmerge_F_obs                     ? 
_reflns.Friedel_coverage                 ? 
_reflns.number_gt                        ? 
_reflns.threshold_expression             ? 
_reflns.pdbx_redundancy                  6.07 
_reflns.pdbx_Rmerge_I_obs                ? 
_reflns.pdbx_Rmerge_I_all                ? 
_reflns.pdbx_Rsym_value                  ? 
_reflns.pdbx_netI_over_av_sigmaI         ? 
_reflns.pdbx_netI_over_sigmaI            21.33 
_reflns.pdbx_res_netI_over_av_sigmaI_2   ? 
_reflns.pdbx_res_netI_over_sigmaI_2      ? 
_reflns.pdbx_chi_squared                 ? 
_reflns.pdbx_scaling_rejects             ? 
_reflns.pdbx_d_res_high_opt              ? 
_reflns.pdbx_d_res_low_opt               ? 
_reflns.pdbx_d_res_opt_method            ? 
_reflns.phase_calculation_details        ? 
_reflns.pdbx_Rrim_I_all                  0.044 
_reflns.pdbx_Rpim_I_all                  ? 
_reflns.pdbx_d_opt                       ? 
_reflns.pdbx_number_measured_all         ? 
_reflns.pdbx_diffrn_id                   1 
_reflns.pdbx_ordinal                     1 
_reflns.pdbx_CC_half                     1 
_reflns.pdbx_R_split                     ? 
# 
_reflns_shell.d_res_high                  1.65 
_reflns_shell.d_res_low                   1.75 
_reflns_shell.meanI_over_sigI_all         ? 
_reflns_shell.meanI_over_sigI_obs         1.17 
_reflns_shell.number_measured_all         ? 
_reflns_shell.number_measured_obs         ? 
_reflns_shell.number_possible             ? 
_reflns_shell.number_unique_all           ? 
_reflns_shell.number_unique_obs           9409 
_reflns_shell.percent_possible_all        97.7 
_reflns_shell.percent_possible_obs        ? 
_reflns_shell.Rmerge_F_all                ? 
_reflns_shell.Rmerge_F_obs                ? 
_reflns_shell.Rmerge_I_all                ? 
_reflns_shell.Rmerge_I_obs                ? 
_reflns_shell.meanI_over_sigI_gt          ? 
_reflns_shell.meanI_over_uI_all           ? 
_reflns_shell.meanI_over_uI_gt            ? 
_reflns_shell.number_measured_gt          ? 
_reflns_shell.number_unique_gt            ? 
_reflns_shell.percent_possible_gt         ? 
_reflns_shell.Rmerge_F_gt                 ? 
_reflns_shell.Rmerge_I_gt                 ? 
_reflns_shell.pdbx_redundancy             3.22 
_reflns_shell.pdbx_Rsym_value             ? 
_reflns_shell.pdbx_chi_squared            ? 
_reflns_shell.pdbx_netI_over_sigmaI_all   ? 
_reflns_shell.pdbx_netI_over_sigmaI_obs   ? 
_reflns_shell.pdbx_Rrim_I_all             0.044 
_reflns_shell.pdbx_Rpim_I_all             ? 
_reflns_shell.pdbx_rejects                ? 
_reflns_shell.pdbx_ordinal                1 
_reflns_shell.pdbx_diffrn_id              1 
_reflns_shell.pdbx_CC_half                0.645 
_reflns_shell.pdbx_R_split                ? 
# 
_refine.aniso_B[1][1]                            ? 
_refine.aniso_B[1][2]                            ? 
_refine.aniso_B[1][3]                            ? 
_refine.aniso_B[2][2]                            ? 
_refine.aniso_B[2][3]                            ? 
_refine.aniso_B[3][3]                            ? 
_refine.B_iso_max                                ? 
_refine.B_iso_mean                               ? 
_refine.B_iso_min                                ? 
_refine.correlation_coeff_Fo_to_Fc               ? 
_refine.correlation_coeff_Fo_to_Fc_free          ? 
_refine.details                                  ? 
_refine.diff_density_max                         ? 
_refine.diff_density_max_esd                     ? 
_refine.diff_density_min                         ? 
_refine.diff_density_min_esd                     ? 
_refine.diff_density_rms                         ? 
_refine.diff_density_rms_esd                     ? 
_refine.entry_id                                 6EPT 
_refine.pdbx_refine_id                           'X-RAY DIFFRACTION' 
_refine.ls_abs_structure_details                 ? 
_refine.ls_abs_structure_Flack                   ? 
_refine.ls_abs_structure_Flack_esd               ? 
_refine.ls_abs_structure_Rogers                  ? 
_refine.ls_abs_structure_Rogers_esd              ? 
_refine.ls_d_res_high                            1.650 
_refine.ls_d_res_low                             49.023 
_refine.ls_extinction_coef                       ? 
_refine.ls_extinction_coef_esd                   ? 
_refine.ls_extinction_expression                 ? 
_refine.ls_extinction_method                     ? 
_refine.ls_goodness_of_fit_all                   ? 
_refine.ls_goodness_of_fit_all_esd               ? 
_refine.ls_goodness_of_fit_obs                   ? 
_refine.ls_goodness_of_fit_obs_esd               ? 
_refine.ls_hydrogen_treatment                    ? 
_refine.ls_matrix_type                           ? 
_refine.ls_number_constraints                    ? 
_refine.ls_number_parameters                     ? 
_refine.ls_number_reflns_all                     ? 
_refine.ls_number_reflns_obs                     32137 
_refine.ls_number_reflns_R_free                  2000 
_refine.ls_number_reflns_R_work                  ? 
_refine.ls_number_restraints                     ? 
_refine.ls_percent_reflns_obs                    99.76 
_refine.ls_percent_reflns_R_free                 6.22 
_refine.ls_R_factor_all                          ? 
_refine.ls_R_factor_obs                          0.2033 
_refine.ls_R_factor_R_free                       0.2262 
_refine.ls_R_factor_R_free_error                 ? 
_refine.ls_R_factor_R_free_error_details         ? 
_refine.ls_R_factor_R_work                       0.2018 
_refine.ls_R_Fsqd_factor_obs                     ? 
_refine.ls_R_I_factor_obs                        ? 
_refine.ls_redundancy_reflns_all                 ? 
_refine.ls_redundancy_reflns_obs                 ? 
_refine.ls_restrained_S_all                      ? 
_refine.ls_restrained_S_obs                      ? 
_refine.ls_shift_over_esd_max                    ? 
_refine.ls_shift_over_esd_mean                   ? 
_refine.ls_structure_factor_coef                 ? 
_refine.ls_weighting_details                     ? 
_refine.ls_weighting_scheme                      ? 
_refine.ls_wR_factor_all                         ? 
_refine.ls_wR_factor_obs                         ? 
_refine.ls_wR_factor_R_free                      ? 
_refine.ls_wR_factor_R_work                      ? 
_refine.occupancy_max                            ? 
_refine.occupancy_min                            ? 
_refine.solvent_model_details                    ? 
_refine.solvent_model_param_bsol                 ? 
_refine.solvent_model_param_ksol                 ? 
_refine.ls_R_factor_gt                           ? 
_refine.ls_goodness_of_fit_gt                    ? 
_refine.ls_goodness_of_fit_ref                   ? 
_refine.ls_shift_over_su_max                     ? 
_refine.ls_shift_over_su_max_lt                  ? 
_refine.ls_shift_over_su_mean                    ? 
_refine.ls_shift_over_su_mean_lt                 ? 
_refine.pdbx_ls_sigma_I                          ? 
_refine.pdbx_ls_sigma_F                          1.37 
_refine.pdbx_ls_sigma_Fsqd                       ? 
_refine.pdbx_data_cutoff_high_absF               ? 
_refine.pdbx_data_cutoff_high_rms_absF           ? 
_refine.pdbx_data_cutoff_low_absF                ? 
_refine.pdbx_isotropic_thermal_model             ? 
_refine.pdbx_ls_cross_valid_method               'FREE R-VALUE' 
_refine.pdbx_method_to_determine_struct          'MOLECULAR REPLACEMENT' 
_refine.pdbx_starting_model                      5F36 
_refine.pdbx_stereochemistry_target_values       ? 
_refine.pdbx_R_Free_selection_details            ? 
_refine.pdbx_stereochem_target_val_spec_case     ? 
_refine.pdbx_overall_ESU_R                       ? 
_refine.pdbx_overall_ESU_R_Free                  ? 
_refine.pdbx_solvent_vdw_probe_radii             1.11 
_refine.pdbx_solvent_ion_probe_radii             ? 
_refine.pdbx_solvent_shrinkage_radii             0.90 
_refine.pdbx_real_space_R                        ? 
_refine.pdbx_density_correlation                 ? 
_refine.pdbx_pd_number_of_powder_patterns        ? 
_refine.pdbx_pd_number_of_points                 ? 
_refine.pdbx_pd_meas_number_of_points            ? 
_refine.pdbx_pd_proc_ls_prof_R_factor            ? 
_refine.pdbx_pd_proc_ls_prof_wR_factor           ? 
_refine.pdbx_pd_Marquardt_correlation_coeff      ? 
_refine.pdbx_pd_Fsqrd_R_factor                   ? 
_refine.pdbx_pd_ls_matrix_band_width             ? 
_refine.pdbx_overall_phase_error                 21.22 
_refine.pdbx_overall_SU_R_free_Cruickshank_DPI   ? 
_refine.pdbx_overall_SU_R_free_Blow_DPI          ? 
_refine.pdbx_overall_SU_R_Blow_DPI               ? 
_refine.pdbx_TLS_residual_ADP_flag               ? 
_refine.pdbx_diffrn_id                           1 
_refine.overall_SU_B                             ? 
_refine.overall_SU_ML                            0.21 
_refine.overall_SU_R_Cruickshank_DPI             ? 
_refine.overall_SU_R_free                        ? 
_refine.overall_FOM_free_R_set                   ? 
_refine.overall_FOM_work_R_set                   ? 
_refine.pdbx_average_fsc_overall                 ? 
_refine.pdbx_average_fsc_work                    ? 
_refine.pdbx_average_fsc_free                    ? 
# 
_refine_hist.pdbx_refine_id                   'X-RAY DIFFRACTION' 
_refine_hist.cycle_id                         LAST 
_refine_hist.pdbx_number_atoms_protein        1067 
_refine_hist.pdbx_number_atoms_nucleic_acid   0 
_refine_hist.pdbx_number_atoms_ligand         53 
_refine_hist.number_atoms_solvent             131 
_refine_hist.number_atoms_total               1251 
_refine_hist.d_res_high                       1.650 
_refine_hist.d_res_low                        49.023 
# 
loop_
_refine_ls_restr.pdbx_refine_id 
_refine_ls_restr.criterion 
_refine_ls_restr.dev_ideal 
_refine_ls_restr.dev_ideal_target 
_refine_ls_restr.number 
_refine_ls_restr.rejects 
_refine_ls_restr.type 
_refine_ls_restr.weight 
_refine_ls_restr.pdbx_restraint_function 
'X-RAY DIFFRACTION' ? 0.007 ? 1171 ? f_bond_d           ? ? 
'X-RAY DIFFRACTION' ? 1.750 ? 1593 ? f_angle_d          ? ? 
'X-RAY DIFFRACTION' ? 9.403 ? 1015 ? f_dihedral_angle_d ? ? 
'X-RAY DIFFRACTION' ? 0.277 ? 174  ? f_chiral_restr     ? ? 
'X-RAY DIFFRACTION' ? 0.004 ? 209  ? f_plane_restr      ? ? 
# 
loop_
_refine_ls_shell.pdbx_refine_id 
_refine_ls_shell.d_res_high 
_refine_ls_shell.d_res_low 
_refine_ls_shell.number_reflns_all 
_refine_ls_shell.number_reflns_obs 
_refine_ls_shell.number_reflns_R_free 
_refine_ls_shell.number_reflns_R_work 
_refine_ls_shell.percent_reflns_obs 
_refine_ls_shell.percent_reflns_R_free 
_refine_ls_shell.R_factor_all 
_refine_ls_shell.R_factor_obs 
_refine_ls_shell.R_factor_R_free 
_refine_ls_shell.R_factor_R_free_error 
_refine_ls_shell.R_factor_R_work 
_refine_ls_shell.redundancy_reflns_all 
_refine_ls_shell.redundancy_reflns_obs 
_refine_ls_shell.wR_factor_all 
_refine_ls_shell.wR_factor_obs 
_refine_ls_shell.wR_factor_R_free 
_refine_ls_shell.wR_factor_R_work 
_refine_ls_shell.pdbx_total_number_of_bins_used 
_refine_ls_shell.pdbx_phase_error 
_refine_ls_shell.pdbx_fsc_work 
_refine_ls_shell.pdbx_fsc_free 
'X-RAY DIFFRACTION' 1.6502 1.6915  . . 137 2059 97.00  . . . 0.3022 . 0.3017 . . . . . . . . . . 
'X-RAY DIFFRACTION' 1.6915 1.7372  . . 139 2099 100.00 . . . 0.2970 . 0.2698 . . . . . . . . . . 
'X-RAY DIFFRACTION' 1.7372 1.7883  . . 141 2108 100.00 . . . 0.2750 . 0.2604 . . . . . . . . . . 
'X-RAY DIFFRACTION' 1.7883 1.8461  . . 139 2113 100.00 . . . 0.2577 . 0.2190 . . . . . . . . . . 
'X-RAY DIFFRACTION' 1.8461 1.9121  . . 141 2120 100.00 . . . 0.2277 . 0.2167 . . . . . . . . . . 
'X-RAY DIFFRACTION' 1.9121 1.9886  . . 141 2123 100.00 . . . 0.2430 . 0.2226 . . . . . . . . . . 
'X-RAY DIFFRACTION' 1.9886 2.0791  . . 140 2120 100.00 . . . 0.2570 . 0.2186 . . . . . . . . . . 
'X-RAY DIFFRACTION' 2.0791 2.1887  . . 142 2136 100.00 . . . 0.2260 . 0.2008 . . . . . . . . . . 
'X-RAY DIFFRACTION' 2.1887 2.3259  . . 143 2155 100.00 . . . 0.2451 . 0.2071 . . . . . . . . . . 
'X-RAY DIFFRACTION' 2.3259 2.5054  . . 143 2145 100.00 . . . 0.1997 . 0.2056 . . . . . . . . . . 
'X-RAY DIFFRACTION' 2.5054 2.7576  . . 144 2173 100.00 . . . 0.2422 . 0.2157 . . . . . . . . . . 
'X-RAY DIFFRACTION' 2.7576 3.1565  . . 145 2190 100.00 . . . 0.2455 . 0.2065 . . . . . . . . . . 
'X-RAY DIFFRACTION' 3.1565 3.9766  . . 147 2217 100.00 . . . 0.2303 . 0.1858 . . . . . . . . . . 
'X-RAY DIFFRACTION' 3.9766 49.0450 . . 158 2379 100.00 . . . 0.1908 . 0.1846 . . . . . . . . . . 
# 
_struct.entry_id                     6EPT 
_struct.title                        'The ATAD2 bromodomain in complex with compound 12' 
_struct.pdbx_model_details           ? 
_struct.pdbx_formula_weight          ? 
_struct.pdbx_formula_weight_method   ? 
_struct.pdbx_model_type_details      ? 
_struct.pdbx_CASP_flag               N 
# 
_struct_keywords.entry_id        6EPT 
_struct_keywords.text            'Bromodomain, ATAD2, inhibitor, complex, CYTOSOLIC PROTEIN' 
_struct_keywords.pdbx_keywords   'CYTOSOLIC PROTEIN' 
# 
loop_
_struct_asym.id 
_struct_asym.pdbx_blank_PDB_chainid_flag 
_struct_asym.pdbx_modified 
_struct_asym.entity_id 
_struct_asym.details 
A N N 1 ? 
B N N 2 ? 
C N N 3 ? 
D N N 4 ? 
E N N 5 ? 
# 
_struct_ref.id                         1 
_struct_ref.db_name                    UNP 
_struct_ref.db_code                    ATAD2_HUMAN 
_struct_ref.pdbx_db_accession          Q6PL18 
_struct_ref.pdbx_db_isoform            ? 
_struct_ref.entity_id                  1 
_struct_ref.pdbx_seq_one_letter_code   
;QEEDTFRELRIFLRNVTHRLAIDKRFRVFTKPVDPDEVPDYVTVIKQPMDLSSVISKIDLHKYLTVKDYLRDIDLICSNA
LEYNPDRDPGDRLIRHRACALRDTAYAIIKEELDEDFEQLCEEIQESR
;
_struct_ref.pdbx_align_begin           981 
# 
_struct_ref_seq.align_id                      1 
_struct_ref_seq.ref_id                        1 
_struct_ref_seq.pdbx_PDB_id_code              6EPT 
_struct_ref_seq.pdbx_strand_id                A 
_struct_ref_seq.seq_align_beg                 3 
_struct_ref_seq.pdbx_seq_align_beg_ins_code   ? 
_struct_ref_seq.seq_align_end                 130 
_struct_ref_seq.pdbx_seq_align_end_ins_code   ? 
_struct_ref_seq.pdbx_db_accession             Q6PL18 
_struct_ref_seq.db_align_beg                  981 
_struct_ref_seq.pdbx_db_align_beg_ins_code    ? 
_struct_ref_seq.db_align_end                  1108 
_struct_ref_seq.pdbx_db_align_end_ins_code    ? 
_struct_ref_seq.pdbx_auth_seq_align_beg       981 
_struct_ref_seq.pdbx_auth_seq_align_end       1108 
# 
loop_
_struct_ref_seq_dif.align_id 
_struct_ref_seq_dif.pdbx_pdb_id_code 
_struct_ref_seq_dif.mon_id 
_struct_ref_seq_dif.pdbx_pdb_strand_id 
_struct_ref_seq_dif.seq_num 
_struct_ref_seq_dif.pdbx_pdb_ins_code 
_struct_ref_seq_dif.pdbx_seq_db_name 
_struct_ref_seq_dif.pdbx_seq_db_accession_code 
_struct_ref_seq_dif.db_mon_id 
_struct_ref_seq_dif.pdbx_seq_db_seq_num 
_struct_ref_seq_dif.details 
_struct_ref_seq_dif.pdbx_auth_seq_num 
_struct_ref_seq_dif.pdbx_ordinal 
1 6EPT SER A 1 ? UNP Q6PL18 ? ? 'expression tag' 979 1 
1 6EPT MET A 2 ? UNP Q6PL18 ? ? 'expression tag' 980 2 
# 
_pdbx_struct_assembly.id                   1 
_pdbx_struct_assembly.details              author_and_software_defined_assembly 
_pdbx_struct_assembly.method_details       PISA 
_pdbx_struct_assembly.oligomeric_details   monomeric 
_pdbx_struct_assembly.oligomeric_count     1 
# 
loop_
_pdbx_struct_assembly_prop.biol_id 
_pdbx_struct_assembly_prop.type 
_pdbx_struct_assembly_prop.value 
_pdbx_struct_assembly_prop.details 
1 'ABSA (A^2)' 180  ? 
1 MORE         -12  ? 
1 'SSA (A^2)'  8040 ? 
# 
_pdbx_struct_assembly_gen.assembly_id       1 
_pdbx_struct_assembly_gen.oper_expression   1 
_pdbx_struct_assembly_gen.asym_id_list      A,B,C,D,E 
# 
_pdbx_struct_assembly_auth_evidence.id                     1 
_pdbx_struct_assembly_auth_evidence.assembly_id            1 
_pdbx_struct_assembly_auth_evidence.experimental_support   'gel filtration' 
_pdbx_struct_assembly_auth_evidence.details                ? 
# 
_pdbx_struct_oper_list.id                   1 
_pdbx_struct_oper_list.type                 'identity operation' 
_pdbx_struct_oper_list.name                 1_555 
_pdbx_struct_oper_list.symmetry_operation   x,y,z 
_pdbx_struct_oper_list.matrix[1][1]         1.0000000000 
_pdbx_struct_oper_list.matrix[1][2]         0.0000000000 
_pdbx_struct_oper_list.matrix[1][3]         0.0000000000 
_pdbx_struct_oper_list.vector[1]            0.0000000000 
_pdbx_struct_oper_list.matrix[2][1]         0.0000000000 
_pdbx_struct_oper_list.matrix[2][2]         1.0000000000 
_pdbx_struct_oper_list.matrix[2][3]         0.0000000000 
_pdbx_struct_oper_list.vector[2]            0.0000000000 
_pdbx_struct_oper_list.matrix[3][1]         0.0000000000 
_pdbx_struct_oper_list.matrix[3][2]         0.0000000000 
_pdbx_struct_oper_list.matrix[3][3]         1.0000000000 
_pdbx_struct_oper_list.vector[3]            0.0000000000 
# 
loop_
_struct_conf.conf_type_id 
_struct_conf.id 
_struct_conf.pdbx_PDB_helix_id 
_struct_conf.beg_label_comp_id 
_struct_conf.beg_label_asym_id 
_struct_conf.beg_label_seq_id 
_struct_conf.pdbx_beg_PDB_ins_code 
_struct_conf.end_label_comp_id 
_struct_conf.end_label_asym_id 
_struct_conf.end_label_seq_id 
_struct_conf.pdbx_end_PDB_ins_code 
_struct_conf.beg_auth_comp_id 
_struct_conf.beg_auth_asym_id 
_struct_conf.beg_auth_seq_id 
_struct_conf.end_auth_comp_id 
_struct_conf.end_auth_asym_id 
_struct_conf.end_auth_seq_id 
_struct_conf.pdbx_PDB_helix_class 
_struct_conf.details 
_struct_conf.pdbx_PDB_helix_length 
HELX_P HELX_P1 AA1 SER A 1   ? ILE A 24  ? SER A 979  ILE A 1002 1 ? 24 
HELX_P HELX_P2 AA2 ASP A 25  ? THR A 32  ? ASP A 1003 THR A 1010 5 ? 8  
HELX_P HELX_P3 AA3 ASP A 42  ? ILE A 47  ? ASP A 1020 ILE A 1025 1 ? 6  
HELX_P HELX_P4 AA4 ASP A 52  ? LEU A 62  ? ASP A 1030 LEU A 1040 1 ? 11 
HELX_P HELX_P5 AA5 THR A 67  ? ASN A 86  ? THR A 1045 ASN A 1064 1 ? 20 
HELX_P HELX_P6 AA6 ASP A 90  ? LEU A 115 ? ASP A 1068 LEU A 1093 1 ? 26 
HELX_P HELX_P7 AA7 ASP A 116 ? SER A 129 ? ASP A 1094 SER A 1107 1 ? 14 
# 
_struct_conf_type.id          HELX_P 
_struct_conf_type.criteria    ? 
_struct_conf_type.reference   ? 
# 
loop_
_struct_site.id 
_struct_site.pdbx_evidence_code 
_struct_site.pdbx_auth_asym_id 
_struct_site.pdbx_auth_comp_id 
_struct_site.pdbx_auth_seq_id 
_struct_site.pdbx_auth_ins_code 
_struct_site.pdbx_num_residues 
_struct_site.details 
AC1 Software A SO4 1201 ? 6  'binding site for residue SO4 A 1201' 
AC2 Software A G1E 1202 ? 10 'binding site for residue G1E A 1202' 
AC3 Software A BQQ 1203 ? 8  'binding site for residue BQQ A 1203' 
# 
loop_
_struct_site_gen.id 
_struct_site_gen.site_id 
_struct_site_gen.pdbx_num_res 
_struct_site_gen.label_comp_id 
_struct_site_gen.label_asym_id 
_struct_site_gen.label_seq_id 
_struct_site_gen.pdbx_auth_ins_code 
_struct_site_gen.auth_comp_id 
_struct_site_gen.auth_asym_id 
_struct_site_gen.auth_seq_id 
_struct_site_gen.label_atom_id 
_struct_site_gen.label_alt_id 
_struct_site_gen.symmetry 
_struct_site_gen.details 
1  AC1 6  ARG A 9   ? ARG A 987  . ? 1_555 ? 
2  AC1 6  ARG A 12  ? ARG A 990  . ? 1_555 ? 
3  AC1 6  ARG A 16  ? ARG A 994  . ? 1_555 ? 
4  AC1 6  ARG A 89  ? ARG A 1067 . ? 6_664 ? 
5  AC1 6  ARG A 94  ? ARG A 1072 . ? 6_664 ? 
6  AC1 6  HOH E .   ? HOH A 1322 . ? 1_555 ? 
7  AC2 10 VAL A 30  ? VAL A 1008 . ? 1_555 ? 
8  AC2 10 VAL A 35  ? VAL A 1013 . ? 1_555 ? 
9  AC2 10 VAL A 40  ? VAL A 1018 . ? 1_555 ? 
10 AC2 10 TYR A 85  ? TYR A 1063 . ? 1_555 ? 
11 AC2 10 ASN A 86  ? ASN A 1064 . ? 1_555 ? 
12 AC2 10 ASP A 93  ? ASP A 1071 . ? 1_555 ? 
13 AC2 10 ILE A 96  ? ILE A 1074 . ? 1_555 ? 
14 AC2 10 HOH E .   ? HOH A 1307 . ? 1_555 ? 
15 AC2 10 HOH E .   ? HOH A 1309 . ? 1_555 ? 
16 AC2 10 HOH E .   ? HOH A 1319 . ? 1_555 ? 
17 AC3 8  SER A 1   ? SER A 979  . ? 8_565 ? 
18 AC3 8  GLN A 3   ? GLN A 981  . ? 8_565 ? 
19 AC3 8  GLU A 4   ? GLU A 982  . ? 8_565 ? 
20 AC3 8  ARG A 94  ? ARG A 1072 . ? 1_555 ? 
21 AC3 8  ARG A 97  ? ARG A 1075 . ? 1_555 ? 
22 AC3 8  HIS A 98  ? HIS A 1076 . ? 1_555 ? 
23 AC3 8  CYS A 101 ? CYS A 1079 . ? 1_555 ? 
24 AC3 8  HOH E .   ? HOH A 1349 . ? 8_565 ? 
# 
_pdbx_struct_special_symmetry.id              1 
_pdbx_struct_special_symmetry.PDB_model_num   1 
_pdbx_struct_special_symmetry.auth_asym_id    A 
_pdbx_struct_special_symmetry.auth_comp_id    HOH 
_pdbx_struct_special_symmetry.auth_seq_id     1364 
_pdbx_struct_special_symmetry.PDB_ins_code    ? 
_pdbx_struct_special_symmetry.label_asym_id   E 
_pdbx_struct_special_symmetry.label_comp_id   HOH 
_pdbx_struct_special_symmetry.label_seq_id    . 
# 
loop_
_chem_comp_atom.comp_id 
_chem_comp_atom.atom_id 
_chem_comp_atom.type_symbol 
_chem_comp_atom.pdbx_aromatic_flag 
_chem_comp_atom.pdbx_stereo_config 
_chem_comp_atom.pdbx_ordinal 
ALA N    N N N 1   
ALA CA   C N S 2   
ALA C    C N N 3   
ALA O    O N N 4   
ALA CB   C N N 5   
ALA OXT  O N N 6   
ALA H    H N N 7   
ALA H2   H N N 8   
ALA HA   H N N 9   
ALA HB1  H N N 10  
ALA HB2  H N N 11  
ALA HB3  H N N 12  
ALA HXT  H N N 13  
ARG N    N N N 14  
ARG CA   C N S 15  
ARG C    C N N 16  
ARG O    O N N 17  
ARG CB   C N N 18  
ARG CG   C N N 19  
ARG CD   C N N 20  
ARG NE   N N N 21  
ARG CZ   C N N 22  
ARG NH1  N N N 23  
ARG NH2  N N N 24  
ARG OXT  O N N 25  
ARG H    H N N 26  
ARG H2   H N N 27  
ARG HA   H N N 28  
ARG HB2  H N N 29  
ARG HB3  H N N 30  
ARG HG2  H N N 31  
ARG HG3  H N N 32  
ARG HD2  H N N 33  
ARG HD3  H N N 34  
ARG HE   H N N 35  
ARG HH11 H N N 36  
ARG HH12 H N N 37  
ARG HH21 H N N 38  
ARG HH22 H N N 39  
ARG HXT  H N N 40  
ASN N    N N N 41  
ASN CA   C N S 42  
ASN C    C N N 43  
ASN O    O N N 44  
ASN CB   C N N 45  
ASN CG   C N N 46  
ASN OD1  O N N 47  
ASN ND2  N N N 48  
ASN OXT  O N N 49  
ASN H    H N N 50  
ASN H2   H N N 51  
ASN HA   H N N 52  
ASN HB2  H N N 53  
ASN HB3  H N N 54  
ASN HD21 H N N 55  
ASN HD22 H N N 56  
ASN HXT  H N N 57  
ASP N    N N N 58  
ASP CA   C N S 59  
ASP C    C N N 60  
ASP O    O N N 61  
ASP CB   C N N 62  
ASP CG   C N N 63  
ASP OD1  O N N 64  
ASP OD2  O N N 65  
ASP OXT  O N N 66  
ASP H    H N N 67  
ASP H2   H N N 68  
ASP HA   H N N 69  
ASP HB2  H N N 70  
ASP HB3  H N N 71  
ASP HD2  H N N 72  
ASP HXT  H N N 73  
BQQ N    N N N 74  
BQQ CA   C N S 75  
BQQ C    C N N 76  
BQQ O    O N N 77  
BQQ CB   C N N 78  
BQQ CAA  C N N 79  
BQQ CAE  C Y N 80  
BQQ CAF  C Y N 81  
BQQ CAG  C Y N 82  
BQQ CAH  C N N 83  
BQQ CAI  C N N 84  
BQQ CAQ  C N N 85  
BQQ CAS  C Y N 86  
BQQ CAT  C Y N 87  
BQQ CAU  C Y N 88  
BQQ CAV  C Y N 89  
BQQ CAW  C Y N 90  
BQQ NAB  N N N 91  
BQQ NAK  N Y N 92  
BQQ NAL  N Y N 93  
BQQ NAM  N N N 94  
BQQ NAO  N N N 95  
BQQ OAC  O N N 96  
BQQ SAP  S Y N 97  
BQQ H1   H N N 98  
BQQ H3   H N N 99  
BQQ H4   H N N 100 
BQQ H5   H N N 101 
BQQ H6   H N N 102 
BQQ H7   H N N 103 
BQQ H8   H N N 104 
BQQ H9   H N N 105 
BQQ H10  H N N 106 
BQQ H11  H N N 107 
BQQ H12  H N N 108 
BQQ H13  H N N 109 
BQQ H14  H N N 110 
BQQ H15  H N N 111 
BQQ H16  H N N 112 
BQQ H17  H N N 113 
BQQ H18  H N N 114 
BQQ H20  H N N 115 
CYS N    N N N 116 
CYS CA   C N R 117 
CYS C    C N N 118 
CYS O    O N N 119 
CYS CB   C N N 120 
CYS SG   S N N 121 
CYS OXT  O N N 122 
CYS H    H N N 123 
CYS H2   H N N 124 
CYS HA   H N N 125 
CYS HB2  H N N 126 
CYS HB3  H N N 127 
CYS HG   H N N 128 
CYS HXT  H N N 129 
G1E N    N N N 130 
G1E CA   C N R 131 
G1E C    C N N 132 
G1E O    O N N 133 
G1E CB   C N N 134 
G1E CAA  C N N 135 
G1E CAE  C Y N 136 
G1E CAF  C Y N 137 
G1E CAG  C Y N 138 
G1E CAH  C N N 139 
G1E CAI  C N N 140 
G1E CAQ  C N N 141 
G1E CAS  C Y N 142 
G1E CAT  C Y N 143 
G1E CAU  C Y N 144 
G1E CAV  C Y N 145 
G1E CAW  C Y N 146 
G1E NAB  N N N 147 
G1E NAK  N Y N 148 
G1E NAL  N Y N 149 
G1E NAM  N N N 150 
G1E NAO  N N N 151 
G1E OAC  O N N 152 
G1E SAP  S Y N 153 
G1E H1   H N N 154 
G1E H3   H N N 155 
G1E H4   H N N 156 
G1E H5   H N N 157 
G1E H6   H N N 158 
G1E H7   H N N 159 
G1E H8   H N N 160 
G1E H9   H N N 161 
G1E H10  H N N 162 
G1E H11  H N N 163 
G1E H12  H N N 164 
G1E H13  H N N 165 
G1E H14  H N N 166 
G1E H15  H N N 167 
G1E H16  H N N 168 
G1E H17  H N N 169 
G1E H18  H N N 170 
G1E H20  H N N 171 
GLN N    N N N 172 
GLN CA   C N S 173 
GLN C    C N N 174 
GLN O    O N N 175 
GLN CB   C N N 176 
GLN CG   C N N 177 
GLN CD   C N N 178 
GLN OE1  O N N 179 
GLN NE2  N N N 180 
GLN OXT  O N N 181 
GLN H    H N N 182 
GLN H2   H N N 183 
GLN HA   H N N 184 
GLN HB2  H N N 185 
GLN HB3  H N N 186 
GLN HG2  H N N 187 
GLN HG3  H N N 188 
GLN HE21 H N N 189 
GLN HE22 H N N 190 
GLN HXT  H N N 191 
GLU N    N N N 192 
GLU CA   C N S 193 
GLU C    C N N 194 
GLU O    O N N 195 
GLU CB   C N N 196 
GLU CG   C N N 197 
GLU CD   C N N 198 
GLU OE1  O N N 199 
GLU OE2  O N N 200 
GLU OXT  O N N 201 
GLU H    H N N 202 
GLU H2   H N N 203 
GLU HA   H N N 204 
GLU HB2  H N N 205 
GLU HB3  H N N 206 
GLU HG2  H N N 207 
GLU HG3  H N N 208 
GLU HE2  H N N 209 
GLU HXT  H N N 210 
GLY N    N N N 211 
GLY CA   C N N 212 
GLY C    C N N 213 
GLY O    O N N 214 
GLY OXT  O N N 215 
GLY H    H N N 216 
GLY H2   H N N 217 
GLY HA2  H N N 218 
GLY HA3  H N N 219 
GLY HXT  H N N 220 
HIS N    N N N 221 
HIS CA   C N S 222 
HIS C    C N N 223 
HIS O    O N N 224 
HIS CB   C N N 225 
HIS CG   C Y N 226 
HIS ND1  N Y N 227 
HIS CD2  C Y N 228 
HIS CE1  C Y N 229 
HIS NE2  N Y N 230 
HIS OXT  O N N 231 
HIS H    H N N 232 
HIS H2   H N N 233 
HIS HA   H N N 234 
HIS HB2  H N N 235 
HIS HB3  H N N 236 
HIS HD1  H N N 237 
HIS HD2  H N N 238 
HIS HE1  H N N 239 
HIS HE2  H N N 240 
HIS HXT  H N N 241 
HOH O    O N N 242 
HOH H1   H N N 243 
HOH H2   H N N 244 
ILE N    N N N 245 
ILE CA   C N S 246 
ILE C    C N N 247 
ILE O    O N N 248 
ILE CB   C N S 249 
ILE CG1  C N N 250 
ILE CG2  C N N 251 
ILE CD1  C N N 252 
ILE OXT  O N N 253 
ILE H    H N N 254 
ILE H2   H N N 255 
ILE HA   H N N 256 
ILE HB   H N N 257 
ILE HG12 H N N 258 
ILE HG13 H N N 259 
ILE HG21 H N N 260 
ILE HG22 H N N 261 
ILE HG23 H N N 262 
ILE HD11 H N N 263 
ILE HD12 H N N 264 
ILE HD13 H N N 265 
ILE HXT  H N N 266 
LEU N    N N N 267 
LEU CA   C N S 268 
LEU C    C N N 269 
LEU O    O N N 270 
LEU CB   C N N 271 
LEU CG   C N N 272 
LEU CD1  C N N 273 
LEU CD2  C N N 274 
LEU OXT  O N N 275 
LEU H    H N N 276 
LEU H2   H N N 277 
LEU HA   H N N 278 
LEU HB2  H N N 279 
LEU HB3  H N N 280 
LEU HG   H N N 281 
LEU HD11 H N N 282 
LEU HD12 H N N 283 
LEU HD13 H N N 284 
LEU HD21 H N N 285 
LEU HD22 H N N 286 
LEU HD23 H N N 287 
LEU HXT  H N N 288 
LYS N    N N N 289 
LYS CA   C N S 290 
LYS C    C N N 291 
LYS O    O N N 292 
LYS CB   C N N 293 
LYS CG   C N N 294 
LYS CD   C N N 295 
LYS CE   C N N 296 
LYS NZ   N N N 297 
LYS OXT  O N N 298 
LYS H    H N N 299 
LYS H2   H N N 300 
LYS HA   H N N 301 
LYS HB2  H N N 302 
LYS HB3  H N N 303 
LYS HG2  H N N 304 
LYS HG3  H N N 305 
LYS HD2  H N N 306 
LYS HD3  H N N 307 
LYS HE2  H N N 308 
LYS HE3  H N N 309 
LYS HZ1  H N N 310 
LYS HZ2  H N N 311 
LYS HZ3  H N N 312 
LYS HXT  H N N 313 
MET N    N N N 314 
MET CA   C N S 315 
MET C    C N N 316 
MET O    O N N 317 
MET CB   C N N 318 
MET CG   C N N 319 
MET SD   S N N 320 
MET CE   C N N 321 
MET OXT  O N N 322 
MET H    H N N 323 
MET H2   H N N 324 
MET HA   H N N 325 
MET HB2  H N N 326 
MET HB3  H N N 327 
MET HG2  H N N 328 
MET HG3  H N N 329 
MET HE1  H N N 330 
MET HE2  H N N 331 
MET HE3  H N N 332 
MET HXT  H N N 333 
PHE N    N N N 334 
PHE CA   C N S 335 
PHE C    C N N 336 
PHE O    O N N 337 
PHE CB   C N N 338 
PHE CG   C Y N 339 
PHE CD1  C Y N 340 
PHE CD2  C Y N 341 
PHE CE1  C Y N 342 
PHE CE2  C Y N 343 
PHE CZ   C Y N 344 
PHE OXT  O N N 345 
PHE H    H N N 346 
PHE H2   H N N 347 
PHE HA   H N N 348 
PHE HB2  H N N 349 
PHE HB3  H N N 350 
PHE HD1  H N N 351 
PHE HD2  H N N 352 
PHE HE1  H N N 353 
PHE HE2  H N N 354 
PHE HZ   H N N 355 
PHE HXT  H N N 356 
PRO N    N N N 357 
PRO CA   C N S 358 
PRO C    C N N 359 
PRO O    O N N 360 
PRO CB   C N N 361 
PRO CG   C N N 362 
PRO CD   C N N 363 
PRO OXT  O N N 364 
PRO H    H N N 365 
PRO HA   H N N 366 
PRO HB2  H N N 367 
PRO HB3  H N N 368 
PRO HG2  H N N 369 
PRO HG3  H N N 370 
PRO HD2  H N N 371 
PRO HD3  H N N 372 
PRO HXT  H N N 373 
SER N    N N N 374 
SER CA   C N S 375 
SER C    C N N 376 
SER O    O N N 377 
SER CB   C N N 378 
SER OG   O N N 379 
SER OXT  O N N 380 
SER H    H N N 381 
SER H2   H N N 382 
SER HA   H N N 383 
SER HB2  H N N 384 
SER HB3  H N N 385 
SER HG   H N N 386 
SER HXT  H N N 387 
SO4 S    S N N 388 
SO4 O1   O N N 389 
SO4 O2   O N N 390 
SO4 O3   O N N 391 
SO4 O4   O N N 392 
THR N    N N N 393 
THR CA   C N S 394 
THR C    C N N 395 
THR O    O N N 396 
THR CB   C N R 397 
THR OG1  O N N 398 
THR CG2  C N N 399 
THR OXT  O N N 400 
THR H    H N N 401 
THR H2   H N N 402 
THR HA   H N N 403 
THR HB   H N N 404 
THR HG1  H N N 405 
THR HG21 H N N 406 
THR HG22 H N N 407 
THR HG23 H N N 408 
THR HXT  H N N 409 
TYR N    N N N 410 
TYR CA   C N S 411 
TYR C    C N N 412 
TYR O    O N N 413 
TYR CB   C N N 414 
TYR CG   C Y N 415 
TYR CD1  C Y N 416 
TYR CD2  C Y N 417 
TYR CE1  C Y N 418 
TYR CE2  C Y N 419 
TYR CZ   C Y N 420 
TYR OH   O N N 421 
TYR OXT  O N N 422 
TYR H    H N N 423 
TYR H2   H N N 424 
TYR HA   H N N 425 
TYR HB2  H N N 426 
TYR HB3  H N N 427 
TYR HD1  H N N 428 
TYR HD2  H N N 429 
TYR HE1  H N N 430 
TYR HE2  H N N 431 
TYR HH   H N N 432 
TYR HXT  H N N 433 
VAL N    N N N 434 
VAL CA   C N S 435 
VAL C    C N N 436 
VAL O    O N N 437 
VAL CB   C N N 438 
VAL CG1  C N N 439 
VAL CG2  C N N 440 
VAL OXT  O N N 441 
VAL H    H N N 442 
VAL H2   H N N 443 
VAL HA   H N N 444 
VAL HB   H N N 445 
VAL HG11 H N N 446 
VAL HG12 H N N 447 
VAL HG13 H N N 448 
VAL HG21 H N N 449 
VAL HG22 H N N 450 
VAL HG23 H N N 451 
VAL HXT  H N N 452 
# 
loop_
_chem_comp_bond.comp_id 
_chem_comp_bond.atom_id_1 
_chem_comp_bond.atom_id_2 
_chem_comp_bond.value_order 
_chem_comp_bond.pdbx_aromatic_flag 
_chem_comp_bond.pdbx_stereo_config 
_chem_comp_bond.pdbx_ordinal 
ALA N   CA   sing N N 1   
ALA N   H    sing N N 2   
ALA N   H2   sing N N 3   
ALA CA  C    sing N N 4   
ALA CA  CB   sing N N 5   
ALA CA  HA   sing N N 6   
ALA C   O    doub N N 7   
ALA C   OXT  sing N N 8   
ALA CB  HB1  sing N N 9   
ALA CB  HB2  sing N N 10  
ALA CB  HB3  sing N N 11  
ALA OXT HXT  sing N N 12  
ARG N   CA   sing N N 13  
ARG N   H    sing N N 14  
ARG N   H2   sing N N 15  
ARG CA  C    sing N N 16  
ARG CA  CB   sing N N 17  
ARG CA  HA   sing N N 18  
ARG C   O    doub N N 19  
ARG C   OXT  sing N N 20  
ARG CB  CG   sing N N 21  
ARG CB  HB2  sing N N 22  
ARG CB  HB3  sing N N 23  
ARG CG  CD   sing N N 24  
ARG CG  HG2  sing N N 25  
ARG CG  HG3  sing N N 26  
ARG CD  NE   sing N N 27  
ARG CD  HD2  sing N N 28  
ARG CD  HD3  sing N N 29  
ARG NE  CZ   sing N N 30  
ARG NE  HE   sing N N 31  
ARG CZ  NH1  sing N N 32  
ARG CZ  NH2  doub N N 33  
ARG NH1 HH11 sing N N 34  
ARG NH1 HH12 sing N N 35  
ARG NH2 HH21 sing N N 36  
ARG NH2 HH22 sing N N 37  
ARG OXT HXT  sing N N 38  
ASN N   CA   sing N N 39  
ASN N   H    sing N N 40  
ASN N   H2   sing N N 41  
ASN CA  C    sing N N 42  
ASN CA  CB   sing N N 43  
ASN CA  HA   sing N N 44  
ASN C   O    doub N N 45  
ASN C   OXT  sing N N 46  
ASN CB  CG   sing N N 47  
ASN CB  HB2  sing N N 48  
ASN CB  HB3  sing N N 49  
ASN CG  OD1  doub N N 50  
ASN CG  ND2  sing N N 51  
ASN ND2 HD21 sing N N 52  
ASN ND2 HD22 sing N N 53  
ASN OXT HXT  sing N N 54  
ASP N   CA   sing N N 55  
ASP N   H    sing N N 56  
ASP N   H2   sing N N 57  
ASP CA  C    sing N N 58  
ASP CA  CB   sing N N 59  
ASP CA  HA   sing N N 60  
ASP C   O    doub N N 61  
ASP C   OXT  sing N N 62  
ASP CB  CG   sing N N 63  
ASP CB  HB2  sing N N 64  
ASP CB  HB3  sing N N 65  
ASP CG  OD1  doub N N 66  
ASP CG  OD2  sing N N 67  
ASP OD2 HD2  sing N N 68  
ASP OXT HXT  sing N N 69  
BQQ NAB CAS  sing N N 70  
BQQ CAE CAS  doub Y N 71  
BQQ CAE NAK  sing Y N 72  
BQQ CAS CAG  sing Y N 73  
BQQ NAK CAF  doub Y N 74  
BQQ CAG CAT  doub Y N 75  
BQQ CAF CAT  sing Y N 76  
BQQ CAT CAW  sing N N 77  
BQQ CAA CAQ  sing N N 78  
BQQ CAW CAV  doub Y N 79  
BQQ CAW SAP  sing Y N 80  
BQQ CAQ CAV  sing N N 81  
BQQ CAQ OAC  doub N N 82  
BQQ CAV NAL  sing Y N 83  
BQQ SAP CAU  sing Y N 84  
BQQ NAL CAU  doub Y N 85  
BQQ CAU NAO  sing N N 86  
BQQ O   C    doub N N 87  
BQQ NAO C    sing N N 88  
BQQ C   CA   sing N N 89  
BQQ CA  CB   sing N N 90  
BQQ CA  N    sing N N 91  
BQQ CB  NAM  sing N N 92  
BQQ CAH NAM  sing N N 93  
BQQ CAH CAI  sing N N 94  
BQQ N   CAI  sing N N 95  
BQQ N   H1   sing N N 96  
BQQ CA  H3   sing N N 97  
BQQ CB  H4   sing N N 98  
BQQ CB  H5   sing N N 99  
BQQ CAA H6   sing N N 100 
BQQ CAA H7   sing N N 101 
BQQ CAA H8   sing N N 102 
BQQ CAE H9   sing N N 103 
BQQ CAF H10  sing N N 104 
BQQ CAG H11  sing N N 105 
BQQ CAH H12  sing N N 106 
BQQ CAH H13  sing N N 107 
BQQ CAI H14  sing N N 108 
BQQ CAI H15  sing N N 109 
BQQ NAB H16  sing N N 110 
BQQ NAB H17  sing N N 111 
BQQ NAM H18  sing N N 112 
BQQ NAO H20  sing N N 113 
CYS N   CA   sing N N 114 
CYS N   H    sing N N 115 
CYS N   H2   sing N N 116 
CYS CA  C    sing N N 117 
CYS CA  CB   sing N N 118 
CYS CA  HA   sing N N 119 
CYS C   O    doub N N 120 
CYS C   OXT  sing N N 121 
CYS CB  SG   sing N N 122 
CYS CB  HB2  sing N N 123 
CYS CB  HB3  sing N N 124 
CYS SG  HG   sing N N 125 
CYS OXT HXT  sing N N 126 
G1E NAB CAS  sing N N 127 
G1E CAS CAG  doub Y N 128 
G1E CAS CAE  sing Y N 129 
G1E CAG CAT  sing Y N 130 
G1E CAE NAK  doub Y N 131 
G1E CAA CAQ  sing N N 132 
G1E CAT CAW  sing N N 133 
G1E CAT CAF  doub Y N 134 
G1E NAK CAF  sing Y N 135 
G1E CAW CAV  doub Y N 136 
G1E CAW SAP  sing Y N 137 
G1E CAQ CAV  sing N N 138 
G1E CAQ OAC  doub N N 139 
G1E CAV NAL  sing Y N 140 
G1E SAP CAU  sing Y N 141 
G1E NAL CAU  doub Y N 142 
G1E CAU NAO  sing N N 143 
G1E NAO C    sing N N 144 
G1E O   C    doub N N 145 
G1E C   CA   sing N N 146 
G1E CA  N    sing N N 147 
G1E CA  CB   sing N N 148 
G1E N   CAI  sing N N 149 
G1E CAI CAH  sing N N 150 
G1E CB  NAM  sing N N 151 
G1E NAM CAH  sing N N 152 
G1E N   H1   sing N N 153 
G1E CA  H3   sing N N 154 
G1E CB  H4   sing N N 155 
G1E CB  H5   sing N N 156 
G1E CAA H6   sing N N 157 
G1E CAA H7   sing N N 158 
G1E CAA H8   sing N N 159 
G1E CAE H9   sing N N 160 
G1E CAF H10  sing N N 161 
G1E CAG H11  sing N N 162 
G1E CAH H12  sing N N 163 
G1E CAH H13  sing N N 164 
G1E CAI H14  sing N N 165 
G1E CAI H15  sing N N 166 
G1E NAB H16  sing N N 167 
G1E NAB H17  sing N N 168 
G1E NAM H18  sing N N 169 
G1E NAO H20  sing N N 170 
GLN N   CA   sing N N 171 
GLN N   H    sing N N 172 
GLN N   H2   sing N N 173 
GLN CA  C    sing N N 174 
GLN CA  CB   sing N N 175 
GLN CA  HA   sing N N 176 
GLN C   O    doub N N 177 
GLN C   OXT  sing N N 178 
GLN CB  CG   sing N N 179 
GLN CB  HB2  sing N N 180 
GLN CB  HB3  sing N N 181 
GLN CG  CD   sing N N 182 
GLN CG  HG2  sing N N 183 
GLN CG  HG3  sing N N 184 
GLN CD  OE1  doub N N 185 
GLN CD  NE2  sing N N 186 
GLN NE2 HE21 sing N N 187 
GLN NE2 HE22 sing N N 188 
GLN OXT HXT  sing N N 189 
GLU N   CA   sing N N 190 
GLU N   H    sing N N 191 
GLU N   H2   sing N N 192 
GLU CA  C    sing N N 193 
GLU CA  CB   sing N N 194 
GLU CA  HA   sing N N 195 
GLU C   O    doub N N 196 
GLU C   OXT  sing N N 197 
GLU CB  CG   sing N N 198 
GLU CB  HB2  sing N N 199 
GLU CB  HB3  sing N N 200 
GLU CG  CD   sing N N 201 
GLU CG  HG2  sing N N 202 
GLU CG  HG3  sing N N 203 
GLU CD  OE1  doub N N 204 
GLU CD  OE2  sing N N 205 
GLU OE2 HE2  sing N N 206 
GLU OXT HXT  sing N N 207 
GLY N   CA   sing N N 208 
GLY N   H    sing N N 209 
GLY N   H2   sing N N 210 
GLY CA  C    sing N N 211 
GLY CA  HA2  sing N N 212 
GLY CA  HA3  sing N N 213 
GLY C   O    doub N N 214 
GLY C   OXT  sing N N 215 
GLY OXT HXT  sing N N 216 
HIS N   CA   sing N N 217 
HIS N   H    sing N N 218 
HIS N   H2   sing N N 219 
HIS CA  C    sing N N 220 
HIS CA  CB   sing N N 221 
HIS CA  HA   sing N N 222 
HIS C   O    doub N N 223 
HIS C   OXT  sing N N 224 
HIS CB  CG   sing N N 225 
HIS CB  HB2  sing N N 226 
HIS CB  HB3  sing N N 227 
HIS CG  ND1  sing Y N 228 
HIS CG  CD2  doub Y N 229 
HIS ND1 CE1  doub Y N 230 
HIS ND1 HD1  sing N N 231 
HIS CD2 NE2  sing Y N 232 
HIS CD2 HD2  sing N N 233 
HIS CE1 NE2  sing Y N 234 
HIS CE1 HE1  sing N N 235 
HIS NE2 HE2  sing N N 236 
HIS OXT HXT  sing N N 237 
HOH O   H1   sing N N 238 
HOH O   H2   sing N N 239 
ILE N   CA   sing N N 240 
ILE N   H    sing N N 241 
ILE N   H2   sing N N 242 
ILE CA  C    sing N N 243 
ILE CA  CB   sing N N 244 
ILE CA  HA   sing N N 245 
ILE C   O    doub N N 246 
ILE C   OXT  sing N N 247 
ILE CB  CG1  sing N N 248 
ILE CB  CG2  sing N N 249 
ILE CB  HB   sing N N 250 
ILE CG1 CD1  sing N N 251 
ILE CG1 HG12 sing N N 252 
ILE CG1 HG13 sing N N 253 
ILE CG2 HG21 sing N N 254 
ILE CG2 HG22 sing N N 255 
ILE CG2 HG23 sing N N 256 
ILE CD1 HD11 sing N N 257 
ILE CD1 HD12 sing N N 258 
ILE CD1 HD13 sing N N 259 
ILE OXT HXT  sing N N 260 
LEU N   CA   sing N N 261 
LEU N   H    sing N N 262 
LEU N   H2   sing N N 263 
LEU CA  C    sing N N 264 
LEU CA  CB   sing N N 265 
LEU CA  HA   sing N N 266 
LEU C   O    doub N N 267 
LEU C   OXT  sing N N 268 
LEU CB  CG   sing N N 269 
LEU CB  HB2  sing N N 270 
LEU CB  HB3  sing N N 271 
LEU CG  CD1  sing N N 272 
LEU CG  CD2  sing N N 273 
LEU CG  HG   sing N N 274 
LEU CD1 HD11 sing N N 275 
LEU CD1 HD12 sing N N 276 
LEU CD1 HD13 sing N N 277 
LEU CD2 HD21 sing N N 278 
LEU CD2 HD22 sing N N 279 
LEU CD2 HD23 sing N N 280 
LEU OXT HXT  sing N N 281 
LYS N   CA   sing N N 282 
LYS N   H    sing N N 283 
LYS N   H2   sing N N 284 
LYS CA  C    sing N N 285 
LYS CA  CB   sing N N 286 
LYS CA  HA   sing N N 287 
LYS C   O    doub N N 288 
LYS C   OXT  sing N N 289 
LYS CB  CG   sing N N 290 
LYS CB  HB2  sing N N 291 
LYS CB  HB3  sing N N 292 
LYS CG  CD   sing N N 293 
LYS CG  HG2  sing N N 294 
LYS CG  HG3  sing N N 295 
LYS CD  CE   sing N N 296 
LYS CD  HD2  sing N N 297 
LYS CD  HD3  sing N N 298 
LYS CE  NZ   sing N N 299 
LYS CE  HE2  sing N N 300 
LYS CE  HE3  sing N N 301 
LYS NZ  HZ1  sing N N 302 
LYS NZ  HZ2  sing N N 303 
LYS NZ  HZ3  sing N N 304 
LYS OXT HXT  sing N N 305 
MET N   CA   sing N N 306 
MET N   H    sing N N 307 
MET N   H2   sing N N 308 
MET CA  C    sing N N 309 
MET CA  CB   sing N N 310 
MET CA  HA   sing N N 311 
MET C   O    doub N N 312 
MET C   OXT  sing N N 313 
MET CB  CG   sing N N 314 
MET CB  HB2  sing N N 315 
MET CB  HB3  sing N N 316 
MET CG  SD   sing N N 317 
MET CG  HG2  sing N N 318 
MET CG  HG3  sing N N 319 
MET SD  CE   sing N N 320 
MET CE  HE1  sing N N 321 
MET CE  HE2  sing N N 322 
MET CE  HE3  sing N N 323 
MET OXT HXT  sing N N 324 
PHE N   CA   sing N N 325 
PHE N   H    sing N N 326 
PHE N   H2   sing N N 327 
PHE CA  C    sing N N 328 
PHE CA  CB   sing N N 329 
PHE CA  HA   sing N N 330 
PHE C   O    doub N N 331 
PHE C   OXT  sing N N 332 
PHE CB  CG   sing N N 333 
PHE CB  HB2  sing N N 334 
PHE CB  HB3  sing N N 335 
PHE CG  CD1  doub Y N 336 
PHE CG  CD2  sing Y N 337 
PHE CD1 CE1  sing Y N 338 
PHE CD1 HD1  sing N N 339 
PHE CD2 CE2  doub Y N 340 
PHE CD2 HD2  sing N N 341 
PHE CE1 CZ   doub Y N 342 
PHE CE1 HE1  sing N N 343 
PHE CE2 CZ   sing Y N 344 
PHE CE2 HE2  sing N N 345 
PHE CZ  HZ   sing N N 346 
PHE OXT HXT  sing N N 347 
PRO N   CA   sing N N 348 
PRO N   CD   sing N N 349 
PRO N   H    sing N N 350 
PRO CA  C    sing N N 351 
PRO CA  CB   sing N N 352 
PRO CA  HA   sing N N 353 
PRO C   O    doub N N 354 
PRO C   OXT  sing N N 355 
PRO CB  CG   sing N N 356 
PRO CB  HB2  sing N N 357 
PRO CB  HB3  sing N N 358 
PRO CG  CD   sing N N 359 
PRO CG  HG2  sing N N 360 
PRO CG  HG3  sing N N 361 
PRO CD  HD2  sing N N 362 
PRO CD  HD3  sing N N 363 
PRO OXT HXT  sing N N 364 
SER N   CA   sing N N 365 
SER N   H    sing N N 366 
SER N   H2   sing N N 367 
SER CA  C    sing N N 368 
SER CA  CB   sing N N 369 
SER CA  HA   sing N N 370 
SER C   O    doub N N 371 
SER C   OXT  sing N N 372 
SER CB  OG   sing N N 373 
SER CB  HB2  sing N N 374 
SER CB  HB3  sing N N 375 
SER OG  HG   sing N N 376 
SER OXT HXT  sing N N 377 
SO4 S   O1   doub N N 378 
SO4 S   O2   doub N N 379 
SO4 S   O3   sing N N 380 
SO4 S   O4   sing N N 381 
THR N   CA   sing N N 382 
THR N   H    sing N N 383 
THR N   H2   sing N N 384 
THR CA  C    sing N N 385 
THR CA  CB   sing N N 386 
THR CA  HA   sing N N 387 
THR C   O    doub N N 388 
THR C   OXT  sing N N 389 
THR CB  OG1  sing N N 390 
THR CB  CG2  sing N N 391 
THR CB  HB   sing N N 392 
THR OG1 HG1  sing N N 393 
THR CG2 HG21 sing N N 394 
THR CG2 HG22 sing N N 395 
THR CG2 HG23 sing N N 396 
THR OXT HXT  sing N N 397 
TYR N   CA   sing N N 398 
TYR N   H    sing N N 399 
TYR N   H2   sing N N 400 
TYR CA  C    sing N N 401 
TYR CA  CB   sing N N 402 
TYR CA  HA   sing N N 403 
TYR C   O    doub N N 404 
TYR C   OXT  sing N N 405 
TYR CB  CG   sing N N 406 
TYR CB  HB2  sing N N 407 
TYR CB  HB3  sing N N 408 
TYR CG  CD1  doub Y N 409 
TYR CG  CD2  sing Y N 410 
TYR CD1 CE1  sing Y N 411 
TYR CD1 HD1  sing N N 412 
TYR CD2 CE2  doub Y N 413 
TYR CD2 HD2  sing N N 414 
TYR CE1 CZ   doub Y N 415 
TYR CE1 HE1  sing N N 416 
TYR CE2 CZ   sing Y N 417 
TYR CE2 HE2  sing N N 418 
TYR CZ  OH   sing N N 419 
TYR OH  HH   sing N N 420 
TYR OXT HXT  sing N N 421 
VAL N   CA   sing N N 422 
VAL N   H    sing N N 423 
VAL N   H2   sing N N 424 
VAL CA  C    sing N N 425 
VAL CA  CB   sing N N 426 
VAL CA  HA   sing N N 427 
VAL C   O    doub N N 428 
VAL C   OXT  sing N N 429 
VAL CB  CG1  sing N N 430 
VAL CB  CG2  sing N N 431 
VAL CB  HB   sing N N 432 
VAL CG1 HG11 sing N N 433 
VAL CG1 HG12 sing N N 434 
VAL CG1 HG13 sing N N 435 
VAL CG2 HG21 sing N N 436 
VAL CG2 HG22 sing N N 437 
VAL CG2 HG23 sing N N 438 
VAL OXT HXT  sing N N 439 
# 
_pdbx_entity_instance_feature.ordinal        1 
_pdbx_entity_instance_feature.comp_id        G1E 
_pdbx_entity_instance_feature.asym_id        ? 
_pdbx_entity_instance_feature.seq_num        ? 
_pdbx_entity_instance_feature.auth_comp_id   G1E 
_pdbx_entity_instance_feature.auth_asym_id   ? 
_pdbx_entity_instance_feature.auth_seq_num   ? 
_pdbx_entity_instance_feature.feature_type   'SUBJECT OF INVESTIGATION' 
_pdbx_entity_instance_feature.details        ? 
# 
_pdbx_initial_refinement_model.id               1 
_pdbx_initial_refinement_model.entity_id_list   ? 
_pdbx_initial_refinement_model.type             'experimental model' 
_pdbx_initial_refinement_model.source_name      PDB 
_pdbx_initial_refinement_model.accession_code   5F36 
_pdbx_initial_refinement_model.details          ? 
# 
_atom_sites.entry_id                    6EPT 
_atom_sites.fract_transf_matrix[1][1]   -0.01033465 
_atom_sites.fract_transf_matrix[1][2]   -0.00823210 
_atom_sites.fract_transf_matrix[1][3]   -0.00592636 
_atom_sites.fract_transf_matrix[2][1]   0.00136401 
_atom_sites.fract_transf_matrix[2][2]   -0.01441655 
_atom_sites.fract_transf_matrix[2][3]   -0.00004394 
_atom_sites.fract_transf_matrix[3][1]   -0.00336498 
_atom_sites.fract_transf_matrix[3][2]   -0.00033769 
_atom_sites.fract_transf_matrix[3][3]   0.00633706 
_atom_sites.fract_transf_vector[1]      0.135533 
_atom_sites.fract_transf_vector[2]      0.595374 
_atom_sites.fract_transf_vector[3]      0.027657 
# 
loop_
_atom_type.symbol 
C 
N 
O 
S 
# 
loop_
_atom_site.group_PDB 
_atom_site.id 
_atom_site.type_symbol 
_atom_site.label_atom_id 
_atom_site.label_alt_id 
_atom_site.label_comp_id 
_atom_site.label_asym_id 
_atom_site.label_entity_id 
_atom_site.label_seq_id 
_atom_site.pdbx_PDB_ins_code 
_atom_site.Cartn_x 
_atom_site.Cartn_y 
_atom_site.Cartn_z 
_atom_site.occupancy 
_atom_site.B_iso_or_equiv 
_atom_site.pdbx_formal_charge 
_atom_site.auth_seq_id 
_atom_site.auth_comp_id 
_atom_site.auth_asym_id 
_atom_site.auth_atom_id 
_atom_site.pdbx_PDB_model_num 
ATOM   1    N N   . SER A 1 1   ? -18.926 -6.911  -18.514 1.00 37.34 ? 979  SER A N   1 
ATOM   2    C CA  . SER A 1 1   ? -18.642 -7.027  -19.936 1.00 40.53 ? 979  SER A CA  1 
ATOM   3    C C   . SER A 1 1   ? -17.155 -7.241  -20.172 1.00 43.19 ? 979  SER A C   1 
ATOM   4    O O   . SER A 1 1   ? -16.348 -7.092  -19.252 1.00 39.64 ? 979  SER A O   1 
ATOM   5    C CB  . SER A 1 1   ? -19.094 -5.773  -20.675 1.00 44.74 ? 979  SER A CB  1 
ATOM   6    O OG  . SER A 1 1   ? -18.407 -4.642  -20.172 1.00 42.49 ? 979  SER A OG  1 
ATOM   7    N N   . MET A 1 2   ? -16.800 -7.564  -21.418 1.00 41.77 ? 980  MET A N   1 
ATOM   8    C CA  . MET A 1 2   ? -15.394 -7.752  -21.762 1.00 42.31 ? 980  MET A CA  1 
ATOM   9    C C   . MET A 1 2   ? -14.615 -6.451  -21.640 1.00 39.68 ? 980  MET A C   1 
ATOM   10   O O   . MET A 1 2   ? -13.461 -6.458  -21.196 1.00 38.23 ? 980  MET A O   1 
ATOM   11   C CB  . MET A 1 2   ? -15.265 -8.317  -23.178 1.00 44.78 ? 980  MET A CB  1 
ATOM   12   N N   . GLN A 1 3   ? -15.227 -5.323  -22.025 1.00 34.50 ? 981  GLN A N   1 
ATOM   13   C CA  . GLN A 1 3   ? -14.545 -4.037  -21.892 1.00 37.67 ? 981  GLN A CA  1 
ATOM   14   C C   . GLN A 1 3   ? -14.255 -3.722  -20.431 1.00 35.50 ? 981  GLN A C   1 
ATOM   15   O O   . GLN A 1 3   ? -13.216 -3.136  -20.113 1.00 32.78 ? 981  GLN A O   1 
ATOM   16   C CB  . GLN A 1 3   ? -15.375 -2.914  -22.512 1.00 40.42 ? 981  GLN A CB  1 
ATOM   17   C CG  . GLN A 1 3   ? -15.458 -2.934  -24.028 1.00 47.62 ? 981  GLN A CG  1 
ATOM   18   C CD  . GLN A 1 3   ? -16.561 -3.842  -24.540 1.00 53.79 ? 981  GLN A CD  1 
ATOM   19   O OE1 . GLN A 1 3   ? -17.241 -4.519  -23.763 1.00 47.45 ? 981  GLN A OE1 1 
ATOM   20   N NE2 . GLN A 1 3   ? -16.748 -3.857  -25.857 1.00 57.84 ? 981  GLN A NE2 1 
ATOM   21   N N   . GLU A 1 4   ? -15.171 -4.086  -19.529 1.00 32.23 ? 982  GLU A N   1 
ATOM   22   C CA  . GLU A 1 4   ? -14.952 -3.823  -18.108 1.00 28.91 ? 982  GLU A CA  1 
ATOM   23   C C   . GLU A 1 4   ? -13.854 -4.723  -17.541 1.00 30.93 ? 982  GLU A C   1 
ATOM   24   O O   . GLU A 1 4   ? -13.020 -4.274  -16.740 1.00 26.95 ? 982  GLU A O   1 
ATOM   25   C CB  . GLU A 1 4   ? -16.265 -4.008  -17.340 1.00 31.38 ? 982  GLU A CB  1 
ATOM   26   C CG  . GLU A 1 4   ? -17.293 -2.921  -17.646 1.00 33.32 ? 982  GLU A CG  1 
ATOM   27   C CD  . GLU A 1 4   ? -18.634 -3.179  -16.994 1.00 37.71 ? 982  GLU A CD  1 
ATOM   28   O OE1 . GLU A 1 4   ? -18.871 -4.337  -16.605 1.00 39.76 ? 982  GLU A OE1 1 
ATOM   29   O OE2 . GLU A 1 4   ? -19.444 -2.229  -16.881 1.00 33.80 ? 982  GLU A OE2 1 
ATOM   30   N N   . GLU A 1 5   ? -13.822 -5.992  -17.950 1.00 30.21 ? 983  GLU A N   1 
ATOM   31   C CA  . GLU A 1 5   ? -12.764 -6.869  -17.460 1.00 30.69 ? 983  GLU A CA  1 
ATOM   32   C C   . GLU A 1 5   ? -11.397 -6.416  -17.970 1.00 26.76 ? 983  GLU A C   1 
ATOM   33   O O   . GLU A 1 5   ? -10.400 -6.514  -17.246 1.00 28.22 ? 983  GLU A O   1 
ATOM   34   C CB  . GLU A 1 5   ? -13.040 -8.320  -17.855 1.00 34.57 ? 983  GLU A CB  1 
ATOM   35   C CG  . GLU A 1 5   ? -14.232 -8.950  -17.131 1.00 34.38 ? 983  GLU A CG  1 
ATOM   36   C CD  . GLU A 1 5   ? -14.257 -8.674  -15.630 1.00 42.89 ? 983  GLU A CD  1 
ATOM   37   O OE1 . GLU A 1 5   ? -15.275 -8.134  -15.136 1.00 46.16 ? 983  GLU A OE1 1 
ATOM   38   O OE2 . GLU A 1 5   ? -13.263 -8.995  -14.939 1.00 48.01 ? 983  GLU A OE2 1 
ATOM   39   N N   . ASP A 1 6   ? -11.337 -5.908  -19.206 1.00 27.83 ? 984  ASP A N   1 
ATOM   40   C CA  . ASP A 1 6   ? -10.101 -5.313  -19.716 1.00 28.52 ? 984  ASP A CA  1 
ATOM   41   C C   . ASP A 1 6   ? -9.672  -4.119  -18.871 1.00 27.94 ? 984  ASP A C   1 
ATOM   42   O O   . ASP A 1 6   ? -8.474  -3.912  -18.637 1.00 25.33 ? 984  ASP A O   1 
ATOM   43   C CB  . ASP A 1 6   ? -10.282 -4.863  -21.168 1.00 31.44 ? 984  ASP A CB  1 
ATOM   44   C CG  . ASP A 1 6   ? -10.133 -5.997  -22.160 1.00 38.60 ? 984  ASP A CG  1 
ATOM   45   O OD1 . ASP A 1 6   ? -9.777  -7.122  -21.758 1.00 42.73 ? 984  ASP A OD1 1 
ATOM   46   O OD2 . ASP A 1 6   ? -10.380 -5.748  -23.354 1.00 43.12 ? 984  ASP A OD2 1 
ATOM   47   N N   . THR A 1 7   ? -10.635 -3.298  -18.447 1.00 25.20 ? 985  THR A N   1 
ATOM   48   C CA  . THR A 1 7   ? -10.325 -2.149  -17.603 1.00 24.80 ? 985  THR A CA  1 
ATOM   49   C C   . THR A 1 7   ? -9.685  -2.596  -16.298 1.00 24.00 ? 985  THR A C   1 
ATOM   50   O O   . THR A 1 7   ? -8.642  -2.072  -15.891 1.00 23.26 ? 985  THR A O   1 
ATOM   51   C CB  . THR A 1 7   ? -11.602 -1.337  -17.331 1.00 24.62 ? 985  THR A CB  1 
ATOM   52   O OG1 . THR A 1 7   ? -12.164 -0.889  -18.577 1.00 25.90 ? 985  THR A OG1 1 
ATOM   53   C CG2 . THR A 1 7   ? -11.305 -0.122  -16.447 1.00 24.18 ? 985  THR A CG2 1 
ATOM   54   N N   . PHE A 1 8   ? -10.296 -3.575  -15.620 1.00 23.02 ? 986  PHE A N   1 
ATOM   55   C CA  . PHE A 1 8   ? -9.722  -4.016  -14.350 1.00 23.73 ? 986  PHE A CA  1 
ATOM   56   C C   . PHE A 1 8   ? -8.381  -4.706  -14.553 1.00 24.31 ? 986  PHE A C   1 
ATOM   57   O O   . PHE A 1 8   ? -7.497  -4.605  -13.692 1.00 23.63 ? 986  PHE A O   1 
ATOM   58   C CB  . PHE A 1 8   ? -10.696 -4.939  -13.615 1.00 24.15 ? 986  PHE A CB  1 
ATOM   59   C CG  . PHE A 1 8   ? -11.929 -4.234  -13.107 1.00 25.74 ? 986  PHE A CG  1 
ATOM   60   C CD1 . PHE A 1 8   ? -11.839 -2.972  -12.527 1.00 27.23 ? 986  PHE A CD1 1 
ATOM   61   C CD2 . PHE A 1 8   ? -13.173 -4.822  -13.230 1.00 30.39 ? 986  PHE A CD2 1 
ATOM   62   C CE1 . PHE A 1 8   ? -12.970 -2.315  -12.053 1.00 30.09 ? 986  PHE A CE1 1 
ATOM   63   C CE2 . PHE A 1 8   ? -14.313 -4.169  -12.766 1.00 29.85 ? 986  PHE A CE2 1 
ATOM   64   C CZ  . PHE A 1 8   ? -14.211 -2.920  -12.176 1.00 30.30 ? 986  PHE A CZ  1 
ATOM   65   N N   . ARG A 1 9   ? -8.193  -5.380  -15.689 1.00 22.32 ? 987  ARG A N   1 
ATOM   66   C CA  . ARG A 1 9   ? -6.898  -5.993  -15.957 1.00 24.11 ? 987  ARG A CA  1 
ATOM   67   C C   . ARG A 1 9   ? -5.813  -4.933  -16.117 1.00 22.45 ? 987  ARG A C   1 
ATOM   68   O O   . ARG A 1 9   ? -4.705  -5.091  -15.585 1.00 23.42 ? 987  ARG A O   1 
ATOM   69   C CB  . ARG A 1 9   ? -6.970  -6.877  -17.197 1.00 24.98 ? 987  ARG A CB  1 
ATOM   70   C CG  . ARG A 1 9   ? -5.666  -7.624  -17.420 1.00 29.23 ? 987  ARG A CG  1 
ATOM   71   C CD  . ARG A 1 9   ? -5.821  -8.796  -18.358 1.00 30.77 ? 987  ARG A CD  1 
ATOM   72   N NE  . ARG A 1 9   ? -4.578  -9.559  -18.418 1.00 38.87 ? 987  ARG A NE  1 
ATOM   73   C CZ  . ARG A 1 9   ? -3.611  -9.370  -19.317 1.00 40.09 ? 987  ARG A CZ  1 
ATOM   74   N NH1 . ARG A 1 9   ? -3.727  -8.439  -20.271 1.00 36.86 ? 987  ARG A NH1 1 
ATOM   75   N NH2 . ARG A 1 9   ? -2.521  -10.127 -19.265 1.00 41.18 ? 987  ARG A NH2 1 
ATOM   76   N N   . GLU A 1 10  ? -6.111  -3.846  -16.841 1.00 20.73 ? 988  GLU A N   1 
ATOM   77   C CA  . GLU A 1 10  ? -5.145  -2.750  -16.945 1.00 21.47 ? 988  GLU A CA  1 
ATOM   78   C C   . GLU A 1 10  ? -4.827  -2.172  -15.565 1.00 23.50 ? 988  GLU A C   1 
ATOM   79   O O   . GLU A 1 10  ? -3.659  -1.894  -15.257 1.00 22.02 ? 988  GLU A O   1 
ATOM   80   C CB  . GLU A 1 10  ? -5.662  -1.652  -17.880 1.00 21.64 ? 988  GLU A CB  1 
ATOM   81   C CG  . GLU A 1 10  ? -4.751  -0.440  -17.899 1.00 22.49 ? 988  GLU A CG  1 
ATOM   82   C CD  . GLU A 1 10  ? -4.975  0.493   -19.068 1.00 28.71 ? 988  GLU A CD  1 
ATOM   83   O OE1 . GLU A 1 10  ? -4.387  1.601   -19.054 1.00 27.65 ? 988  GLU A OE1 1 
ATOM   84   O OE2 . GLU A 1 10  ? -5.721  0.119   -19.999 1.00 28.35 ? 988  GLU A OE2 1 
ATOM   85   N N   . LEU A 1 11  ? -5.842  -2.018  -14.707 1.00 20.73 ? 989  LEU A N   1 
ATOM   86   C CA  . LEU A 1 11  ? -5.572  -1.519  -13.357 1.00 20.89 ? 989  LEU A CA  1 
ATOM   87   C C   . LEU A 1 11  ? -4.613  -2.444  -12.616 1.00 22.43 ? 989  LEU A C   1 
ATOM   88   O O   . LEU A 1 11  ? -3.670  -1.976  -11.968 1.00 21.51 ? 989  LEU A O   1 
ATOM   89   C CB  . LEU A 1 11  ? -6.877  -1.363  -12.569 1.00 22.79 ? 989  LEU A CB  1 
ATOM   90   C CG  . LEU A 1 11  ? -6.680  -0.952  -11.104 1.00 22.45 ? 989  LEU A CG  1 
ATOM   91   C CD1 . LEU A 1 11  ? -6.089  0.458   -10.998 1.00 25.01 ? 989  LEU A CD1 1 
ATOM   92   C CD2 . LEU A 1 11  ? -7.998  -1.044  -10.348 1.00 25.88 ? 989  LEU A CD2 1 
ATOM   93   N N   . ARG A 1 12  ? -4.820  -3.766  -12.718 1.00 22.66 ? 990  ARG A N   1 
ATOM   94   C CA  . ARG A 1 12  ? -3.936  -4.701  -12.017 1.00 21.68 ? 990  ARG A CA  1 
ATOM   95   C C   . ARG A 1 12  ? -2.502  -4.582  -12.513 1.00 19.68 ? 990  ARG A C   1 
ATOM   96   O O   . ARG A 1 12  ? -1.555  -4.593  -11.711 1.00 21.54 ? 990  ARG A O   1 
ATOM   97   C CB  . ARG A 1 12  ? -4.450  -6.135  -12.162 1.00 21.59 ? 990  ARG A CB  1 
ATOM   98   C CG  . ARG A 1 12  ? -5.738  -6.369  -11.381 1.00 22.83 ? 990  ARG A CG  1 
ATOM   99   C CD  . ARG A 1 12  ? -6.097  -7.853  -11.286 1.00 25.02 ? 990  ARG A CD  1 
ATOM   100  N NE  . ARG A 1 12  ? -6.279  -8.491  -12.598 1.00 26.33 ? 990  ARG A NE  1 
ATOM   101  C CZ  . ARG A 1 12  ? -7.444  -8.542  -13.248 1.00 27.09 ? 990  ARG A CZ  1 
ATOM   102  N NH1 . ARG A 1 12  ? -8.529  -7.981  -12.728 1.00 25.76 ? 990  ARG A NH1 1 
ATOM   103  N NH2 . ARG A 1 12  ? -7.524  -9.148  -14.424 1.00 28.82 ? 990  ARG A NH2 1 
ATOM   104  N N   . ILE A 1 13  ? -2.321  -4.447  -13.835 1.00 21.09 ? 991  ILE A N   1 
ATOM   105  C CA  . ILE A 1 13  ? -0.982  -4.292  -14.400 1.00 20.32 ? 991  ILE A CA  1 
ATOM   106  C C   . ILE A 1 13  ? -0.327  -3.028  -13.863 1.00 20.87 ? 991  ILE A C   1 
ATOM   107  O O   . ILE A 1 13  ? 0.847   -3.041  -13.454 1.00 20.92 ? 991  ILE A O   1 
ATOM   108  C CB  . ILE A 1 13  ? -1.057  -4.294  -15.938 1.00 21.00 ? 991  ILE A CB  1 
ATOM   109  C CG1 . ILE A 1 13  ? -1.494  -5.683  -16.419 1.00 26.29 ? 991  ILE A CG1 1 
ATOM   110  C CG2 . ILE A 1 13  ? 0.296   -3.916  -16.554 1.00 22.65 ? 991  ILE A CG2 1 
ATOM   111  C CD1 . ILE A 1 13  ? -1.969  -5.718  -17.863 1.00 24.39 ? 991  ILE A CD1 1 
ATOM   112  N N   . PHE A 1 14  ? -1.083  -1.929  -13.830 1.00 20.08 ? 992  PHE A N   1 
ATOM   113  C CA  . PHE A 1 14  ? -0.567  -0.675  -13.297 1.00 21.30 ? 992  PHE A CA  1 
ATOM   114  C C   . PHE A 1 14  ? -0.189  -0.817  -11.824 1.00 21.58 ? 992  PHE A C   1 
ATOM   115  O O   . PHE A 1 14  ? 0.895   -0.392  -11.409 1.00 21.66 ? 992  PHE A O   1 
ATOM   116  C CB  . PHE A 1 14  ? -1.607  0.432   -13.481 1.00 22.77 ? 992  PHE A CB  1 
ATOM   117  C CG  . PHE A 1 14  ? -1.241  1.715   -12.800 1.00 23.91 ? 992  PHE A CG  1 
ATOM   118  C CD1 . PHE A 1 14  ? -0.316  2.569   -13.368 1.00 26.71 ? 992  PHE A CD1 1 
ATOM   119  C CD2 . PHE A 1 14  ? -1.796  2.043   -11.574 1.00 24.99 ? 992  PHE A CD2 1 
ATOM   120  C CE1 . PHE A 1 14  ? 0.039   3.757   -12.733 1.00 30.09 ? 992  PHE A CE1 1 
ATOM   121  C CE2 . PHE A 1 14  ? -1.444  3.237   -10.930 1.00 26.77 ? 992  PHE A CE2 1 
ATOM   122  C CZ  . PHE A 1 14  ? -0.532  4.080   -11.509 1.00 22.74 ? 992  PHE A CZ  1 
ATOM   123  N N   . LEU A 1 15  ? -1.056  -1.446  -11.022 1.00 22.38 ? 993  LEU A N   1 
ATOM   124  C CA  . LEU A 1 15  ? -0.782  -1.566  -9.587  1.00 21.10 ? 993  LEU A CA  1 
ATOM   125  C C   . LEU A 1 15  ? 0.402   -2.484  -9.303  1.00 19.61 ? 993  LEU A C   1 
ATOM   126  O O   . LEU A 1 15  ? 1.157   -2.244  -8.351  1.00 23.03 ? 993  LEU A O   1 
ATOM   127  C CB  . LEU A 1 15  ? -2.025  -2.060  -8.845  1.00 21.04 ? 993  LEU A CB  1 
ATOM   128  C CG  . LEU A 1 15  ? -3.228  -1.119  -8.890  1.00 20.81 ? 993  LEU A CG  1 
ATOM   129  C CD1 . LEU A 1 15  ? -4.423  -1.748  -8.129  1.00 23.71 ? 993  LEU A CD1 1 
ATOM   130  C CD2 . LEU A 1 15  ? -2.881  0.235   -8.292  1.00 22.61 ? 993  LEU A CD2 1 
ATOM   131  N N   . ARG A 1 16  ? 0.576   -3.551  -10.088 1.00 20.64 ? 994  ARG A N   1 
ATOM   132  C CA  . ARG A 1 16  ? 1.757   -4.397  -9.907  1.00 21.67 ? 994  ARG A CA  1 
ATOM   133  C C   . ARG A 1 16  ? 3.026   -3.613  -10.184 1.00 23.34 ? 994  ARG A C   1 
ATOM   134  O O   . ARG A 1 16  ? 4.029   -3.754  -9.473  1.00 24.28 ? 994  ARG A O   1 
ATOM   135  C CB  . ARG A 1 16  ? 1.710   -5.609  -10.839 1.00 24.48 ? 994  ARG A CB  1 
ATOM   136  C CG  . ARG A 1 16  ? 0.805   -6.695  -10.390 1.00 28.18 ? 994  ARG A CG  1 
ATOM   137  C CD  . ARG A 1 16  ? 0.954   -7.945  -11.258 1.00 25.98 ? 994  ARG A CD  1 
ATOM   138  N NE  . ARG A 1 16  ? -0.265  -8.722  -11.130 1.00 28.96 ? 994  ARG A NE  1 
ATOM   139  C CZ  . ARG A 1 16  ? -1.251  -8.723  -12.015 1.00 28.46 ? 994  ARG A CZ  1 
ATOM   140  N NH1 . ARG A 1 16  ? -1.143  -8.022  -13.139 1.00 26.69 ? 994  ARG A NH1 1 
ATOM   141  N NH2 . ARG A 1 16  ? -2.343  -9.430  -11.773 1.00 29.48 ? 994  ARG A NH2 1 
ATOM   142  N N   . ASN A 1 17  ? 2.997   -2.779  -11.219 1.00 20.34 ? 995  ASN A N   1 
ATOM   143  C CA  . ASN A 1 17  ? 4.173   -1.992  -11.562 1.00 20.93 ? 995  ASN A CA  1 
ATOM   144  C C   . ASN A 1 17  ? 4.513   -0.974  -10.471 1.00 21.04 ? 995  ASN A C   1 
ATOM   145  O O   . ASN A 1 17  ? 5.675   -0.874  -10.055 1.00 22.06 ? 995  ASN A O   1 
ATOM   146  C CB  . ASN A 1 17  ? 3.960   -1.303  -12.895 1.00 22.78 ? 995  ASN A CB  1 
ATOM   147  C CG  . ASN A 1 17  ? 5.119   -0.436  -13.244 1.00 26.24 ? 995  ASN A CG  1 
ATOM   148  O OD1 . ASN A 1 17  ? 5.094   0.749   -12.993 1.00 26.12 ? 995  ASN A OD1 1 
ATOM   149  N ND2 . ASN A 1 17  ? 6.183   -1.044  -13.765 1.00 29.60 ? 995  ASN A ND2 1 
ATOM   150  N N   . VAL A 1 18  ? 3.519   -0.230  -9.982  1.00 20.87 ? 996  VAL A N   1 
ATOM   151  C CA  . VAL A 1 18  ? 3.765   0.699   -8.873  1.00 21.08 ? 996  VAL A CA  1 
ATOM   152  C C   . VAL A 1 18  ? 4.299   -0.055  -7.659  1.00 21.21 ? 996  VAL A C   1 
ATOM   153  O O   . VAL A 1 18  ? 5.275   0.366   -7.026  1.00 21.68 ? 996  VAL A O   1 
ATOM   154  C CB  . VAL A 1 18  ? 2.484   1.473   -8.511  1.00 22.72 ? 996  VAL A CB  1 
ATOM   155  C CG1 . VAL A 1 18  ? 2.719   2.343   -7.258  1.00 21.82 ? 996  VAL A CG1 1 
ATOM   156  C CG2 . VAL A 1 18  ? 2.022   2.329   -9.677  1.00 23.42 ? 996  VAL A CG2 1 
ATOM   157  N N   . THR A 1 19  ? 3.646   -1.162  -7.297  1.00 20.98 ? 997  THR A N   1 
ATOM   158  C CA  . THR A 1 19  ? 4.040   -1.877  -6.082  1.00 22.05 ? 997  THR A CA  1 
ATOM   159  C C   . THR A 1 19  ? 5.463   -2.408  -6.194  1.00 24.49 ? 997  THR A C   1 
ATOM   160  O O   . THR A 1 19  ? 6.233   -2.348  -5.226  1.00 22.93 ? 997  THR A O   1 
ATOM   161  C CB  . THR A 1 19  ? 3.057   -3.008  -5.783  1.00 20.78 ? 997  THR A CB  1 
ATOM   162  O OG1 . THR A 1 19  ? 1.723   -2.480  -5.774  1.00 21.93 ? 997  THR A OG1 1 
ATOM   163  C CG2 . THR A 1 19  ? 3.358   -3.627  -4.408  1.00 22.48 ? 997  THR A CG2 1 
ATOM   164  N N   . HIS A 1 20  ? 5.844   -2.917  -7.371  1.00 21.05 ? 998  HIS A N   1 
ATOM   165  C CA  A HIS A 1 20  ? 7.220   -3.361  -7.574  0.55 24.12 ? 998  HIS A CA  1 
ATOM   166  C CA  B HIS A 1 20  ? 7.219   -3.367  -7.546  0.45 24.14 ? 998  HIS A CA  1 
ATOM   167  C C   . HIS A 1 20  ? 8.204   -2.218  -7.369  1.00 23.14 ? 998  HIS A C   1 
ATOM   168  O O   . HIS A 1 20  ? 9.260   -2.394  -6.749  1.00 23.93 ? 998  HIS A O   1 
ATOM   169  C CB  A HIS A 1 20  ? 7.379   -3.947  -8.978  0.55 25.02 ? 998  HIS A CB  1 
ATOM   170  C CB  B HIS A 1 20  ? 7.390   -4.028  -8.912  0.45 24.97 ? 998  HIS A CB  1 
ATOM   171  C CG  A HIS A 1 20  ? 8.741   -4.508  -9.249  0.55 26.04 ? 998  HIS A CG  1 
ATOM   172  C CG  B HIS A 1 20  ? 6.779   -5.393  -9.001  0.45 25.46 ? 998  HIS A CG  1 
ATOM   173  N ND1 A HIS A 1 20  ? 9.591   -3.982  -10.200 0.55 33.07 ? 998  HIS A ND1 1 
ATOM   174  N ND1 B HIS A 1 20  ? 6.431   -5.976  -10.202 0.45 27.74 ? 998  HIS A ND1 1 
ATOM   175  C CD2 A HIS A 1 20  ? 9.396   -5.556  -8.697  0.55 28.69 ? 998  HIS A CD2 1 
ATOM   176  C CD2 B HIS A 1 20  ? 6.455   -6.290  -8.040  0.45 27.58 ? 998  HIS A CD2 1 
ATOM   177  C CE1 A HIS A 1 20  ? 10.714  -4.679  -10.216 0.55 29.78 ? 998  HIS A CE1 1 
ATOM   178  C CE1 B HIS A 1 20  ? 5.913   -7.171  -9.975  0.45 28.24 ? 998  HIS A CE1 1 
ATOM   179  N NE2 A HIS A 1 20  ? 10.622  -5.638  -9.313  0.55 32.50 ? 998  HIS A NE2 1 
ATOM   180  N NE2 B HIS A 1 20  ? 5.916   -7.386  -8.672  0.45 28.72 ? 998  HIS A NE2 1 
ATOM   181  N N   . ARG A 1 21  ? 7.881   -1.033  -7.896  1.00 21.88 ? 999  ARG A N   1 
ATOM   182  C CA  . ARG A 1 21  ? 8.789   0.101   -7.744  1.00 21.85 ? 999  ARG A CA  1 
ATOM   183  C C   . ARG A 1 21  ? 8.931   0.530   -6.283  1.00 25.37 ? 999  ARG A C   1 
ATOM   184  O O   . ARG A 1 21  ? 10.006  0.986   -5.874  1.00 27.67 ? 999  ARG A O   1 
ATOM   185  C CB  . ARG A 1 21  ? 8.325   1.260   -8.618  1.00 22.34 ? 999  ARG A CB  1 
ATOM   186  C CG  . ARG A 1 21  ? 8.616   0.998   -10.110 1.00 26.07 ? 999  ARG A CG  1 
ATOM   187  C CD  . ARG A 1 21  ? 7.606   1.680   -11.019 1.00 25.19 ? 999  ARG A CD  1 
ATOM   188  N NE  . ARG A 1 21  ? 7.747   3.122   -10.978 1.00 25.26 ? 999  ARG A NE  1 
ATOM   189  C CZ  . ARG A 1 21  ? 6.919   3.966   -11.587 1.00 21.79 ? 999  ARG A CZ  1 
ATOM   190  N NH1 . ARG A 1 21  ? 5.876   3.506   -12.271 1.00 23.72 ? 999  ARG A NH1 1 
ATOM   191  N NH2 . ARG A 1 21  ? 7.134   5.261   -11.509 1.00 24.62 ? 999  ARG A NH2 1 
ATOM   192  N N   . LEU A 1 22  ? 7.873   0.397   -5.486  1.00 23.28 ? 1000 LEU A N   1 
ATOM   193  C CA  . LEU A 1 22  ? 8.012   0.665   -4.054  1.00 22.54 ? 1000 LEU A CA  1 
ATOM   194  C C   . LEU A 1 22  ? 8.840   -0.417  -3.372  1.00 24.09 ? 1000 LEU A C   1 
ATOM   195  O O   . LEU A 1 22  ? 9.705   -0.115  -2.536  1.00 23.60 ? 1000 LEU A O   1 
ATOM   196  C CB  . LEU A 1 22  ? 6.625   0.779   -3.406  1.00 22.55 ? 1000 LEU A CB  1 
ATOM   197  C CG  . LEU A 1 22  ? 5.696   1.851   -3.970  1.00 21.44 ? 1000 LEU A CG  1 
ATOM   198  C CD1 . LEU A 1 22  ? 4.300   1.724   -3.333  1.00 23.85 ? 1000 LEU A CD1 1 
ATOM   199  C CD2 . LEU A 1 22  ? 6.268   3.245   -3.751  1.00 25.17 ? 1000 LEU A CD2 1 
ATOM   200  N N   . ALA A 1 23  ? 8.619   -1.681  -3.737  1.00 23.46 ? 1001 ALA A N   1 
ATOM   201  C CA  . ALA A 1 23  ? 9.221   -2.791  -3.009  1.00 25.19 ? 1001 ALA A CA  1 
ATOM   202  C C   . ALA A 1 23  ? 10.720  -2.915  -3.247  1.00 26.60 ? 1001 ALA A C   1 
ATOM   203  O O   . ALA A 1 23  ? 11.411  -3.488  -2.399  1.00 28.71 ? 1001 ALA A O   1 
ATOM   204  C CB  . ALA A 1 23  ? 8.531   -4.106  -3.373  1.00 27.90 ? 1001 ALA A CB  1 
ATOM   205  N N   . ILE A 1 24  ? 11.243  -2.402  -4.368  1.00 26.49 ? 1002 ILE A N   1 
ATOM   206  C CA  . ILE A 1 24  ? 12.688  -2.459  -4.597  1.00 25.76 ? 1002 ILE A CA  1 
ATOM   207  C C   . ILE A 1 24  ? 13.420  -1.245  -4.040  1.00 31.78 ? 1002 ILE A C   1 
ATOM   208  O O   . ILE A 1 24  ? 14.663  -1.220  -4.057  1.00 32.45 ? 1002 ILE A O   1 
ATOM   209  C CB  . ILE A 1 24  ? 13.017  -2.608  -6.097  1.00 28.33 ? 1002 ILE A CB  1 
ATOM   210  C CG1 . ILE A 1 24  ? 12.587  -1.359  -6.859  1.00 28.47 ? 1002 ILE A CG1 1 
ATOM   211  C CG2 . ILE A 1 24  ? 12.348  -3.858  -6.663  1.00 33.82 ? 1002 ILE A CG2 1 
ATOM   212  C CD1 . ILE A 1 24  ? 12.983  -1.373  -8.317  1.00 36.65 ? 1002 ILE A CD1 1 
ATOM   213  N N   . ASP A 1 25  ? 12.700  -0.238  -3.557  1.00 28.18 ? 1003 ASP A N   1 
ATOM   214  C CA  . ASP A 1 25  ? 13.320  0.942   -2.961  1.00 29.22 ? 1003 ASP A CA  1 
ATOM   215  C C   . ASP A 1 25  ? 13.904  0.574   -1.595  1.00 30.17 ? 1003 ASP A C   1 
ATOM   216  O O   . ASP A 1 25  ? 13.183  0.098   -0.712  1.00 28.36 ? 1003 ASP A O   1 
ATOM   217  C CB  . ASP A 1 25  ? 12.270  2.052   -2.853  1.00 29.84 ? 1003 ASP A CB  1 
ATOM   218  C CG  . ASP A 1 25  ? 12.851  3.412   -2.479  1.00 30.47 ? 1003 ASP A CG  1 
ATOM   219  O OD1 . ASP A 1 25  ? 13.674  3.492   -1.547  1.00 32.07 ? 1003 ASP A OD1 1 
ATOM   220  O OD2 . ASP A 1 25  ? 12.454  4.416   -3.111  1.00 32.56 ? 1003 ASP A OD2 1 
ATOM   221  N N   . LYS A 1 26  ? 15.216  0.780   -1.423  1.00 29.87 ? 1004 LYS A N   1 
ATOM   222  C CA  . LYS A 1 26  ? 15.885  0.391   -0.179  1.00 29.13 ? 1004 LYS A CA  1 
ATOM   223  C C   . LYS A 1 26  ? 15.220  0.982   1.061   1.00 28.23 ? 1004 LYS A C   1 
ATOM   224  O O   . LYS A 1 26  ? 15.218  0.345   2.123   1.00 31.51 ? 1004 LYS A O   1 
ATOM   225  C CB  . LYS A 1 26  ? 17.357  0.819   -0.220  1.00 34.57 ? 1004 LYS A CB  1 
ATOM   226  C CG  . LYS A 1 26  ? 18.266  -0.173  -0.921  1.00 41.55 ? 1004 LYS A CG  1 
ATOM   227  N N   . ARG A 1 27  ? 14.665  2.190   0.950   1.00 29.70 ? 1005 ARG A N   1 
ATOM   228  C CA  . ARG A 1 27  ? 14.049  2.847   2.103   1.00 28.95 ? 1005 ARG A CA  1 
ATOM   229  C C   . ARG A 1 27  ? 12.866  2.060   2.632   1.00 27.63 ? 1005 ARG A C   1 
ATOM   230  O O   . ARG A 1 27  ? 12.521  2.178   3.813   1.00 28.33 ? 1005 ARG A O   1 
ATOM   231  C CB  . ARG A 1 27  ? 13.570  4.249   1.731   1.00 29.30 ? 1005 ARG A CB  1 
ATOM   232  C CG  . ARG A 1 27  ? 14.668  5.246   1.409   1.00 31.93 ? 1005 ARG A CG  1 
ATOM   233  C CD  . ARG A 1 27  ? 14.059  6.525   0.890   1.00 31.21 ? 1005 ARG A CD  1 
ATOM   234  N NE  . ARG A 1 27  ? 13.373  6.314   -0.381  1.00 30.49 ? 1005 ARG A NE  1 
ATOM   235  C CZ  . ARG A 1 27  ? 12.533  7.186   -0.923  1.00 30.80 ? 1005 ARG A CZ  1 
ATOM   236  N NH1 . ARG A 1 27  ? 12.268  8.328   -0.299  1.00 33.56 ? 1005 ARG A NH1 1 
ATOM   237  N NH2 . ARG A 1 27  ? 11.955  6.922   -2.087  1.00 32.35 ? 1005 ARG A NH2 1 
ATOM   238  N N   . PHE A 1 28  ? 12.217  1.279   1.777   1.00 25.70 ? 1006 PHE A N   1 
ATOM   239  C CA  . PHE A 1 28  ? 10.946  0.665   2.130   1.00 27.19 ? 1006 PHE A CA  1 
ATOM   240  C C   . PHE A 1 28  ? 11.082  -0.814  2.431   1.00 28.14 ? 1006 PHE A C   1 
ATOM   241  O O   . PHE A 1 28  ? 10.068  -1.513  2.505   1.00 26.24 ? 1006 PHE A O   1 
ATOM   242  C CB  . PHE A 1 28  ? 9.928   0.908   1.007   1.00 26.22 ? 1006 PHE A CB  1 
ATOM   243  C CG  . PHE A 1 28  ? 9.787   2.362   0.631   1.00 26.64 ? 1006 PHE A CG  1 
ATOM   244  C CD1 . PHE A 1 28  ? 9.898   3.363   1.596   1.00 27.20 ? 1006 PHE A CD1 1 
ATOM   245  C CD2 . PHE A 1 28  ? 9.538   2.733   -0.683  1.00 24.38 ? 1006 PHE A CD2 1 
ATOM   246  C CE1 . PHE A 1 28  ? 9.778   4.700   1.254   1.00 26.37 ? 1006 PHE A CE1 1 
ATOM   247  C CE2 . PHE A 1 28  ? 9.421   4.052   -1.039  1.00 23.06 ? 1006 PHE A CE2 1 
ATOM   248  C CZ  . PHE A 1 28  ? 9.540   5.055   -0.081  1.00 26.79 ? 1006 PHE A CZ  1 
ATOM   249  N N   . ARG A 1 29  ? 12.306  -1.313  2.629   1.00 26.96 ? 1007 ARG A N   1 
ATOM   250  C CA  . ARG A 1 29  ? 12.451  -2.742  2.861   1.00 26.63 ? 1007 ARG A CA  1 
ATOM   251  C C   . ARG A 1 29  ? 11.717  -3.179  4.123   1.00 26.50 ? 1007 ARG A C   1 
ATOM   252  O O   . ARG A 1 29  ? 11.216  -4.304  4.185   1.00 29.19 ? 1007 ARG A O   1 
ATOM   253  C CB  . ARG A 1 29  ? 13.930  -3.128  2.921   1.00 33.17 ? 1007 ARG A CB  1 
ATOM   254  C CG  . ARG A 1 29  ? 14.123  -4.632  2.967   1.00 40.84 ? 1007 ARG A CG  1 
ATOM   255  C CD  . ARG A 1 29  ? 15.382  -5.058  3.691   1.00 56.40 ? 1007 ARG A CD  1 
ATOM   256  N NE  . ARG A 1 29  ? 15.844  -6.348  3.188   1.00 67.88 ? 1007 ARG A NE  1 
ATOM   257  C CZ  . ARG A 1 29  ? 16.940  -6.518  2.458   1.00 78.11 ? 1007 ARG A CZ  1 
ATOM   258  N NH1 . ARG A 1 29  ? 17.690  -5.471  2.144   1.00 81.89 ? 1007 ARG A NH1 1 
ATOM   259  N NH2 . ARG A 1 29  ? 17.284  -7.730  2.037   1.00 80.44 ? 1007 ARG A NH2 1 
ATOM   260  N N   . VAL A 1 30  ? 11.606  -2.299  5.123   1.00 27.41 ? 1008 VAL A N   1 
ATOM   261  C CA  . VAL A 1 30  ? 10.880  -2.621  6.354   1.00 29.29 ? 1008 VAL A CA  1 
ATOM   262  C C   . VAL A 1 30  ? 9.406   -2.927  6.086   1.00 30.80 ? 1008 VAL A C   1 
ATOM   263  O O   . VAL A 1 30  ? 8.734   -3.539  6.927   1.00 33.14 ? 1008 VAL A O   1 
ATOM   264  C CB  . VAL A 1 30  ? 11.059  -1.446  7.347   1.00 29.71 ? 1008 VAL A CB  1 
ATOM   265  C CG1 . VAL A 1 30  ? 10.454  -0.158  6.790   1.00 28.36 ? 1008 VAL A CG1 1 
ATOM   266  C CG2 . VAL A 1 30  ? 10.478  -1.762  8.702   1.00 38.69 ? 1008 VAL A CG2 1 
ATOM   267  N N   . PHE A 1 31  ? 8.887   -2.532  4.926   1.00 25.69 ? 1009 PHE A N   1 
ATOM   268  C CA  . PHE A 1 31  ? 7.475   -2.708  4.602   1.00 27.83 ? 1009 PHE A CA  1 
ATOM   269  C C   . PHE A 1 31  ? 7.234   -3.809  3.575   1.00 29.38 ? 1009 PHE A C   1 
ATOM   270  O O   . PHE A 1 31  ? 6.104   -3.952  3.091   1.00 28.25 ? 1009 PHE A O   1 
ATOM   271  C CB  . PHE A 1 31  ? 6.883   -1.386  4.093   1.00 26.97 ? 1009 PHE A CB  1 
ATOM   272  C CG  . PHE A 1 31  ? 7.135   -0.209  5.005   1.00 27.84 ? 1009 PHE A CG  1 
ATOM   273  C CD1 . PHE A 1 31  ? 6.697   -0.225  6.322   1.00 26.52 ? 1009 PHE A CD1 1 
ATOM   274  C CD2 . PHE A 1 31  ? 7.815   0.906   4.543   1.00 26.82 ? 1009 PHE A CD2 1 
ATOM   275  C CE1 . PHE A 1 31  ? 6.931   0.853   7.160   1.00 26.74 ? 1009 PHE A CE1 1 
ATOM   276  C CE2 . PHE A 1 31  ? 8.060   1.995   5.373   1.00 28.98 ? 1009 PHE A CE2 1 
ATOM   277  C CZ  . PHE A 1 31  ? 7.608   1.968   6.687   1.00 26.05 ? 1009 PHE A CZ  1 
ATOM   278  N N   . THR A 1 32  ? 8.256   -4.593  3.223   1.00 26.97 ? 1010 THR A N   1 
ATOM   279  C CA  . THR A 1 32  ? 8.082   -5.534  2.120   1.00 30.49 ? 1010 THR A CA  1 
ATOM   280  C C   . THR A 1 32  ? 7.526   -6.884  2.547   1.00 33.16 ? 1010 THR A C   1 
ATOM   281  O O   . THR A 1 32  ? 7.013   -7.614  1.690   1.00 34.42 ? 1010 THR A O   1 
ATOM   282  C CB  . THR A 1 32  ? 9.394   -5.771  1.359   1.00 32.07 ? 1010 THR A CB  1 
ATOM   283  O OG1 . THR A 1 32  ? 10.409  -6.254  2.251   1.00 31.82 ? 1010 THR A OG1 1 
ATOM   284  C CG2 . THR A 1 32  ? 9.859   -4.495  0.647   1.00 32.02 ? 1010 THR A CG2 1 
ATOM   285  N N   . LYS A 1 33  ? 7.604   -7.233  3.823   1.00 31.19 ? 1011 LYS A N   1 
ATOM   286  C CA  . LYS A 1 33  ? 7.159   -8.530  4.310   1.00 35.13 ? 1011 LYS A CA  1 
ATOM   287  C C   . LYS A 1 33  ? 6.407   -8.341  5.617   1.00 33.51 ? 1011 LYS A C   1 
ATOM   288  O O   . LYS A 1 33  ? 6.597   -7.335  6.312   1.00 32.40 ? 1011 LYS A O   1 
ATOM   289  C CB  . LYS A 1 33  ? 8.346   -9.485  4.510   1.00 38.09 ? 1011 LYS A CB  1 
ATOM   290  C CG  . LYS A 1 33  ? 8.929   -9.998  3.195   1.00 40.06 ? 1011 LYS A CG  1 
ATOM   291  C CD  . LYS A 1 33  ? 10.071  -10.978 3.429   1.00 50.98 ? 1011 LYS A CD  1 
ATOM   292  N N   . PRO A 1 34  ? 5.537   -9.286  5.977   1.00 37.20 ? 1012 PRO A N   1 
ATOM   293  C CA  . PRO A 1 34  ? 4.818   -9.173  7.252   1.00 39.13 ? 1012 PRO A CA  1 
ATOM   294  C C   . PRO A 1 34  ? 5.770   -9.184  8.441   1.00 38.99 ? 1012 PRO A C   1 
ATOM   295  O O   . PRO A 1 34  ? 6.890   -9.687  8.373   1.00 43.43 ? 1012 PRO A O   1 
ATOM   296  C CB  . PRO A 1 34  ? 3.912   -10.410 7.265   1.00 37.57 ? 1012 PRO A CB  1 
ATOM   297  C CG  . PRO A 1 34  ? 3.807   -10.836 5.838   1.00 39.41 ? 1012 PRO A CG  1 
ATOM   298  C CD  . PRO A 1 34  ? 5.118   -10.470 5.206   1.00 36.39 ? 1012 PRO A CD  1 
ATOM   299  N N   . VAL A 1 35  ? 5.297   -8.623  9.554   1.00 43.61 ? 1013 VAL A N   1 
ATOM   300  C CA  . VAL A 1 35  ? 6.047   -8.687  10.803  1.00 48.85 ? 1013 VAL A CA  1 
ATOM   301  C C   . VAL A 1 35  ? 5.923   -10.083 11.404  1.00 58.96 ? 1013 VAL A C   1 
ATOM   302  O O   . VAL A 1 35  ? 4.829   -10.662 11.457  1.00 58.26 ? 1013 VAL A O   1 
ATOM   303  C CB  . VAL A 1 35  ? 5.541   -7.614  11.783  1.00 47.81 ? 1013 VAL A CB  1 
ATOM   304  C CG1 . VAL A 1 35  ? 6.231   -7.751  13.132  1.00 50.81 ? 1013 VAL A CG1 1 
ATOM   305  C CG2 . VAL A 1 35  ? 5.760   -6.226  11.206  1.00 44.32 ? 1013 VAL A CG2 1 
ATOM   306  N N   . ASP A 1 36  ? 7.071   -10.641 11.874  1.00 63.62 ? 1014 ASP A N   1 
ATOM   307  C CA  . ASP A 1 36  ? 7.115   -11.990 12.445  1.00 69.81 ? 1014 ASP A CA  1 
ATOM   308  C C   . ASP A 1 36  ? 6.763   -11.948 13.929  1.00 74.40 ? 1014 ASP A C   1 
ATOM   309  O O   . ASP A 1 36  ? 7.380   -11.187 14.685  1.00 73.71 ? 1014 ASP A O   1 
ATOM   310  C CB  . ASP A 1 36  ? 8.492   -12.613 12.260  1.00 71.26 ? 1014 ASP A CB  1 
ATOM   311  C CG  . ASP A 1 36  ? 8.501   -14.110 12.534  1.00 79.51 ? 1014 ASP A CG  1 
ATOM   312  O OD1 . ASP A 1 36  ? 8.307   -14.514 13.702  1.00 81.20 ? 1014 ASP A OD1 1 
ATOM   313  O OD2 . ASP A 1 36  ? 8.703   -14.886 11.576  1.00 81.47 ? 1014 ASP A OD2 1 
ATOM   314  N N   . PRO A 1 37  ? 5.801   -12.760 14.382  1.00 78.88 ? 1015 PRO A N   1 
ATOM   315  C CA  . PRO A 1 37  ? 5.395   -12.689 15.796  1.00 79.78 ? 1015 PRO A CA  1 
ATOM   316  C C   . PRO A 1 37  ? 6.488   -13.117 16.760  1.00 80.74 ? 1015 PRO A C   1 
ATOM   317  O O   . PRO A 1 37  ? 6.491   -12.665 17.912  1.00 80.02 ? 1015 PRO A O   1 
ATOM   318  C CB  . PRO A 1 37  ? 4.183   -13.628 15.859  1.00 81.50 ? 1015 PRO A CB  1 
ATOM   319  C CG  . PRO A 1 37  ? 4.405   -14.600 14.738  1.00 81.20 ? 1015 PRO A CG  1 
ATOM   320  C CD  . PRO A 1 37  ? 5.083   -13.816 13.645  1.00 78.15 ? 1015 PRO A CD  1 
ATOM   321  N N   . ASP A 1 38  ? 7.411   -13.981 16.330  1.00 83.03 ? 1016 ASP A N   1 
ATOM   322  C CA  . ASP A 1 38  ? 8.536   -14.344 17.185  1.00 83.27 ? 1016 ASP A CA  1 
ATOM   323  C C   . ASP A 1 38  ? 9.544   -13.205 17.266  1.00 81.82 ? 1016 ASP A C   1 
ATOM   324  O O   . ASP A 1 38  ? 10.024  -12.864 18.354  1.00 82.44 ? 1016 ASP A O   1 
ATOM   325  C CB  . ASP A 1 38  ? 9.201   -15.619 16.665  1.00 84.18 ? 1016 ASP A CB  1 
ATOM   326  N N   . GLU A 1 39  ? 9.876   -12.602 16.122  1.00 79.79 ? 1017 GLU A N   1 
ATOM   327  C CA  . GLU A 1 39  ? 10.820  -11.490 16.122  1.00 75.52 ? 1017 GLU A CA  1 
ATOM   328  C C   . GLU A 1 39  ? 10.253  -10.281 16.856  1.00 76.92 ? 1017 GLU A C   1 
ATOM   329  O O   . GLU A 1 39  ? 10.995  -9.554  17.526  1.00 80.45 ? 1017 GLU A O   1 
ATOM   330  C CB  . GLU A 1 39  ? 11.197  -11.122 14.687  1.00 77.97 ? 1017 GLU A CB  1 
ATOM   331  N N   . VAL A 1 40  ? 8.948   -10.046 16.742  1.00 75.18 ? 1018 VAL A N   1 
ATOM   332  C CA  . VAL A 1 40  ? 8.304   -8.899  17.384  1.00 70.71 ? 1018 VAL A CA  1 
ATOM   333  C C   . VAL A 1 40  ? 7.011   -9.354  18.052  1.00 70.92 ? 1018 VAL A C   1 
ATOM   334  O O   . VAL A 1 40  ? 5.991   -9.538  17.370  1.00 69.80 ? 1018 VAL A O   1 
ATOM   335  C CB  . VAL A 1 40  ? 8.027   -7.774  16.374  1.00 65.57 ? 1018 VAL A CB  1 
ATOM   336  C CG1 . VAL A 1 40  ? 7.308   -6.631  17.057  1.00 61.36 ? 1018 VAL A CG1 1 
ATOM   337  C CG2 . VAL A 1 40  ? 9.321   -7.286  15.737  1.00 65.40 ? 1018 VAL A CG2 1 
ATOM   338  N N   . PRO A 1 41  ? 6.994   -9.529  19.376  1.00 69.18 ? 1019 PRO A N   1 
ATOM   339  C CA  . PRO A 1 41  ? 5.804   -10.094 20.028  1.00 62.82 ? 1019 PRO A CA  1 
ATOM   340  C C   . PRO A 1 41  ? 4.745   -9.056  20.368  1.00 60.89 ? 1019 PRO A C   1 
ATOM   341  O O   . PRO A 1 41  ? 3.549   -9.371  20.389  1.00 62.47 ? 1019 PRO A O   1 
ATOM   342  C CB  . PRO A 1 41  ? 6.377   -10.746 21.295  1.00 66.04 ? 1019 PRO A CB  1 
ATOM   343  C CG  . PRO A 1 41  ? 7.741   -10.104 21.512  1.00 67.45 ? 1019 PRO A CG  1 
ATOM   344  C CD  . PRO A 1 41  ? 8.061   -9.213  20.340  1.00 68.50 ? 1019 PRO A CD  1 
ATOM   345  N N   . ASP A 1 42  ? 5.161   -7.819  20.637  1.00 56.20 ? 1020 ASP A N   1 
ATOM   346  C CA  . ASP A 1 42  ? 4.222   -6.780  21.038  1.00 52.25 ? 1020 ASP A CA  1 
ATOM   347  C C   . ASP A 1 42  ? 3.546   -6.094  19.858  1.00 51.75 ? 1020 ASP A C   1 
ATOM   348  O O   . ASP A 1 42  ? 2.786   -5.144  20.074  1.00 44.75 ? 1020 ASP A O   1 
ATOM   349  C CB  . ASP A 1 42  ? 4.932   -5.730  21.901  1.00 52.75 ? 1020 ASP A CB  1 
ATOM   350  C CG  . ASP A 1 42  ? 5.978   -4.945  21.126  1.00 56.08 ? 1020 ASP A CG  1 
ATOM   351  O OD1 . ASP A 1 42  ? 6.238   -3.777  21.494  1.00 55.33 ? 1020 ASP A OD1 1 
ATOM   352  O OD2 . ASP A 1 42  ? 6.531   -5.488  20.142  1.00 55.23 ? 1020 ASP A OD2 1 
ATOM   353  N N   . TYR A 1 43  ? 3.801   -6.542  18.624  1.00 50.10 ? 1021 TYR A N   1 
ATOM   354  C CA  . TYR A 1 43  ? 3.236   -5.855  17.465  1.00 49.78 ? 1021 TYR A CA  1 
ATOM   355  C C   . TYR A 1 43  ? 1.714   -5.961  17.442  1.00 45.95 ? 1021 TYR A C   1 
ATOM   356  O O   . TYR A 1 43  ? 1.022   -4.962  17.209  1.00 39.66 ? 1021 TYR A O   1 
ATOM   357  C CB  . TYR A 1 43  ? 3.833   -6.409  16.169  1.00 44.13 ? 1021 TYR A CB  1 
ATOM   358  C CG  . TYR A 1 43  ? 3.498   -5.575  14.945  1.00 39.91 ? 1021 TYR A CG  1 
ATOM   359  C CD1 . TYR A 1 43  ? 4.061   -4.315  14.763  1.00 34.08 ? 1021 TYR A CD1 1 
ATOM   360  C CD2 . TYR A 1 43  ? 2.603   -6.038  13.989  1.00 36.54 ? 1021 TYR A CD2 1 
ATOM   361  C CE1 . TYR A 1 43  ? 3.753   -3.545  13.646  1.00 33.92 ? 1021 TYR A CE1 1 
ATOM   362  C CE2 . TYR A 1 43  ? 2.289   -5.277  12.872  1.00 35.19 ? 1021 TYR A CE2 1 
ATOM   363  C CZ  . TYR A 1 43  ? 2.866   -4.038  12.707  1.00 35.49 ? 1021 TYR A CZ  1 
ATOM   364  O OH  . TYR A 1 43  ? 2.550   -3.279  11.606  1.00 32.06 ? 1021 TYR A OH  1 
ATOM   365  N N   . VAL A 1 44  ? 1.174   -7.156  17.697  1.00 50.24 ? 1022 VAL A N   1 
ATOM   366  C CA  . VAL A 1 44  ? -0.274  -7.335  17.674  1.00 47.59 ? 1022 VAL A CA  1 
ATOM   367  C C   . VAL A 1 44  ? -0.964  -6.636  18.844  1.00 47.69 ? 1022 VAL A C   1 
ATOM   368  O O   . VAL A 1 44  ? -2.177  -6.395  18.786  1.00 47.85 ? 1022 VAL A O   1 
ATOM   369  C CB  . VAL A 1 44  ? -0.620  -8.834  17.637  1.00 47.68 ? 1022 VAL A CB  1 
ATOM   370  C CG1 . VAL A 1 44  ? 0.221   -9.535  16.568  1.00 43.57 ? 1022 VAL A CG1 1 
ATOM   371  C CG2 . VAL A 1 44  ? -0.385  -9.464  18.995  1.00 53.33 ? 1022 VAL A CG2 1 
ATOM   372  N N   . THR A 1 45  ? -0.231  -6.294  19.907  1.00 47.29 ? 1023 THR A N   1 
ATOM   373  C CA  . THR A 1 45  ? -0.828  -5.492  20.971  1.00 50.35 ? 1023 THR A CA  1 
ATOM   374  C C   . THR A 1 45  ? -1.319  -4.156  20.431  1.00 52.36 ? 1023 THR A C   1 
ATOM   375  O O   . THR A 1 45  ? -2.349  -3.634  20.883  1.00 49.37 ? 1023 THR A O   1 
ATOM   376  C CB  . THR A 1 45  ? 0.180   -5.270  22.108  1.00 51.14 ? 1023 THR A CB  1 
ATOM   377  O OG1 . THR A 1 45  ? 0.448   -6.514  22.769  1.00 55.12 ? 1023 THR A OG1 1 
ATOM   378  C CG2 . THR A 1 45  ? -0.350  -4.267  23.138  1.00 50.51 ? 1023 THR A CG2 1 
ATOM   379  N N   . VAL A 1 46  ? -0.623  -3.612  19.438  1.00 42.69 ? 1024 VAL A N   1 
ATOM   380  C CA  . VAL A 1 46  ? -0.932  -2.301  18.894  1.00 43.84 ? 1024 VAL A CA  1 
ATOM   381  C C   . VAL A 1 46  ? -1.681  -2.398  17.568  1.00 38.29 ? 1024 VAL A C   1 
ATOM   382  O O   . VAL A 1 46  ? -2.620  -1.637  17.336  1.00 36.80 ? 1024 VAL A O   1 
ATOM   383  C CB  . VAL A 1 46  ? 0.368   -1.481  18.746  1.00 39.82 ? 1024 VAL A CB  1 
ATOM   384  C CG1 . VAL A 1 46  ? 0.066   -0.047  18.321  1.00 38.61 ? 1024 VAL A CG1 1 
ATOM   385  C CG2 . VAL A 1 46  ? 1.162   -1.496  20.053  1.00 46.04 ? 1024 VAL A CG2 1 
ATOM   386  N N   . ILE A 1 47  ? -1.302  -3.337  16.699  1.00 39.43 ? 1025 ILE A N   1 
ATOM   387  C CA  . ILE A 1 47  ? -1.715  -3.332  15.292  1.00 32.83 ? 1025 ILE A CA  1 
ATOM   388  C C   . ILE A 1 47  ? -2.660  -4.499  15.028  1.00 33.22 ? 1025 ILE A C   1 
ATOM   389  O O   . ILE A 1 47  ? -2.238  -5.660  15.013  1.00 36.35 ? 1025 ILE A O   1 
ATOM   390  C CB  . ILE A 1 47  ? -0.507  -3.398  14.348  1.00 30.86 ? 1025 ILE A CB  1 
ATOM   391  C CG1 . ILE A 1 47  ? 0.417   -2.193  14.580  1.00 29.56 ? 1025 ILE A CG1 1 
ATOM   392  C CG2 . ILE A 1 47  ? -0.980  -3.462  12.909  1.00 29.21 ? 1025 ILE A CG2 1 
ATOM   393  C CD1 . ILE A 1 47  ? -0.270  -0.846  14.508  1.00 30.84 ? 1025 ILE A CD1 1 
ATOM   394  N N   . LYS A 1 48  ? -3.926  -4.187  14.744  1.00 33.09 ? 1026 LYS A N   1 
ATOM   395  C CA  . LYS A 1 48  ? -4.945  -5.216  14.551  1.00 35.04 ? 1026 LYS A CA  1 
ATOM   396  C C   . LYS A 1 48  ? -5.149  -5.616  13.095  1.00 36.98 ? 1026 LYS A C   1 
ATOM   397  O O   . LYS A 1 48  ? -5.757  -6.661  12.836  1.00 34.55 ? 1026 LYS A O   1 
ATOM   398  C CB  . LYS A 1 48  ? -6.287  -4.740  15.119  1.00 37.56 ? 1026 LYS A CB  1 
ATOM   399  C CG  . LYS A 1 48  ? -6.266  -4.454  16.608  1.00 38.69 ? 1026 LYS A CG  1 
ATOM   400  C CD  . LYS A 1 48  ? -5.691  -5.614  17.399  1.00 40.67 ? 1026 LYS A CD  1 
ATOM   401  C CE  . LYS A 1 48  ? -6.041  -5.479  18.873  1.00 43.87 ? 1026 LYS A CE  1 
ATOM   402  N NZ  . LYS A 1 48  ? -4.858  -5.706  19.733  1.00 46.00 ? 1026 LYS A NZ  1 
ATOM   403  N N   . GLN A 1 49  ? -4.672  -4.818  12.139  1.00 30.74 ? 1027 GLN A N   1 
ATOM   404  C CA  . GLN A 1 49  ? -4.865  -5.096  10.716  1.00 32.57 ? 1027 GLN A CA  1 
ATOM   405  C C   . GLN A 1 49  ? -3.536  -4.909  10.001  1.00 27.35 ? 1027 GLN A C   1 
ATOM   406  O O   . GLN A 1 49  ? -3.301  -3.874  9.360   1.00 29.03 ? 1027 GLN A O   1 
ATOM   407  C CB  . GLN A 1 49  ? -5.947  -4.209  10.108  1.00 33.39 ? 1027 GLN A CB  1 
ATOM   408  C CG  . GLN A 1 49  ? -6.489  -4.766  8.804   1.00 34.93 ? 1027 GLN A CG  1 
ATOM   409  C CD  . GLN A 1 49  ? -7.627  -3.944  8.240   1.00 38.22 ? 1027 GLN A CD  1 
ATOM   410  O OE1 . GLN A 1 49  ? -8.077  -2.967  8.853   1.00 40.46 ? 1027 GLN A OE1 1 
ATOM   411  N NE2 . GLN A 1 49  ? -8.088  -4.322  7.055   1.00 41.40 ? 1027 GLN A NE2 1 
ATOM   412  N N   . PRO A 1 50  ? -2.654  -5.901  10.080  1.00 31.07 ? 1028 PRO A N   1 
ATOM   413  C CA  . PRO A 1 50  ? -1.325  -5.769  9.472   1.00 27.23 ? 1028 PRO A CA  1 
ATOM   414  C C   . PRO A 1 50  ? -1.424  -5.650  7.961   1.00 30.97 ? 1028 PRO A C   1 
ATOM   415  O O   . PRO A 1 50  ? -2.327  -6.209  7.334   1.00 29.17 ? 1028 PRO A O   1 
ATOM   416  C CB  . PRO A 1 50  ? -0.612  -7.068  9.872   1.00 29.82 ? 1028 PRO A CB  1 
ATOM   417  C CG  . PRO A 1 50  ? -1.481  -7.723  10.898  1.00 36.95 ? 1028 PRO A CG  1 
ATOM   418  C CD  . PRO A 1 50  ? -2.862  -7.218  10.704  1.00 31.78 ? 1028 PRO A CD  1 
ATOM   419  N N   . MET A 1 51  ? -0.475  -4.919  7.379   1.00 26.18 ? 1029 MET A N   1 
ATOM   420  C CA  . MET A 1 51  ? -0.411  -4.804  5.927   1.00 26.32 ? 1029 MET A CA  1 
ATOM   421  C C   . MET A 1 51  ? 1.040   -4.588  5.522   1.00 27.48 ? 1029 MET A C   1 
ATOM   422  O O   . MET A 1 51  ? 1.820   -4.002  6.272   1.00 26.46 ? 1029 MET A O   1 
ATOM   423  C CB  . MET A 1 51  ? -1.314  -3.667  5.429   1.00 27.40 ? 1029 MET A CB  1 
ATOM   424  C CG  . MET A 1 51  ? -1.512  -3.604  3.896   1.00 27.06 ? 1029 MET A CG  1 
ATOM   425  S SD  . MET A 1 51  ? -2.025  -5.147  3.099   1.00 30.68 ? 1029 MET A SD  1 
ATOM   426  C CE  . MET A 1 51  ? -3.579  -5.468  3.959   1.00 30.37 ? 1029 MET A CE  1 
ATOM   427  N N   . ASP A 1 52  ? 1.400   -5.088  4.340   1.00 27.98 ? 1030 ASP A N   1 
ATOM   428  C CA  . ASP A 1 52  ? 2.761   -4.971  3.820   1.00 25.91 ? 1030 ASP A CA  1 
ATOM   429  C C   . ASP A 1 52  ? 2.697   -5.132  2.306   1.00 25.74 ? 1030 ASP A C   1 
ATOM   430  O O   . ASP A 1 52  ? 1.665   -5.509  1.749   1.00 26.09 ? 1030 ASP A O   1 
ATOM   431  C CB  . ASP A 1 52  ? 3.693   -6.013  4.445   1.00 29.46 ? 1030 ASP A CB  1 
ATOM   432  C CG  . ASP A 1 52  ? 3.426   -7.413  3.916   1.00 32.29 ? 1030 ASP A CG  1 
ATOM   433  O OD1 . ASP A 1 52  ? 2.513   -8.094  4.430   1.00 38.44 ? 1030 ASP A OD1 1 
ATOM   434  O OD2 . ASP A 1 52  ? 4.105   -7.829  2.963   1.00 38.57 ? 1030 ASP A OD2 1 
ATOM   435  N N   . LEU A 1 53  ? 3.814   -4.838  1.635   1.00 25.98 ? 1031 LEU A N   1 
ATOM   436  C CA  . LEU A 1 53  ? 3.757   -4.792  0.174   1.00 24.63 ? 1031 LEU A CA  1 
ATOM   437  C C   . LEU A 1 53  ? 3.604   -6.177  -0.449  1.00 26.19 ? 1031 LEU A C   1 
ATOM   438  O O   . LEU A 1 53  ? 3.043   -6.295  -1.548  1.00 26.29 ? 1031 LEU A O   1 
ATOM   439  C CB  . LEU A 1 53  ? 5.004   -4.084  -0.377  1.00 22.89 ? 1031 LEU A CB  1 
ATOM   440  C CG  . LEU A 1 53  ? 5.118   -2.603  0.007   1.00 23.40 ? 1031 LEU A CG  1 
ATOM   441  C CD1 . LEU A 1 53  ? 6.516   -2.044  -0.336  1.00 25.98 ? 1031 LEU A CD1 1 
ATOM   442  C CD2 . LEU A 1 53  ? 4.029   -1.764  -0.634  1.00 23.68 ? 1031 LEU A CD2 1 
ATOM   443  N N   . SER A 1 54  ? 4.099   -7.235  0.207   1.00 27.75 ? 1032 SER A N   1 
ATOM   444  C CA  . SER A 1 54  ? 3.876   -8.576  -0.327  1.00 29.25 ? 1032 SER A CA  1 
ATOM   445  C C   . SER A 1 54  ? 2.403   -8.955  -0.238  1.00 26.91 ? 1032 SER A C   1 
ATOM   446  O O   . SER A 1 54  ? 1.860   -9.581  -1.160  1.00 27.29 ? 1032 SER A O   1 
ATOM   447  C CB  A SER A 1 54  ? 4.743   -9.597  0.412   0.54 32.42 ? 1032 SER A CB  1 
ATOM   448  C CB  B SER A 1 54  ? 4.740   -9.600  0.414   0.46 32.43 ? 1032 SER A CB  1 
ATOM   449  O OG  A SER A 1 54  ? 4.296   -9.773  1.743   0.54 34.22 ? 1032 SER A OG  1 
ATOM   450  O OG  B SER A 1 54  ? 6.090   -9.540  -0.013  0.46 33.73 ? 1032 SER A OG  1 
ATOM   451  N N   . SER A 1 55  ? 1.737   -8.567  0.852   1.00 27.52 ? 1033 SER A N   1 
ATOM   452  C CA  . SER A 1 55  ? 0.299   -8.794  0.955   1.00 27.86 ? 1033 SER A CA  1 
ATOM   453  C C   . SER A 1 55  ? -0.460  -8.000  -0.101  1.00 28.14 ? 1033 SER A C   1 
ATOM   454  O O   . SER A 1 55  ? -1.452  -8.486  -0.658  1.00 26.06 ? 1033 SER A O   1 
ATOM   455  C CB  . SER A 1 55  ? -0.185  -8.442  2.355   1.00 31.08 ? 1033 SER A CB  1 
ATOM   456  O OG  . SER A 1 55  ? 0.434   -9.313  3.286   1.00 37.90 ? 1033 SER A OG  1 
ATOM   457  N N   . VAL A 1 56  ? -0.009  -6.776  -0.389  1.00 26.40 ? 1034 VAL A N   1 
ATOM   458  C CA  . VAL A 1 56  ? -0.638  -5.981  -1.443  1.00 24.40 ? 1034 VAL A CA  1 
ATOM   459  C C   . VAL A 1 56  ? -0.537  -6.696  -2.787  1.00 24.99 ? 1034 VAL A C   1 
ATOM   460  O O   . VAL A 1 56  ? -1.511  -6.751  -3.542  1.00 24.33 ? 1034 VAL A O   1 
ATOM   461  C CB  . VAL A 1 56  ? -0.023  -4.569  -1.487  1.00 23.18 ? 1034 VAL A CB  1 
ATOM   462  C CG1 . VAL A 1 56  ? -0.441  -3.844  -2.744  1.00 23.90 ? 1034 VAL A CG1 1 
ATOM   463  C CG2 . VAL A 1 56  ? -0.443  -3.766  -0.252  1.00 24.25 ? 1034 VAL A CG2 1 
ATOM   464  N N   . ILE A 1 57  ? 0.625   -7.283  -3.098  1.00 23.48 ? 1035 ILE A N   1 
ATOM   465  C CA  . ILE A 1 57  ? 0.762   -8.025  -4.358  1.00 24.03 ? 1035 ILE A CA  1 
ATOM   466  C C   . ILE A 1 57  ? -0.235  -9.181  -4.410  1.00 25.40 ? 1035 ILE A C   1 
ATOM   467  O O   . ILE A 1 57  ? -0.921  -9.392  -5.419  1.00 25.42 ? 1035 ILE A O   1 
ATOM   468  C CB  . ILE A 1 57  ? 2.205   -8.528  -4.541  1.00 28.52 ? 1035 ILE A CB  1 
ATOM   469  C CG1 . ILE A 1 57  ? 3.146   -7.365  -4.858  1.00 29.46 ? 1035 ILE A CG1 1 
ATOM   470  C CG2 . ILE A 1 57  ? 2.262   -9.586  -5.650  1.00 29.92 ? 1035 ILE A CG2 1 
ATOM   471  C CD1 . ILE A 1 57  ? 2.965   -6.813  -6.260  1.00 31.64 ? 1035 ILE A CD1 1 
ATOM   472  N N   . SER A 1 58  ? -0.318  -9.958  -3.328  1.00 25.81 ? 1036 SER A N   1 
ATOM   473  C CA  . SER A 1 58  ? -1.300  -11.041 -3.273  1.00 26.78 ? 1036 SER A CA  1 
ATOM   474  C C   . SER A 1 58  ? -2.718  -10.539 -3.525  1.00 25.47 ? 1036 SER A C   1 
ATOM   475  O O   . SER A 1 58  ? -3.487  -11.174 -4.258  1.00 26.63 ? 1036 SER A O   1 
ATOM   476  C CB  . SER A 1 58  ? -1.227  -11.746 -1.917  1.00 30.31 ? 1036 SER A CB  1 
ATOM   477  O OG  . SER A 1 58  ? 0.003   -12.430 -1.795  1.00 38.60 ? 1036 SER A OG  1 
ATOM   478  N N   . LYS A 1 59  ? -3.085  -9.398  -2.936  1.00 24.96 ? 1037 LYS A N   1 
ATOM   479  C CA  . LYS A 1 59  ? -4.444  -8.894  -3.098  1.00 23.75 ? 1037 LYS A CA  1 
ATOM   480  C C   . LYS A 1 59  ? -4.691  -8.419  -4.529  1.00 24.10 ? 1037 LYS A C   1 
ATOM   481  O O   . LYS A 1 59  ? -5.792  -8.598  -5.062  1.00 24.15 ? 1037 LYS A O   1 
ATOM   482  C CB  . LYS A 1 59  ? -4.719  -7.780  -2.080  1.00 23.63 ? 1037 LYS A CB  1 
ATOM   483  C CG  . LYS A 1 59  ? -4.846  -8.319  -0.643  1.00 24.19 ? 1037 LYS A CG  1 
ATOM   484  C CD  . LYS A 1 59  ? -5.174  -7.226  0.364   1.00 24.07 ? 1037 LYS A CD  1 
ATOM   485  C CE  . LYS A 1 59  ? -6.540  -6.617  0.123   1.00 28.71 ? 1037 LYS A CE  1 
ATOM   486  N NZ  . LYS A 1 59  ? -6.967  -5.743  1.258   1.00 31.99 ? 1037 LYS A NZ  1 
ATOM   487  N N   . ILE A 1 60  ? -3.685  -7.821  -5.179  1.00 23.09 ? 1038 ILE A N   1 
ATOM   488  C CA  . ILE A 1 60  ? -3.848  -7.479  -6.592  1.00 23.72 ? 1038 ILE A CA  1 
ATOM   489  C C   . ILE A 1 60  ? -4.222  -8.722  -7.386  1.00 23.44 ? 1038 ILE A C   1 
ATOM   490  O O   . ILE A 1 60  ? -5.171  -8.717  -8.178  1.00 25.23 ? 1038 ILE A O   1 
ATOM   491  C CB  . ILE A 1 60  ? -2.568  -6.837  -7.162  1.00 22.59 ? 1038 ILE A CB  1 
ATOM   492  C CG1 . ILE A 1 60  ? -2.247  -5.506  -6.466  1.00 22.37 ? 1038 ILE A CG1 1 
ATOM   493  C CG2 . ILE A 1 60  ? -2.699  -6.646  -8.692  1.00 23.65 ? 1038 ILE A CG2 1 
ATOM   494  C CD1 . ILE A 1 60  ? -0.826  -4.981  -6.808  1.00 24.33 ? 1038 ILE A CD1 1 
ATOM   495  N N   . ASP A 1 61  ? -3.475  -9.808  -7.178  1.00 24.04 ? 1039 ASP A N   1 
ATOM   496  C CA  . ASP A 1 61  ? -3.664  -11.013 -7.970  1.00 25.44 ? 1039 ASP A CA  1 
ATOM   497  C C   . ASP A 1 61  ? -4.960  -11.730 -7.619  1.00 29.02 ? 1039 ASP A C   1 
ATOM   498  O O   . ASP A 1 61  ? -5.479  -12.487 -8.448  1.00 31.57 ? 1039 ASP A O   1 
ATOM   499  C CB  . ASP A 1 61  ? -2.473  -11.953 -7.789  1.00 26.78 ? 1039 ASP A CB  1 
ATOM   500  C CG  . ASP A 1 61  ? -1.196  -11.407 -8.410  1.00 31.57 ? 1039 ASP A CG  1 
ATOM   501  O OD1 . ASP A 1 61  ? -1.292  -10.469 -9.224  1.00 32.31 ? 1039 ASP A OD1 1 
ATOM   502  O OD2 . ASP A 1 61  ? -0.100  -11.917 -8.092  1.00 32.49 ? 1039 ASP A OD2 1 
ATOM   503  N N   . LEU A 1 62  ? -5.499  -11.496 -6.425  1.00 25.94 ? 1040 LEU A N   1 
ATOM   504  C CA  . LEU A 1 62  ? -6.808  -12.020 -6.052  1.00 25.95 ? 1040 LEU A CA  1 
ATOM   505  C C   . LEU A 1 62  ? -7.942  -11.101 -6.485  1.00 28.18 ? 1040 LEU A C   1 
ATOM   506  O O   . LEU A 1 62  ? -9.098  -11.344 -6.121  1.00 30.06 ? 1040 LEU A O   1 
ATOM   507  C CB  . LEU A 1 62  ? -6.870  -12.267 -4.538  1.00 25.52 ? 1040 LEU A CB  1 
ATOM   508  C CG  . LEU A 1 62  ? -5.977  -13.398 -4.031  1.00 30.73 ? 1040 LEU A CG  1 
ATOM   509  C CD1 . LEU A 1 62  ? -5.817  -13.339 -2.516  1.00 31.39 ? 1040 LEU A CD1 1 
ATOM   510  C CD2 . LEU A 1 62  ? -6.531  -14.750 -4.463  1.00 32.08 ? 1040 LEU A CD2 1 
ATOM   511  N N   . HIS A 1 63  ? -7.637  -10.057 -7.263  1.00 28.13 ? 1041 HIS A N   1 
ATOM   512  C CA  . HIS A 1 63  ? -8.642  -9.139  -7.796  1.00 27.75 ? 1041 HIS A CA  1 
ATOM   513  C C   . HIS A 1 63  ? -9.388  -8.404  -6.684  1.00 28.84 ? 1041 HIS A C   1 
ATOM   514  O O   . HIS A 1 63  ? -10.578 -8.104  -6.804  1.00 29.08 ? 1041 HIS A O   1 
ATOM   515  C CB  . HIS A 1 63  ? -9.619  -9.870  -8.736  1.00 28.15 ? 1041 HIS A CB  1 
ATOM   516  C CG  . HIS A 1 63  ? -8.957  -10.513 -9.921  1.00 29.05 ? 1041 HIS A CG  1 
ATOM   517  N ND1 . HIS A 1 63  ? -9.663  -10.926 -11.032 1.00 33.37 ? 1041 HIS A ND1 1 
ATOM   518  C CD2 . HIS A 1 63  ? -7.658  -10.801 -10.175 1.00 28.47 ? 1041 HIS A CD2 1 
ATOM   519  C CE1 . HIS A 1 63  ? -8.830  -11.456 -11.910 1.00 28.67 ? 1041 HIS A CE1 1 
ATOM   520  N NE2 . HIS A 1 63  ? -7.605  -11.388 -11.419 1.00 31.63 ? 1041 HIS A NE2 1 
ATOM   521  N N   . LYS A 1 64  ? -8.690  -8.083  -5.587  1.00 24.38 ? 1042 LYS A N   1 
ATOM   522  C CA  . LYS A 1 64  ? -9.317  -7.374  -4.476  1.00 27.18 ? 1042 LYS A CA  1 
ATOM   523  C C   . LYS A 1 64  ? -9.364  -5.860  -4.665  1.00 27.79 ? 1042 LYS A C   1 
ATOM   524  O O   . LYS A 1 64  ? -10.112 -5.185  -3.946  1.00 29.69 ? 1042 LYS A O   1 
ATOM   525  C CB  . LYS A 1 64  ? -8.599  -7.688  -3.161  1.00 24.85 ? 1042 LYS A CB  1 
ATOM   526  C CG  . LYS A 1 64  ? -8.551  -9.164  -2.806  1.00 28.28 ? 1042 LYS A CG  1 
ATOM   527  C CD  . LYS A 1 64  ? -9.907  -9.710  -2.401  1.00 31.10 ? 1042 LYS A CD  1 
ATOM   528  C CE  . LYS A 1 64  ? -9.742  -11.097 -1.780  1.00 36.10 ? 1042 LYS A CE  1 
ATOM   529  N NZ  . LYS A 1 64  ? -11.047 -11.743 -1.464  1.00 43.93 ? 1042 LYS A NZ  1 
ATOM   530  N N   . TYR A 1 65  ? -8.588  -5.304  -5.596  1.00 24.70 ? 1043 TYR A N   1 
ATOM   531  C CA  . TYR A 1 65  ? -8.584  -3.871  -5.866  1.00 25.16 ? 1043 TYR A CA  1 
ATOM   532  C C   . TYR A 1 65  ? -9.289  -3.611  -7.189  1.00 26.33 ? 1043 TYR A C   1 
ATOM   533  O O   . TYR A 1 65  ? -8.778  -3.971  -8.254  1.00 28.46 ? 1043 TYR A O   1 
ATOM   534  C CB  . TYR A 1 65  ? -7.162  -3.314  -5.916  1.00 23.82 ? 1043 TYR A CB  1 
ATOM   535  C CG  . TYR A 1 65  ? -6.336  -3.593  -4.679  1.00 24.37 ? 1043 TYR A CG  1 
ATOM   536  C CD1 . TYR A 1 65  ? -6.775  -3.194  -3.417  1.00 26.11 ? 1043 TYR A CD1 1 
ATOM   537  C CD2 . TYR A 1 65  ? -5.113  -4.241  -4.781  1.00 23.23 ? 1043 TYR A CD2 1 
ATOM   538  C CE1 . TYR A 1 65  ? -6.003  -3.446  -2.280  1.00 24.59 ? 1043 TYR A CE1 1 
ATOM   539  C CE2 . TYR A 1 65  ? -4.339  -4.493  -3.667  1.00 23.01 ? 1043 TYR A CE2 1 
ATOM   540  C CZ  . TYR A 1 65  ? -4.784  -4.096  -2.421  1.00 23.86 ? 1043 TYR A CZ  1 
ATOM   541  O OH  . TYR A 1 65  ? -3.992  -4.363  -1.324  1.00 25.47 ? 1043 TYR A OH  1 
ATOM   542  N N   . LEU A 1 66  ? -10.451 -2.965  -7.123  1.00 25.22 ? 1044 LEU A N   1 
ATOM   543  C CA  . LEU A 1 66  ? -11.157 -2.558  -8.332  1.00 25.53 ? 1044 LEU A CA  1 
ATOM   544  C C   . LEU A 1 66  ? -10.973 -1.085  -8.656  1.00 26.80 ? 1044 LEU A C   1 
ATOM   545  O O   . LEU A 1 66  ? -11.372 -0.657  -9.747  1.00 27.93 ? 1044 LEU A O   1 
ATOM   546  C CB  . LEU A 1 66  ? -12.659 -2.853  -8.205  1.00 28.37 ? 1044 LEU A CB  1 
ATOM   547  C CG  . LEU A 1 66  ? -13.098 -4.302  -8.033  1.00 32.81 ? 1044 LEU A CG  1 
ATOM   548  C CD1 . LEU A 1 66  ? -14.598 -4.385  -8.292  1.00 38.51 ? 1044 LEU A CD1 1 
ATOM   549  C CD2 . LEU A 1 66  ? -12.347 -5.215  -8.962  1.00 31.53 ? 1044 LEU A CD2 1 
ATOM   550  N N   . THR A 1 67  ? -10.405 -0.299  -7.737  1.00 23.64 ? 1045 THR A N   1 
ATOM   551  C CA  . THR A 1 67  ? -10.097 1.101   -7.981  1.00 25.69 ? 1045 THR A CA  1 
ATOM   552  C C   . THR A 1 67  ? -8.736  1.424   -7.376  1.00 26.24 ? 1045 THR A C   1 
ATOM   553  O O   . THR A 1 67  ? -8.228  0.693   -6.521  1.00 26.08 ? 1045 THR A O   1 
ATOM   554  C CB  . THR A 1 67  ? -11.138 2.051   -7.368  1.00 29.64 ? 1045 THR A CB  1 
ATOM   555  O OG1 . THR A 1 67  ? -11.052 1.970   -5.943  1.00 29.02 ? 1045 THR A OG1 1 
ATOM   556  C CG2 . THR A 1 67  ? -12.559 1.688   -7.811  1.00 29.29 ? 1045 THR A CG2 1 
ATOM   557  N N   . VAL A 1 68  ? -8.150  2.543   -7.811  1.00 25.26 ? 1046 VAL A N   1 
ATOM   558  C CA  . VAL A 1 68  ? -6.897  2.954   -7.185  1.00 25.20 ? 1046 VAL A CA  1 
ATOM   559  C C   . VAL A 1 68  ? -7.150  3.385   -5.748  1.00 27.72 ? 1046 VAL A C   1 
ATOM   560  O O   . VAL A 1 68  ? -6.260  3.268   -4.895  1.00 27.92 ? 1046 VAL A O   1 
ATOM   561  C CB  . VAL A 1 68  ? -6.181  4.056   -7.992  1.00 28.99 ? 1046 VAL A CB  1 
ATOM   562  C CG1 . VAL A 1 68  ? -6.707  5.429   -7.639  1.00 34.83 ? 1046 VAL A CG1 1 
ATOM   563  C CG2 . VAL A 1 68  ? -4.682  3.994   -7.733  1.00 30.40 ? 1046 VAL A CG2 1 
ATOM   564  N N   . LYS A 1 69  ? -8.367  3.850   -5.441  1.00 28.06 ? 1047 LYS A N   1 
ATOM   565  C CA  . LYS A 1 69  ? -8.686  4.218   -4.064  1.00 29.66 ? 1047 LYS A CA  1 
ATOM   566  C C   . LYS A 1 69  ? -8.645  3.008   -3.139  1.00 30.02 ? 1047 LYS A C   1 
ATOM   567  O O   . LYS A 1 69  ? -8.160  3.106   -2.004  1.00 28.38 ? 1047 LYS A O   1 
ATOM   568  C CB  . LYS A 1 69  ? -10.052 4.907   -4.002  1.00 32.59 ? 1047 LYS A CB  1 
ATOM   569  C CG  . LYS A 1 69  ? -9.996  6.366   -4.431  1.00 36.93 ? 1047 LYS A CG  1 
ATOM   570  C CD  . LYS A 1 69  ? -11.375 7.021   -4.410  1.00 45.28 ? 1047 LYS A CD  1 
ATOM   571  N N   . ASP A 1 70  ? -9.148  1.856   -3.605  1.00 28.72 ? 1048 ASP A N   1 
ATOM   572  C CA  . ASP A 1 70  ? -9.036  0.620   -2.828  1.00 28.88 ? 1048 ASP A CA  1 
ATOM   573  C C   . ASP A 1 70  ? -7.574  0.294   -2.531  1.00 28.88 ? 1048 ASP A C   1 
ATOM   574  O O   . ASP A 1 70  ? -7.233  -0.133  -1.425  1.00 28.02 ? 1048 ASP A O   1 
ATOM   575  C CB  . ASP A 1 70  ? -9.659  -0.554  -3.587  1.00 28.82 ? 1048 ASP A CB  1 
ATOM   576  C CG  . ASP A 1 70  ? -11.171 -0.477  -3.684  1.00 37.12 ? 1048 ASP A CG  1 
ATOM   577  O OD1 . ASP A 1 70  ? -11.780 0.341   -2.974  1.00 37.87 ? 1048 ASP A OD1 1 
ATOM   578  O OD2 . ASP A 1 70  ? -11.736 -1.251  -4.498  1.00 40.60 ? 1048 ASP A OD2 1 
ATOM   579  N N   . TYR A 1 71  ? -6.710  0.446   -3.534  1.00 23.67 ? 1049 TYR A N   1 
ATOM   580  C CA  . TYR A 1 71  ? -5.288  0.173   -3.362  1.00 21.86 ? 1049 TYR A CA  1 
ATOM   581  C C   . TYR A 1 71  ? -4.658  1.154   -2.383  1.00 22.53 ? 1049 TYR A C   1 
ATOM   582  O O   . TYR A 1 71  ? -3.922  0.752   -1.471  1.00 25.22 ? 1049 TYR A O   1 
ATOM   583  C CB  . TYR A 1 71  ? -4.605  0.246   -4.733  1.00 23.49 ? 1049 TYR A CB  1 
ATOM   584  C CG  . TYR A 1 71  ? -3.092  0.203   -4.752  1.00 21.47 ? 1049 TYR A CG  1 
ATOM   585  C CD1 . TYR A 1 71  ? -2.411  -1.011  -4.788  1.00 21.43 ? 1049 TYR A CD1 1 
ATOM   586  C CD2 . TYR A 1 71  ? -2.345  1.382   -4.800  1.00 23.56 ? 1049 TYR A CD2 1 
ATOM   587  C CE1 . TYR A 1 71  ? -1.018  -1.051  -4.848  1.00 22.21 ? 1049 TYR A CE1 1 
ATOM   588  C CE2 . TYR A 1 71  ? -0.964  1.352   -4.846  1.00 23.31 ? 1049 TYR A CE2 1 
ATOM   589  C CZ  . TYR A 1 71  ? -0.307  0.140   -4.867  1.00 22.08 ? 1049 TYR A CZ  1 
ATOM   590  O OH  . TYR A 1 71  ? 1.062   0.116   -4.933  1.00 23.59 ? 1049 TYR A OH  1 
ATOM   591  N N   . LEU A 1 72  ? -4.941  2.448   -2.550  1.00 24.36 ? 1050 LEU A N   1 
ATOM   592  C CA  . LEU A 1 72  ? -4.313  3.441   -1.686  1.00 25.87 ? 1050 LEU A CA  1 
ATOM   593  C C   . LEU A 1 72  ? -4.773  3.309   -0.243  1.00 26.62 ? 1050 LEU A C   1 
ATOM   594  O O   . LEU A 1 72  ? -4.039  3.720   0.664   1.00 28.43 ? 1050 LEU A O   1 
ATOM   595  C CB  . LEU A 1 72  ? -4.582  4.852   -2.199  1.00 26.87 ? 1050 LEU A CB  1 
ATOM   596  C CG  . LEU A 1 72  ? -3.775  5.211   -3.449  1.00 25.67 ? 1050 LEU A CG  1 
ATOM   597  C CD1 . LEU A 1 72  ? -4.254  6.529   -4.031  1.00 29.51 ? 1050 LEU A CD1 1 
ATOM   598  C CD2 . LEU A 1 72  ? -2.271  5.254   -3.121  1.00 28.14 ? 1050 LEU A CD2 1 
ATOM   599  N N   . ARG A 1 73  ? -5.961  2.743   -0.011  1.00 25.33 ? 1051 ARG A N   1 
ATOM   600  C CA  . ARG A 1 73  ? -6.380  2.463   1.360   1.00 27.50 ? 1051 ARG A CA  1 
ATOM   601  C C   . ARG A 1 73  ? -5.415  1.499   2.044   1.00 27.32 ? 1051 ARG A C   1 
ATOM   602  O O   . ARG A 1 73  ? -5.108  1.655   3.236   1.00 28.25 ? 1051 ARG A O   1 
ATOM   603  C CB  . ARG A 1 73  ? -7.811  1.911   1.363   1.00 30.65 ? 1051 ARG A CB  1 
ATOM   604  C CG  . ARG A 1 73  ? -8.485  1.890   2.719   1.00 41.27 ? 1051 ARG A CG  1 
ATOM   605  C CD  . ARG A 1 73  ? -9.946  1.440   2.594   1.00 45.18 ? 1051 ARG A CD  1 
ATOM   606  N NE  . ARG A 1 73  ? -10.606 2.067   1.450   1.00 44.55 ? 1051 ARG A NE  1 
ATOM   607  C CZ  . ARG A 1 73  ? -11.144 1.405   0.428   1.00 44.16 ? 1051 ARG A CZ  1 
ATOM   608  N NH1 . ARG A 1 73  ? -11.126 0.074   0.394   1.00 43.56 ? 1051 ARG A NH1 1 
ATOM   609  N NH2 . ARG A 1 73  ? -11.714 2.082   -0.563  1.00 48.19 ? 1051 ARG A NH2 1 
ATOM   610  N N   . ASP A 1 74  ? -4.908  0.502   1.307   1.00 26.67 ? 1052 ASP A N   1 
ATOM   611  C CA  . ASP A 1 74  ? -3.933  -0.407  1.902   1.00 25.54 ? 1052 ASP A CA  1 
ATOM   612  C C   . ASP A 1 74  ? -2.539  0.219   1.992   1.00 25.88 ? 1052 ASP A C   1 
ATOM   613  O O   . ASP A 1 74  ? -1.806  -0.068  2.943   1.00 24.64 ? 1052 ASP A O   1 
ATOM   614  C CB  . ASP A 1 74  ? -3.894  -1.723  1.130   1.00 25.51 ? 1052 ASP A CB  1 
ATOM   615  C CG  . ASP A 1 74  ? -4.931  -2.732  1.629   1.00 32.49 ? 1052 ASP A CG  1 
ATOM   616  O OD1 . ASP A 1 74  ? -5.547  -2.500  2.702   1.00 32.24 ? 1052 ASP A OD1 1 
ATOM   617  O OD2 . ASP A 1 74  ? -5.122  -3.767  0.951   1.00 27.68 ? 1052 ASP A OD2 1 
ATOM   618  N N   . ILE A 1 75  ? -2.142  1.059   1.027   1.00 24.25 ? 1053 ILE A N   1 
ATOM   619  C CA  . ILE A 1 75  ? -0.901  1.814   1.198   1.00 23.71 ? 1053 ILE A CA  1 
ATOM   620  C C   . ILE A 1 75  ? -0.996  2.682   2.450   1.00 24.20 ? 1053 ILE A C   1 
ATOM   621  O O   . ILE A 1 75  ? -0.076  2.719   3.278   1.00 27.09 ? 1053 ILE A O   1 
ATOM   622  C CB  . ILE A 1 75  ? -0.591  2.666   -0.045  1.00 26.90 ? 1053 ILE A CB  1 
ATOM   623  C CG1 . ILE A 1 75  ? -0.343  1.790   -1.282  1.00 27.03 ? 1053 ILE A CG1 1 
ATOM   624  C CG2 . ILE A 1 75  ? 0.608   3.577   0.228   1.00 28.31 ? 1053 ILE A CG2 1 
ATOM   625  C CD1 . ILE A 1 75  ? 0.773   0.741   -1.125  1.00 25.73 ? 1053 ILE A CD1 1 
ATOM   626  N N   . ASP A 1 76  ? -2.125  3.374   2.618   1.00 24.85 ? 1054 ASP A N   1 
ATOM   627  C CA  . ASP A 1 76  ? -2.295  4.218   3.799   1.00 26.88 ? 1054 ASP A CA  1 
ATOM   628  C C   . ASP A 1 76  ? -2.278  3.400   5.077   1.00 25.73 ? 1054 ASP A C   1 
ATOM   629  O O   . ASP A 1 76  ? -1.832  3.898   6.119   1.00 26.71 ? 1054 ASP A O   1 
ATOM   630  C CB  . ASP A 1 76  ? -3.595  5.018   3.702   1.00 27.46 ? 1054 ASP A CB  1 
ATOM   631  C CG  . ASP A 1 76  ? -3.467  6.227   2.786   1.00 31.25 ? 1054 ASP A CG  1 
ATOM   632  O OD1 . ASP A 1 76  ? -2.370  6.814   2.729   1.00 37.54 ? 1054 ASP A OD1 1 
ATOM   633  O OD2 . ASP A 1 76  ? -4.465  6.592   2.139   1.00 35.61 ? 1054 ASP A OD2 1 
ATOM   634  N N   . LEU A 1 77  ? -2.750  2.148   5.019   1.00 24.80 ? 1055 LEU A N   1 
ATOM   635  C CA  . LEU A 1 77  ? -2.741  1.285   6.199   1.00 26.70 ? 1055 LEU A CA  1 
ATOM   636  C C   . LEU A 1 77  ? -1.320  0.866   6.572   1.00 27.51 ? 1055 LEU A C   1 
ATOM   637  O O   . LEU A 1 77  ? -0.968  0.831   7.759   1.00 26.18 ? 1055 LEU A O   1 
ATOM   638  C CB  . LEU A 1 77  ? -3.632  0.064   5.949   1.00 25.96 ? 1055 LEU A CB  1 
ATOM   639  C CG  . LEU A 1 77  ? -3.781  -0.965  7.065   1.00 29.75 ? 1055 LEU A CG  1 
ATOM   640  C CD1 . LEU A 1 77  ? -4.460  -0.320  8.264   1.00 29.04 ? 1055 LEU A CD1 1 
ATOM   641  C CD2 . LEU A 1 77  ? -4.583  -2.176  6.581   1.00 25.77 ? 1055 LEU A CD2 1 
ATOM   642  N N   . ILE A 1 78  ? -0.477  0.557   5.577   1.00 23.96 ? 1056 ILE A N   1 
ATOM   643  C CA  . ILE A 1 78  ? 0.935   0.317   5.870   1.00 23.62 ? 1056 ILE A CA  1 
ATOM   644  C C   . ILE A 1 78  ? 1.523   1.503   6.624   1.00 23.51 ? 1056 ILE A C   1 
ATOM   645  O O   . ILE A 1 78  ? 2.205   1.342   7.646   1.00 26.63 ? 1056 ILE A O   1 
ATOM   646  C CB  . ILE A 1 78  ? 1.723   0.042   4.575   1.00 22.91 ? 1056 ILE A CB  1 
ATOM   647  C CG1 . ILE A 1 78  ? 1.262   -1.266  3.941   1.00 22.67 ? 1056 ILE A CG1 1 
ATOM   648  C CG2 . ILE A 1 78  ? 3.218   -0.040  4.895   1.00 25.54 ? 1056 ILE A CG2 1 
ATOM   649  C CD1 . ILE A 1 78  ? 1.887   -1.545  2.545   1.00 24.89 ? 1056 ILE A CD1 1 
ATOM   650  N N   . CYS A 1 79  ? 1.249   2.714   6.140   1.00 23.71 ? 1057 CYS A N   1 
ATOM   651  C CA  . CYS A 1 79  ? 1.813   3.915   6.745   1.00 26.70 ? 1057 CYS A CA  1 
ATOM   652  C C   . CYS A 1 79  ? 1.239   4.163   8.137   1.00 26.09 ? 1057 CYS A C   1 
ATOM   653  O O   . CYS A 1 79  ? 1.990   4.420   9.087   1.00 28.53 ? 1057 CYS A O   1 
ATOM   654  C CB  . CYS A 1 79  ? 1.556   5.124   5.855   1.00 25.93 ? 1057 CYS A CB  1 
ATOM   655  S SG  . CYS A 1 79  ? 2.273   6.656   6.496   1.00 32.00 ? 1057 CYS A SG  1 
ATOM   656  N N   . SER A 1 80  ? -0.089  4.083   8.286   1.00 25.32 ? 1058 SER A N   1 
ATOM   657  C CA  . SER A 1 80  ? -0.684  4.395   9.585   1.00 25.58 ? 1058 SER A CA  1 
ATOM   658  C C   . SER A 1 80  ? -0.290  3.362   10.640  1.00 28.03 ? 1058 SER A C   1 
ATOM   659  O O   . SER A 1 80  ? -0.042  3.720   11.800  1.00 28.57 ? 1058 SER A O   1 
ATOM   660  C CB  . SER A 1 80  ? -2.209  4.507   9.460   1.00 27.84 ? 1058 SER A CB  1 
ATOM   661  O OG  . SER A 1 80  ? -2.785  3.264   9.122   1.00 28.96 ? 1058 SER A OG  1 
ATOM   662  N N   . ASN A 1 81  ? -0.210  2.086   10.259  1.00 24.51 ? 1059 ASN A N   1 
ATOM   663  C CA  . ASN A 1 81  ? 0.281   1.058   11.178  1.00 25.06 ? 1059 ASN A CA  1 
ATOM   664  C C   . ASN A 1 81  ? 1.682   1.397   11.667  1.00 30.15 ? 1059 ASN A C   1 
ATOM   665  O O   . ASN A 1 81  ? 1.981   1.302   12.862  1.00 26.77 ? 1059 ASN A O   1 
ATOM   666  C CB  . ASN A 1 81  ? 0.300   -0.313  10.501  1.00 24.90 ? 1059 ASN A CB  1 
ATOM   667  C CG  . ASN A 1 81  ? -1.078  -0.942  10.382  1.00 25.80 ? 1059 ASN A CG  1 
ATOM   668  O OD1 . ASN A 1 81  ? -2.048  -0.471  10.976  1.00 29.55 ? 1059 ASN A OD1 1 
ATOM   669  N ND2 . ASN A 1 81  ? -1.165  -2.008  9.606   1.00 26.86 ? 1059 ASN A ND2 1 
ATOM   670  N N   . ALA A 1 82  ? 2.569   1.756   10.740  1.00 25.53 ? 1060 ALA A N   1 
ATOM   671  C CA  . ALA A 1 82  ? 3.934   2.110   11.115  1.00 26.74 ? 1060 ALA A CA  1 
ATOM   672  C C   . ALA A 1 82  ? 3.964   3.298   12.070  1.00 27.22 ? 1060 ALA A C   1 
ATOM   673  O O   . ALA A 1 82  ? 4.756   3.313   13.018  1.00 26.43 ? 1060 ALA A O   1 
ATOM   674  C CB  . ALA A 1 82  ? 4.749   2.415   9.855   1.00 24.96 ? 1060 ALA A CB  1 
ATOM   675  N N   . LEU A 1 83  ? 3.139   4.314   11.820  1.00 26.46 ? 1061 LEU A N   1 
ATOM   676  C CA  . LEU A 1 83  ? 3.125   5.471   12.713  1.00 25.79 ? 1061 LEU A CA  1 
ATOM   677  C C   . LEU A 1 83  ? 2.621   5.088   14.101  1.00 29.00 ? 1061 LEU A C   1 
ATOM   678  O O   . LEU A 1 83  ? 3.155   5.563   15.113  1.00 29.99 ? 1061 LEU A O   1 
ATOM   679  C CB  . LEU A 1 83  ? 2.270   6.591   12.134  1.00 27.32 ? 1061 LEU A CB  1 
ATOM   680  C CG  . LEU A 1 83  ? 2.687   7.179   10.785  1.00 34.38 ? 1061 LEU A CG  1 
ATOM   681  C CD1 . LEU A 1 83  ? 1.885   8.437   10.484  1.00 40.17 ? 1061 LEU A CD1 1 
ATOM   682  C CD2 . LEU A 1 83  ? 4.172   7.455   10.736  1.00 31.52 ? 1061 LEU A CD2 1 
ATOM   683  N N   . GLU A 1 84  ? 1.609   4.213   14.172  1.00 28.13 ? 1062 GLU A N   1 
ATOM   684  C CA  A GLU A 1 84  ? 1.045   3.814   15.464  0.49 30.02 ? 1062 GLU A CA  1 
ATOM   685  C CA  B GLU A 1 84  ? 1.063   3.850   15.479  0.51 30.00 ? 1062 GLU A CA  1 
ATOM   686  C C   . GLU A 1 84  ? 2.030   2.974   16.264  1.00 30.62 ? 1062 GLU A C   1 
ATOM   687  O O   . GLU A 1 84  ? 2.164   3.138   17.492  1.00 30.15 ? 1062 GLU A O   1 
ATOM   688  C CB  A GLU A 1 84  ? -0.249  3.026   15.249  0.49 31.79 ? 1062 GLU A CB  1 
ATOM   689  C CB  B GLU A 1 84  ? -0.290  3.152   15.329  0.51 31.82 ? 1062 GLU A CB  1 
ATOM   690  C CG  A GLU A 1 84  ? -1.430  3.842   14.763  0.49 32.27 ? 1062 GLU A CG  1 
ATOM   691  C CG  B GLU A 1 84  ? -1.063  3.066   16.653  0.51 31.81 ? 1062 GLU A CG  1 
ATOM   692  C CD  A GLU A 1 84  ? -2.539  2.976   14.177  0.49 34.26 ? 1062 GLU A CD  1 
ATOM   693  C CD  B GLU A 1 84  ? -2.221  2.080   16.615  0.51 37.49 ? 1062 GLU A CD  1 
ATOM   694  O OE1 A GLU A 1 84  ? -3.455  3.531   13.537  0.49 33.76 ? 1062 GLU A OE1 1 
ATOM   695  O OE1 B GLU A 1 84  ? -2.690  1.738   15.510  0.51 35.33 ? 1062 GLU A OE1 1 
ATOM   696  O OE2 A GLU A 1 84  ? -2.495  1.739   14.353  0.49 37.84 ? 1062 GLU A OE2 1 
ATOM   697  O OE2 B GLU A 1 84  ? -2.658  1.640   17.700  0.51 39.53 ? 1062 GLU A OE2 1 
ATOM   698  N N   . TYR A 1 85  ? 2.711   2.045   15.593  1.00 27.35 ? 1063 TYR A N   1 
ATOM   699  C CA  . TYR A 1 85  ? 3.666   1.197   16.285  1.00 29.60 ? 1063 TYR A CA  1 
ATOM   700  C C   . TYR A 1 85  ? 4.952   1.938   16.641  1.00 30.61 ? 1063 TYR A C   1 
ATOM   701  O O   . TYR A 1 85  ? 5.694   1.465   17.508  1.00 31.47 ? 1063 TYR A O   1 
ATOM   702  C CB  . TYR A 1 85  ? 3.985   -0.047  15.450  1.00 31.58 ? 1063 TYR A CB  1 
ATOM   703  C CG  . TYR A 1 85  ? 4.830   -1.050  16.200  1.00 32.12 ? 1063 TYR A CG  1 
ATOM   704  C CD1 . TYR A 1 85  ? 6.142   -1.307  15.824  1.00 34.89 ? 1063 TYR A CD1 1 
ATOM   705  C CD2 . TYR A 1 85  ? 4.327   -1.711  17.316  1.00 36.27 ? 1063 TYR A CD2 1 
ATOM   706  C CE1 . TYR A 1 85  ? 6.920   -2.210  16.520  1.00 37.73 ? 1063 TYR A CE1 1 
ATOM   707  C CE2 . TYR A 1 85  ? 5.101   -2.616  18.016  1.00 40.62 ? 1063 TYR A CE2 1 
ATOM   708  C CZ  . TYR A 1 85  ? 6.395   -2.860  17.616  1.00 42.85 ? 1063 TYR A CZ  1 
ATOM   709  O OH  . TYR A 1 85  ? 7.174   -3.755  18.312  1.00 46.44 ? 1063 TYR A OH  1 
ATOM   710  N N   . ASN A 1 86  ? 5.217   3.097   16.034  1.00 27.86 ? 1064 ASN A N   1 
ATOM   711  C CA  . ASN A 1 86  ? 6.476   3.821   16.243  1.00 27.01 ? 1064 ASN A CA  1 
ATOM   712  C C   . ASN A 1 86  ? 6.217   5.266   16.632  1.00 28.94 ? 1064 ASN A C   1 
ATOM   713  O O   . ASN A 1 86  ? 6.609   6.194   15.921  1.00 29.89 ? 1064 ASN A O   1 
ATOM   714  C CB  . ASN A 1 86  ? 7.328   3.746   14.976  1.00 27.15 ? 1064 ASN A CB  1 
ATOM   715  C CG  . ASN A 1 86  ? 7.839   2.356   14.718  1.00 28.80 ? 1064 ASN A CG  1 
ATOM   716  O OD1 . ASN A 1 86  ? 8.828   1.928   15.310  1.00 31.29 ? 1064 ASN A OD1 1 
ATOM   717  N ND2 . ASN A 1 86  ? 7.164   1.628   13.824  1.00 26.31 ? 1064 ASN A ND2 1 
ATOM   718  N N   . PRO A 1 87  ? 5.577   5.502   17.787  1.00 27.77 ? 1065 PRO A N   1 
ATOM   719  C CA  . PRO A 1 87  ? 5.147   6.856   18.131  1.00 29.14 ? 1065 PRO A CA  1 
ATOM   720  C C   . PRO A 1 87  ? 6.125   7.660   18.973  1.00 27.38 ? 1065 PRO A C   1 
ATOM   721  O O   . PRO A 1 87  ? 5.871   8.852   19.188  1.00 32.92 ? 1065 PRO A O   1 
ATOM   722  C CB  . PRO A 1 87  ? 3.854   6.590   18.931  1.00 29.72 ? 1065 PRO A CB  1 
ATOM   723  C CG  . PRO A 1 87  ? 4.135   5.308   19.615  1.00 31.34 ? 1065 PRO A CG  1 
ATOM   724  C CD  . PRO A 1 87  ? 5.100   4.515   18.770  1.00 29.93 ? 1065 PRO A CD  1 
ATOM   725  N N   . ASP A 1 88  ? 7.224   7.062   19.424  1.00 30.66 ? 1066 ASP A N   1 
ATOM   726  C CA  . ASP A 1 88  ? 8.085   7.650   20.440  1.00 31.09 ? 1066 ASP A CA  1 
ATOM   727  C C   . ASP A 1 88  ? 9.255   8.401   19.801  1.00 30.77 ? 1066 ASP A C   1 
ATOM   728  O O   . ASP A 1 88  ? 9.459   8.372   18.583  1.00 31.83 ? 1066 ASP A O   1 
ATOM   729  C CB  . ASP A 1 88  ? 8.586   6.559   21.384  1.00 31.09 ? 1066 ASP A CB  1 
ATOM   730  C CG  . ASP A 1 88  ? 7.440   5.830   22.089  1.00 38.69 ? 1066 ASP A CG  1 
ATOM   731  O OD1 . ASP A 1 88  ? 6.436   6.497   22.406  1.00 39.24 ? 1066 ASP A OD1 1 
ATOM   732  O OD2 . ASP A 1 88  ? 7.546   4.610   22.335  1.00 41.72 ? 1066 ASP A OD2 1 
ATOM   733  N N   . ARG A 1 89  ? 10.039  9.087   20.644  1.00 30.50 ? 1067 ARG A N   1 
ATOM   734  C CA  . ARG A 1 89  ? 11.160  9.871   20.121  1.00 27.77 ? 1067 ARG A CA  1 
ATOM   735  C C   . ARG A 1 89  ? 12.387  9.028   19.791  1.00 27.68 ? 1067 ARG A C   1 
ATOM   736  O O   . ARG A 1 89  ? 13.330  9.568   19.197  1.00 29.34 ? 1067 ARG A O   1 
ATOM   737  C CB  . ARG A 1 89  ? 11.553  11.007  21.096  1.00 29.99 ? 1067 ARG A CB  1 
ATOM   738  C CG  . ARG A 1 89  ? 12.206  10.601  22.433  1.00 35.95 ? 1067 ARG A CG  1 
ATOM   739  C CD  . ARG A 1 89  ? 13.748  10.795  22.463  1.00 32.00 ? 1067 ARG A CD  1 
ATOM   740  N NE  . ARG A 1 89  ? 14.244  11.941  21.700  1.00 32.67 ? 1067 ARG A NE  1 
ATOM   741  C CZ  . ARG A 1 89  ? 15.437  11.974  21.099  1.00 33.29 ? 1067 ARG A CZ  1 
ATOM   742  N NH1 . ARG A 1 89  ? 16.241  10.919  21.175  1.00 30.59 ? 1067 ARG A NH1 1 
ATOM   743  N NH2 . ARG A 1 89  ? 15.826  13.056  20.418  1.00 29.74 ? 1067 ARG A NH2 1 
ATOM   744  N N   . ASP A 1 90  ? 12.385  7.743   20.141  1.00 26.74 ? 1068 ASP A N   1 
ATOM   745  C CA  . ASP A 1 90  ? 13.500  6.842   19.870  1.00 28.14 ? 1068 ASP A CA  1 
ATOM   746  C C   . ASP A 1 90  ? 13.929  6.956   18.404  1.00 29.19 ? 1068 ASP A C   1 
ATOM   747  O O   . ASP A 1 90  ? 13.069  7.030   17.517  1.00 29.24 ? 1068 ASP A O   1 
ATOM   748  C CB  . ASP A 1 90  ? 13.076  5.402   20.179  1.00 30.85 ? 1068 ASP A CB  1 
ATOM   749  C CG  . ASP A 1 90  ? 14.208  4.393   20.039  1.00 37.01 ? 1068 ASP A CG  1 
ATOM   750  O OD1 . ASP A 1 90  ? 14.613  4.073   18.896  1.00 46.02 ? 1068 ASP A OD1 1 
ATOM   751  O OD2 . ASP A 1 90  ? 14.685  3.893   21.085  1.00 51.17 ? 1068 ASP A OD2 1 
ATOM   752  N N   . PRO A 1 91  ? 15.237  6.984   18.114  1.00 26.95 ? 1069 PRO A N   1 
ATOM   753  C CA  . PRO A 1 91  ? 15.663  7.134   16.711  1.00 25.83 ? 1069 PRO A CA  1 
ATOM   754  C C   . PRO A 1 91  ? 15.165  6.013   15.819  1.00 28.21 ? 1069 PRO A C   1 
ATOM   755  O O   . PRO A 1 91  ? 14.952  6.239   14.621  1.00 26.54 ? 1069 PRO A O   1 
ATOM   756  C CB  . PRO A 1 91  ? 17.198  7.133   16.792  1.00 30.47 ? 1069 PRO A CB  1 
ATOM   757  C CG  . PRO A 1 91  ? 17.523  7.370   18.224  1.00 31.63 ? 1069 PRO A CG  1 
ATOM   758  C CD  . PRO A 1 91  ? 16.378  6.870   19.036  1.00 30.70 ? 1069 PRO A CD  1 
ATOM   759  N N   . GLY A 1 92  ? 15.004  4.804   16.355  1.00 25.78 ? 1070 GLY A N   1 
ATOM   760  C CA  . GLY A 1 92  ? 14.436  3.733   15.553  1.00 29.55 ? 1070 GLY A CA  1 
ATOM   761  C C   . GLY A 1 92  ? 13.010  4.034   15.133  1.00 30.59 ? 1070 GLY A C   1 
ATOM   762  O O   . GLY A 1 92  ? 12.646  3.854   13.965  1.00 29.27 ? 1070 GLY A O   1 
ATOM   763  N N   . ASP A 1 93  ? 12.188  4.502   16.082  1.00 26.90 ? 1071 ASP A N   1 
ATOM   764  C CA  . ASP A 1 93  ? 10.838  4.962   15.765  1.00 27.80 ? 1071 ASP A CA  1 
ATOM   765  C C   . ASP A 1 93  ? 10.862  6.055   14.704  1.00 28.51 ? 1071 ASP A C   1 
ATOM   766  O O   . ASP A 1 93  ? 10.120  5.998   13.716  1.00 29.05 ? 1071 ASP A O   1 
ATOM   767  C CB  . ASP A 1 93  ? 10.143  5.505   17.023  1.00 28.93 ? 1071 ASP A CB  1 
ATOM   768  C CG  . ASP A 1 93  ? 9.707   4.419   17.977  1.00 30.84 ? 1071 ASP A CG  1 
ATOM   769  O OD1 . ASP A 1 93  ? 10.461  3.447   18.158  1.00 33.24 ? 1071 ASP A OD1 1 
ATOM   770  O OD2 . ASP A 1 93  ? 8.602   4.546   18.557  1.00 29.30 ? 1071 ASP A OD2 1 
ATOM   771  N N   . ARG A 1 94  ? 11.708  7.064   14.893  1.00 24.23 ? 1072 ARG A N   1 
ATOM   772  C CA  A ARG A 1 94  ? 11.685  8.226   14.010  0.57 25.90 ? 1072 ARG A CA  1 
ATOM   773  C CA  B ARG A 1 94  ? 11.653  8.216   14.004  0.43 25.80 ? 1072 ARG A CA  1 
ATOM   774  C C   . ARG A 1 94  ? 12.090  7.850   12.592  1.00 26.07 ? 1072 ARG A C   1 
ATOM   775  O O   . ARG A 1 94  ? 11.547  8.396   11.624  1.00 25.61 ? 1072 ARG A O   1 
ATOM   776  C CB  A ARG A 1 94  ? 12.599  9.319   14.558  0.57 26.97 ? 1072 ARG A CB  1 
ATOM   777  C CB  B ARG A 1 94  ? 12.493  9.353   14.582  0.43 27.03 ? 1072 ARG A CB  1 
ATOM   778  C CG  A ARG A 1 94  ? 12.045  9.996   15.805  0.57 27.54 ? 1072 ARG A CG  1 
ATOM   779  C CG  B ARG A 1 94  ? 11.838  9.964   15.827  0.43 27.40 ? 1072 ARG A CG  1 
ATOM   780  C CD  A ARG A 1 94  ? 12.842  11.252  16.143  0.57 31.09 ? 1072 ARG A CD  1 
ATOM   781  C CD  B ARG A 1 94  ? 12.671  11.080  16.440  0.43 30.58 ? 1072 ARG A CD  1 
ATOM   782  N NE  A ARG A 1 94  ? 12.323  12.445  15.481  0.57 32.20 ? 1072 ARG A NE  1 
ATOM   783  N NE  B ARG A 1 94  ? 11.878  11.946  17.310  0.43 27.33 ? 1072 ARG A NE  1 
ATOM   784  C CZ  A ARG A 1 94  ? 13.027  13.215  14.653  0.57 30.13 ? 1072 ARG A CZ  1 
ATOM   785  C CZ  B ARG A 1 94  ? 12.396  12.852  18.135  0.43 32.66 ? 1072 ARG A CZ  1 
ATOM   786  N NH1 A ARG A 1 94  ? 14.296  12.922  14.377  0.57 30.33 ? 1072 ARG A NH1 1 
ATOM   787  N NH1 B ARG A 1 94  ? 13.709  13.007  18.206  0.43 32.59 ? 1072 ARG A NH1 1 
ATOM   788  N NH2 A ARG A 1 94  ? 12.464  14.284  14.111  0.57 25.79 ? 1072 ARG A NH2 1 
ATOM   789  N NH2 B ARG A 1 94  ? 11.602  13.603  18.890  0.43 34.03 ? 1072 ARG A NH2 1 
ATOM   790  N N   . LEU A 1 95  ? 13.033  6.917   12.459  1.00 24.93 ? 1073 LEU A N   1 
ATOM   791  C CA  . LEU A 1 95  ? 13.456  6.477   11.132  1.00 23.63 ? 1073 LEU A CA  1 
ATOM   792  C C   . LEU A 1 95  ? 12.320  5.760   10.416  1.00 27.18 ? 1073 LEU A C   1 
ATOM   793  O O   . LEU A 1 95  ? 12.052  6.022   9.234   1.00 25.16 ? 1073 LEU A O   1 
ATOM   794  C CB  . LEU A 1 95  ? 14.684  5.570   11.253  1.00 24.08 ? 1073 LEU A CB  1 
ATOM   795  C CG  . LEU A 1 95  ? 15.186  4.906   9.972   1.00 25.53 ? 1073 LEU A CG  1 
ATOM   796  C CD1 . LEU A 1 95  ? 15.575  5.964   8.956   1.00 25.53 ? 1073 LEU A CD1 1 
ATOM   797  C CD2 . LEU A 1 95  ? 16.361  3.986   10.277  1.00 27.26 ? 1073 LEU A CD2 1 
ATOM   798  N N   . ILE A 1 96  ? 11.629  4.863   11.117  1.00 24.91 ? 1074 ILE A N   1 
ATOM   799  C CA  . ILE A 1 96  ? 10.523  4.149   10.484  1.00 25.12 ? 1074 ILE A CA  1 
ATOM   800  C C   . ILE A 1 96  ? 9.388   5.103   10.127  1.00 26.61 ? 1074 ILE A C   1 
ATOM   801  O O   . ILE A 1 96  ? 8.775   4.972   9.058   1.00 25.57 ? 1074 ILE A O   1 
ATOM   802  C CB  . ILE A 1 96  ? 10.056  2.999   11.389  1.00 25.72 ? 1074 ILE A CB  1 
ATOM   803  C CG1 . ILE A 1 96  ? 11.169  1.964   11.476  1.00 29.53 ? 1074 ILE A CG1 1 
ATOM   804  C CG2 . ILE A 1 96  ? 8.782   2.361   10.820  1.00 25.18 ? 1074 ILE A CG2 1 
ATOM   805  C CD1 . ILE A 1 96  ? 11.023  1.011   12.579  1.00 37.50 ? 1074 ILE A CD1 1 
ATOM   806  N N   . ARG A 1 97  ? 9.082   6.076   10.999  1.00 25.37 ? 1075 ARG A N   1 
ATOM   807  C CA  . ARG A 1 97  ? 8.055   7.065   10.655  1.00 29.22 ? 1075 ARG A CA  1 
ATOM   808  C C   . ARG A 1 97  ? 8.434   7.828   9.391   1.00 29.11 ? 1075 ARG A C   1 
ATOM   809  O O   . ARG A 1 97  ? 7.581   8.091   8.536   1.00 25.57 ? 1075 ARG A O   1 
ATOM   810  C CB  . ARG A 1 97  ? 7.832   8.055   11.805  1.00 29.57 ? 1075 ARG A CB  1 
ATOM   811  C CG  . ARG A 1 97  ? 7.149   7.466   13.032  1.00 28.59 ? 1075 ARG A CG  1 
ATOM   812  C CD  . ARG A 1 97  ? 6.328   8.512   13.809  1.00 31.13 ? 1075 ARG A CD  1 
ATOM   813  N NE  . ARG A 1 97  ? 7.076   9.682   14.274  1.00 36.54 ? 1075 ARG A NE  1 
ATOM   814  C CZ  . ARG A 1 97  ? 7.827   9.721   15.376  1.00 34.00 ? 1075 ARG A CZ  1 
ATOM   815  N NH1 . ARG A 1 97  ? 7.973   8.640   16.130  1.00 27.53 ? 1075 ARG A NH1 1 
ATOM   816  N NH2 . ARG A 1 97  ? 8.452   10.844  15.717  1.00 35.60 ? 1075 ARG A NH2 1 
ATOM   817  N N   . HIS A 1 98  ? 9.714   8.205   9.264   1.00 24.40 ? 1076 HIS A N   1 
ATOM   818  C CA  . HIS A 1 98  ? 10.144  8.949   8.084   1.00 27.32 ? 1076 HIS A CA  1 
ATOM   819  C C   . HIS A 1 98  ? 9.956   8.111   6.831   1.00 25.37 ? 1076 HIS A C   1 
ATOM   820  O O   . HIS A 1 98  ? 9.466   8.606   5.806   1.00 26.47 ? 1076 HIS A O   1 
ATOM   821  C CB  . HIS A 1 98  ? 11.610  9.372   8.221   1.00 26.03 ? 1076 HIS A CB  1 
ATOM   822  C CG  . HIS A 1 98  ? 12.014  10.433  7.248   1.00 28.64 ? 1076 HIS A CG  1 
ATOM   823  N ND1 . HIS A 1 98  ? 12.597  10.140  6.034   1.00 27.61 ? 1076 HIS A ND1 1 
ATOM   824  C CD2 . HIS A 1 98  ? 11.898  11.779  7.295   1.00 32.69 ? 1076 HIS A CD2 1 
ATOM   825  C CE1 . HIS A 1 98  ? 12.825  11.264  5.378   1.00 27.98 ? 1076 HIS A CE1 1 
ATOM   826  N NE2 . HIS A 1 98  ? 12.417  12.274  6.125   1.00 29.01 ? 1076 HIS A NE2 1 
ATOM   827  N N   . ARG A 1 99  ? 10.325  6.835   6.908   1.00 23.17 ? 1077 ARG A N   1 
ATOM   828  C CA  . ARG A 1 99  ? 10.180  5.948   5.759   1.00 24.82 ? 1077 ARG A CA  1 
ATOM   829  C C   . ARG A 1 99  ? 8.717   5.686   5.453   1.00 26.63 ? 1077 ARG A C   1 
ATOM   830  O O   . ARG A 1 99  ? 8.328   5.588   4.282   1.00 25.89 ? 1077 ARG A O   1 
ATOM   831  C CB  . ARG A 1 99  ? 10.906  4.635   6.010   1.00 25.48 ? 1077 ARG A CB  1 
ATOM   832  C CG  . ARG A 1 99  ? 12.424  4.775   6.140   1.00 24.42 ? 1077 ARG A CG  1 
ATOM   833  C CD  . ARG A 1 99  ? 13.027  3.505   6.704   1.00 27.55 ? 1077 ARG A CD  1 
ATOM   834  N NE  . ARG A 1 99  ? 14.465  3.498   6.501   1.00 26.12 ? 1077 ARG A NE  1 
ATOM   835  C CZ  . ARG A 1 99  ? 15.300  2.583   6.974   1.00 25.98 ? 1077 ARG A CZ  1 
ATOM   836  N NH1 . ARG A 1 99  ? 14.861  1.575   7.712   1.00 26.35 ? 1077 ARG A NH1 1 
ATOM   837  N NH2 . ARG A 1 99  ? 16.596  2.706   6.722   1.00 31.41 ? 1077 ARG A NH2 1 
ATOM   838  N N   . ALA A 1 100 ? 7.895   5.544   6.489   1.00 23.76 ? 1078 ALA A N   1 
ATOM   839  C CA  . ALA A 1 100 ? 6.476   5.299   6.262   1.00 26.23 ? 1078 ALA A CA  1 
ATOM   840  C C   . ALA A 1 100 ? 5.831   6.458   5.513   1.00 25.85 ? 1078 ALA A C   1 
ATOM   841  O O   . ALA A 1 100 ? 5.057   6.250   4.565   1.00 26.06 ? 1078 ALA A O   1 
ATOM   842  C CB  . ALA A 1 100 ? 5.775   5.048   7.600   1.00 25.32 ? 1078 ALA A CB  1 
ATOM   843  N N   . CYS A 1 101 ? 6.127   7.693   5.927   1.00 24.26 ? 1079 CYS A N   1 
ATOM   844  C CA  . CYS A 1 101 ? 5.557   8.844   5.242   1.00 27.31 ? 1079 CYS A CA  1 
ATOM   845  C C   . CYS A 1 101 ? 6.102   8.949   3.824   1.00 25.21 ? 1079 CYS A C   1 
ATOM   846  O O   . CYS A 1 101 ? 5.376   9.332   2.901   1.00 28.00 ? 1079 CYS A O   1 
ATOM   847  C CB  . CYS A 1 101 ? 5.845   10.124  6.014   1.00 32.50 ? 1079 CYS A CB  1 
ATOM   848  S SG  . CYS A 1 101 ? 4.888   10.242  7.549   1.00 33.26 ? 1079 CYS A SG  1 
ATOM   849  N N   . ALA A 1 102 ? 7.375   8.602   3.639   1.00 25.43 ? 1080 ALA A N   1 
ATOM   850  C CA  . ALA A 1 102 ? 7.948   8.624   2.294   1.00 24.72 ? 1080 ALA A CA  1 
ATOM   851  C C   . ALA A 1 102 ? 7.284   7.594   1.385   1.00 25.99 ? 1080 ALA A C   1 
ATOM   852  O O   . ALA A 1 102 ? 7.063   7.867   0.197   1.00 26.81 ? 1080 ALA A O   1 
ATOM   853  C CB  . ALA A 1 102 ? 9.458   8.393   2.361   1.00 25.24 ? 1080 ALA A CB  1 
ATOM   854  N N   . LEU A 1 103 ? 6.983   6.403   1.913   1.00 24.24 ? 1081 LEU A N   1 
ATOM   855  C CA  . LEU A 1 103 ? 6.281   5.386   1.129   1.00 25.01 ? 1081 LEU A CA  1 
ATOM   856  C C   . LEU A 1 103 ? 4.928   5.903   0.659   1.00 26.80 ? 1081 LEU A C   1 
ATOM   857  O O   . LEU A 1 103 ? 4.580   5.801   -0.526  1.00 24.71 ? 1081 LEU A O   1 
ATOM   858  C CB  . LEU A 1 103 ? 6.103   4.106   1.950   1.00 24.14 ? 1081 LEU A CB  1 
ATOM   859  C CG  . LEU A 1 103 ? 5.130   3.095   1.324   1.00 27.38 ? 1081 LEU A CG  1 
ATOM   860  C CD1 . LEU A 1 103 ? 5.806   2.411   0.177   1.00 28.52 ? 1081 LEU A CD1 1 
ATOM   861  C CD2 . LEU A 1 103 ? 4.641   2.084   2.342   1.00 31.49 ? 1081 LEU A CD2 1 
ATOM   862  N N   . ARG A 1 104 ? 4.158   6.478   1.581   1.00 25.60 ? 1082 ARG A N   1 
ATOM   863  C CA  . ARG A 1 104 ? 2.837   6.996   1.237   1.00 26.06 ? 1082 ARG A CA  1 
ATOM   864  C C   . ARG A 1 104 ? 2.941   8.122   0.211   1.00 28.79 ? 1082 ARG A C   1 
ATOM   865  O O   . ARG A 1 104 ? 2.250   8.111   -0.818  1.00 25.54 ? 1082 ARG A O   1 
ATOM   866  C CB  . ARG A 1 104 ? 2.140   7.467   2.520   1.00 28.55 ? 1082 ARG A CB  1 
ATOM   867  C CG  . ARG A 1 104 ? 0.793   8.146   2.341   1.00 33.62 ? 1082 ARG A CG  1 
ATOM   868  C CD  . ARG A 1 104 ? 0.503   9.044   3.545   1.00 40.36 ? 1082 ARG A CD  1 
ATOM   869  N NE  . ARG A 1 104 ? 1.520   10.092  3.666   1.00 42.73 ? 1082 ARG A NE  1 
ATOM   870  C CZ  . ARG A 1 104 ? 1.911   10.647  4.812   1.00 43.22 ? 1082 ARG A CZ  1 
ATOM   871  N NH1 . ARG A 1 104 ? 1.373   10.264  5.968   1.00 45.39 ? 1082 ARG A NH1 1 
ATOM   872  N NH2 . ARG A 1 104 ? 2.844   11.589  4.804   1.00 40.87 ? 1082 ARG A NH2 1 
ATOM   873  N N   . ASP A 1 105 ? 3.833   9.086   0.461   1.00 25.01 ? 1083 ASP A N   1 
ATOM   874  C CA  . ASP A 1 105 ? 4.011   10.210  -0.452  1.00 26.77 ? 1083 ASP A CA  1 
ATOM   875  C C   . ASP A 1 105 ? 4.459   9.738   -1.829  1.00 25.11 ? 1083 ASP A C   1 
ATOM   876  O O   . ASP A 1 105 ? 4.015   10.278  -2.851  1.00 26.31 ? 1083 ASP A O   1 
ATOM   877  C CB  . ASP A 1 105 ? 5.031   11.195  0.120   1.00 29.02 ? 1083 ASP A CB  1 
ATOM   878  C CG  . ASP A 1 105 ? 4.516   11.918  1.361   1.00 34.45 ? 1083 ASP A CG  1 
ATOM   879  O OD1 . ASP A 1 105 ? 3.325   11.771  1.688   1.00 35.93 ? 1083 ASP A OD1 1 
ATOM   880  O OD2 . ASP A 1 105 ? 5.316   12.619  2.014   1.00 36.79 ? 1083 ASP A OD2 1 
ATOM   881  N N   . THR A 1 106 ? 5.349   8.746   -1.872  1.00 24.60 ? 1084 THR A N   1 
ATOM   882  C CA  . THR A 1 106 ? 5.852   8.256   -3.154  1.00 23.00 ? 1084 THR A CA  1 
ATOM   883  C C   . THR A 1 106 ? 4.740   7.573   -3.943  1.00 23.19 ? 1084 THR A C   1 
ATOM   884  O O   . THR A 1 106 ? 4.572   7.826   -5.147  1.00 24.88 ? 1084 THR A O   1 
ATOM   885  C CB  . THR A 1 106 ? 7.026   7.303   -2.928  1.00 25.35 ? 1084 THR A CB  1 
ATOM   886  O OG1 . THR A 1 106 ? 8.105   8.016   -2.293  1.00 27.37 ? 1084 THR A OG1 1 
ATOM   887  C CG2 . THR A 1 106 ? 7.528   6.715   -4.268  1.00 25.63 ? 1084 THR A CG2 1 
ATOM   888  N N   . ALA A 1 107 ? 3.970   6.706   -3.279  1.00 23.94 ? 1085 ALA A N   1 
ATOM   889  C CA  . ALA A 1 107 ? 2.848   6.038   -3.948  1.00 25.08 ? 1085 ALA A CA  1 
ATOM   890  C C   . ALA A 1 107 ? 1.848   7.051   -4.498  1.00 24.11 ? 1085 ALA A C   1 
ATOM   891  O O   . ALA A 1 107 ? 1.433   6.969   -5.661  1.00 24.08 ? 1085 ALA A O   1 
ATOM   892  C CB  . ALA A 1 107 ? 2.162   5.066   -2.977  1.00 23.63 ? 1085 ALA A CB  1 
ATOM   893  N N   . TYR A 1 108 ? 1.448   8.029   -3.677  1.00 23.90 ? 1086 TYR A N   1 
ATOM   894  C CA  . TYR A 1 108 ? 0.488   9.025   -4.149  1.00 24.70 ? 1086 TYR A CA  1 
ATOM   895  C C   . TYR A 1 108 ? 1.046   9.820   -5.326  1.00 26.90 ? 1086 TYR A C   1 
ATOM   896  O O   . TYR A 1 108 ? 0.309   10.152  -6.260  1.00 26.50 ? 1086 TYR A O   1 
ATOM   897  C CB  . TYR A 1 108 ? 0.087   9.968   -3.007  1.00 24.29 ? 1086 TYR A CB  1 
ATOM   898  C CG  . TYR A 1 108 ? -1.081  9.463   -2.191  1.00 26.56 ? 1086 TYR A CG  1 
ATOM   899  C CD1 . TYR A 1 108 ? -0.893  8.549   -1.166  1.00 26.99 ? 1086 TYR A CD1 1 
ATOM   900  C CD2 . TYR A 1 108 ? -2.378  9.902   -2.451  1.00 29.33 ? 1086 TYR A CD2 1 
ATOM   901  C CE1 . TYR A 1 108 ? -1.966  8.075   -0.417  1.00 28.21 ? 1086 TYR A CE1 1 
ATOM   902  C CE2 . TYR A 1 108 ? -3.451  9.440   -1.706  1.00 28.73 ? 1086 TYR A CE2 1 
ATOM   903  C CZ  . TYR A 1 108 ? -3.237  8.528   -0.691  1.00 28.11 ? 1086 TYR A CZ  1 
ATOM   904  O OH  . TYR A 1 108 ? -4.306  8.072   0.051   1.00 30.60 ? 1086 TYR A OH  1 
ATOM   905  N N   . ALA A 1 109 ? 2.350   10.119  -5.304  1.00 23.82 ? 1087 ALA A N   1 
ATOM   906  C CA  . ALA A 1 109 ? 2.938   10.950  -6.348  1.00 24.58 ? 1087 ALA A CA  1 
ATOM   907  C C   . ALA A 1 109 ? 3.025   10.193  -7.664  1.00 25.24 ? 1087 ALA A C   1 
ATOM   908  O O   . ALA A 1 109 ? 2.770   10.766  -8.730  1.00 26.36 ? 1087 ALA A O   1 
ATOM   909  C CB  . ALA A 1 109 ? 4.321   11.438  -5.926  1.00 26.78 ? 1087 ALA A CB  1 
ATOM   910  N N   . ILE A 1 110 ? 3.394   8.910   -7.609  1.00 23.07 ? 1088 ILE A N   1 
ATOM   911  C CA  . ILE A 1 110 ? 3.407   8.090   -8.824  1.00 23.93 ? 1088 ILE A CA  1 
ATOM   912  C C   . ILE A 1 110 ? 2.016   8.055   -9.438  1.00 24.46 ? 1088 ILE A C   1 
ATOM   913  O O   . ILE A 1 110 ? 1.842   8.250   -10.643 1.00 24.55 ? 1088 ILE A O   1 
ATOM   914  C CB  . ILE A 1 110 ? 3.922   6.670   -8.520  1.00 24.30 ? 1088 ILE A CB  1 
ATOM   915  C CG1 . ILE A 1 110 ? 5.419   6.692   -8.205  1.00 24.99 ? 1088 ILE A CG1 1 
ATOM   916  C CG2 . ILE A 1 110 ? 3.627   5.725   -9.704  1.00 23.17 ? 1088 ILE A CG2 1 
ATOM   917  C CD1 . ILE A 1 110 ? 5.992   5.358   -7.741  1.00 23.71 ? 1088 ILE A CD1 1 
ATOM   918  N N   . ILE A 1 111 ? 1.002   7.817   -8.611  1.00 23.61 ? 1089 ILE A N   1 
ATOM   919  C CA  . ILE A 1 111 ? -0.354  7.713   -9.142  1.00 26.26 ? 1089 ILE A CA  1 
ATOM   920  C C   . ILE A 1 111 ? -0.814  9.050   -9.716  1.00 27.19 ? 1089 ILE A C   1 
ATOM   921  O O   . ILE A 1 111 ? -1.415  9.098   -10.798 1.00 26.06 ? 1089 ILE A O   1 
ATOM   922  C CB  . ILE A 1 111 ? -1.303  7.173   -8.054  1.00 26.39 ? 1089 ILE A CB  1 
ATOM   923  C CG1 A ILE A 1 111 ? -0.955  5.706   -7.787  0.72 23.69 ? 1089 ILE A CG1 1 
ATOM   924  C CG1 B ILE A 1 111 ? -1.485  5.661   -8.190  0.28 25.17 ? 1089 ILE A CG1 1 
ATOM   925  C CG2 A ILE A 1 111 ? -2.754  7.307   -8.485  0.72 29.10 ? 1089 ILE A CG2 1 
ATOM   926  C CG2 B ILE A 1 111 ? -2.660  7.873   -8.111  0.28 28.04 ? 1089 ILE A CG2 1 
ATOM   927  C CD1 A ILE A 1 111 ? -1.462  5.174   -6.477  0.72 25.86 ? 1089 ILE A CD1 1 
ATOM   928  C CD1 B ILE A 1 111 ? -0.231  4.867   -7.948  0.28 24.58 ? 1089 ILE A CD1 1 
ATOM   929  N N   . LYS A 1 112 ? -0.516  10.160  -9.030  1.00 26.19 ? 1090 LYS A N   1 
ATOM   930  C CA  . LYS A 1 112 ? -0.925  11.464  -9.549  1.00 28.05 ? 1090 LYS A CA  1 
ATOM   931  C C   . LYS A 1 112 ? -0.313  11.725  -10.915 1.00 29.45 ? 1090 LYS A C   1 
ATOM   932  O O   . LYS A 1 112 ? -0.982  12.239  -11.821 1.00 31.40 ? 1090 LYS A O   1 
ATOM   933  C CB  . LYS A 1 112 ? -0.537  12.581  -8.583  1.00 31.38 ? 1090 LYS A CB  1 
ATOM   934  C CG  . LYS A 1 112 ? -0.988  13.955  -9.072  1.00 37.18 ? 1090 LYS A CG  1 
ATOM   935  C CD  . LYS A 1 112 ? -0.682  15.040  -8.062  1.00 42.67 ? 1090 LYS A CD  1 
ATOM   936  C CE  . LYS A 1 112 ? -1.499  16.288  -8.362  1.00 49.50 ? 1090 LYS A CE  1 
ATOM   937  N NZ  . LYS A 1 112 ? -1.118  17.418  -7.478  1.00 57.91 ? 1090 LYS A NZ  1 
ATOM   938  N N   . GLU A 1 113 ? 0.950   11.352  -11.087 1.00 26.46 ? 1091 GLU A N   1 
ATOM   939  C CA  . GLU A 1 113 ? 1.671   11.624  -12.323 1.00 28.62 ? 1091 GLU A CA  1 
ATOM   940  C C   . GLU A 1 113 ? 1.314   10.651  -13.440 1.00 31.15 ? 1091 GLU A C   1 
ATOM   941  O O   . GLU A 1 113 ? 1.355   11.029  -14.616 1.00 31.64 ? 1091 GLU A O   1 
ATOM   942  C CB  . GLU A 1 113 ? 3.172   11.562  -12.056 1.00 30.87 ? 1091 GLU A CB  1 
ATOM   943  C CG  . GLU A 1 113 ? 4.037   12.236  -13.101 1.00 41.26 ? 1091 GLU A CG  1 
ATOM   944  C CD  . GLU A 1 113 ? 5.456   12.480  -12.598 1.00 47.37 ? 1091 GLU A CD  1 
ATOM   945  O OE1 . GLU A 1 113 ? 6.262   11.523  -12.596 1.00 48.14 ? 1091 GLU A OE1 1 
ATOM   946  O OE2 . GLU A 1 113 ? 5.765   13.626  -12.194 1.00 51.58 ? 1091 GLU A OE2 1 
ATOM   947  N N   . GLU A 1 114 ? 0.972   9.404   -13.111 1.00 22.94 ? 1092 GLU A N   1 
ATOM   948  C CA  . GLU A 1 114 ? 0.972   8.354   -14.124 1.00 24.83 ? 1092 GLU A CA  1 
ATOM   949  C C   . GLU A 1 114 ? -0.373  7.685   -14.376 1.00 26.07 ? 1092 GLU A C   1 
ATOM   950  O O   . GLU A 1 114 ? -0.509  7.010   -15.405 1.00 29.00 ? 1092 GLU A O   1 
ATOM   951  C CB  . GLU A 1 114 ? 1.994   7.263   -13.764 1.00 24.05 ? 1092 GLU A CB  1 
ATOM   952  C CG  . GLU A 1 114 ? 3.434   7.790   -13.638 1.00 25.24 ? 1092 GLU A CG  1 
ATOM   953  C CD  . GLU A 1 114 ? 4.456   6.700   -13.333 1.00 25.20 ? 1092 GLU A CD  1 
ATOM   954  O OE1 . GLU A 1 114 ? 4.205   5.506   -13.632 1.00 25.33 ? 1092 GLU A OE1 1 
ATOM   955  O OE2 . GLU A 1 114 ? 5.535   7.042   -12.799 1.00 27.42 ? 1092 GLU A OE2 1 
ATOM   956  N N   . LEU A 1 115 ? -1.358  7.833   -13.492 1.00 26.30 ? 1093 LEU A N   1 
ATOM   957  C CA  . LEU A 1 115 ? -2.671  7.230   -13.705 1.00 24.47 ? 1093 LEU A CA  1 
ATOM   958  C C   . LEU A 1 115 ? -3.614  8.291   -14.256 1.00 29.54 ? 1093 LEU A C   1 
ATOM   959  O O   . LEU A 1 115 ? -3.805  9.340   -13.633 1.00 30.33 ? 1093 LEU A O   1 
ATOM   960  C CB  . LEU A 1 115 ? -3.235  6.630   -12.415 1.00 28.18 ? 1093 LEU A CB  1 
ATOM   961  C CG  . LEU A 1 115 ? -4.486  5.749   -12.596 1.00 27.68 ? 1093 LEU A CG  1 
ATOM   962  C CD1 . LEU A 1 115 ? -4.163  4.539   -13.464 1.00 30.01 ? 1093 LEU A CD1 1 
ATOM   963  C CD2 . LEU A 1 115 ? -5.028  5.307   -11.255 1.00 32.41 ? 1093 LEU A CD2 1 
ATOM   964  N N   . ASP A 1 116 ? -4.194  8.024   -15.422 1.00 25.82 ? 1094 ASP A N   1 
ATOM   965  C CA  . ASP A 1 116 ? -5.130  8.970   -16.012 1.00 28.61 ? 1094 ASP A CA  1 
ATOM   966  C C   . ASP A 1 116 ? -6.379  9.088   -15.144 1.00 27.50 ? 1094 ASP A C   1 
ATOM   967  O O   . ASP A 1 116 ? -6.923  8.078   -14.687 1.00 27.19 ? 1094 ASP A O   1 
ATOM   968  C CB  . ASP A 1 116 ? -5.490  8.524   -17.431 1.00 29.69 ? 1094 ASP A CB  1 
ATOM   969  C CG  . ASP A 1 116 ? -6.296  9.561   -18.178 1.00 32.81 ? 1094 ASP A CG  1 
ATOM   970  O OD1 . ASP A 1 116 ? -7.448  9.833   -17.788 1.00 38.78 ? 1094 ASP A OD1 1 
ATOM   971  O OD2 . ASP A 1 116 ? -5.769  10.118  -19.155 1.00 34.53 ? 1094 ASP A OD2 1 
ATOM   972  N N   . GLU A 1 117 ? -6.834  10.329  -14.906 1.00 28.36 ? 1095 GLU A N   1 
ATOM   973  C CA  . GLU A 1 117 ? -7.980  10.527  -14.022 1.00 29.41 ? 1095 GLU A CA  1 
ATOM   974  C C   . GLU A 1 117 ? -9.260  9.955   -14.620 1.00 26.57 ? 1095 GLU A C   1 
ATOM   975  O O   . GLU A 1 117 ? -10.148 9.527   -13.872 1.00 28.11 ? 1095 GLU A O   1 
ATOM   976  C CB  . GLU A 1 117 ? -8.154  12.013  -13.690 1.00 35.40 ? 1095 GLU A CB  1 
ATOM   977  C CG  . GLU A 1 117 ? -8.465  12.905  -14.882 1.00 42.75 ? 1095 GLU A CG  1 
ATOM   978  C CD  . GLU A 1 117 ? -8.722  14.357  -14.483 1.00 56.31 ? 1095 GLU A CD  1 
ATOM   979  O OE1 . GLU A 1 117 ? -8.390  14.736  -13.338 1.00 55.09 ? 1095 GLU A OE1 1 
ATOM   980  O OE2 . GLU A 1 117 ? -9.251  15.120  -15.323 1.00 62.47 ? 1095 GLU A OE2 1 
ATOM   981  N N   . ASP A 1 118 ? -9.369  9.915   -15.955 1.00 28.15 ? 1096 ASP A N   1 
ATOM   982  C CA  . ASP A 1 118 ? -10.549 9.311   -16.567 1.00 28.28 ? 1096 ASP A CA  1 
ATOM   983  C C   . ASP A 1 118 ? -10.504 7.794   -16.473 1.00 27.75 ? 1096 ASP A C   1 
ATOM   984  O O   . ASP A 1 118 ? -11.555 7.144   -16.410 1.00 25.31 ? 1096 ASP A O   1 
ATOM   985  C CB  . ASP A 1 118 ? -10.681 9.746   -18.030 1.00 29.60 ? 1096 ASP A CB  1 
ATOM   986  C CG  . ASP A 1 118 ? -11.031 11.219  -18.178 1.00 34.14 ? 1096 ASP A CG  1 
ATOM   987  O OD1 . ASP A 1 118 ? -11.657 11.789  -17.263 1.00 35.09 ? 1096 ASP A OD1 1 
ATOM   988  O OD2 . ASP A 1 118 ? -10.665 11.807  -19.213 1.00 38.85 ? 1096 ASP A OD2 1 
ATOM   989  N N   . PHE A 1 119 ? -9.301  7.210   -16.477 1.00 24.07 ? 1097 PHE A N   1 
ATOM   990  C CA  . PHE A 1 119 ? -9.190  5.774   -16.253 1.00 24.37 ? 1097 PHE A CA  1 
ATOM   991  C C   . PHE A 1 119 ? -9.660  5.415   -14.849 1.00 24.74 ? 1097 PHE A C   1 
ATOM   992  O O   . PHE A 1 119 ? -10.449 4.481   -14.663 1.00 24.96 ? 1097 PHE A O   1 
ATOM   993  C CB  . PHE A 1 119 ? -7.750  5.299   -16.478 1.00 23.36 ? 1097 PHE A CB  1 
ATOM   994  C CG  . PHE A 1 119 ? -7.573  3.815   -16.246 1.00 22.99 ? 1097 PHE A CG  1 
ATOM   995  C CD1 . PHE A 1 119 ? -7.890  2.896   -17.240 1.00 23.84 ? 1097 PHE A CD1 1 
ATOM   996  C CD2 . PHE A 1 119 ? -7.133  3.342   -15.020 1.00 24.92 ? 1097 PHE A CD2 1 
ATOM   997  C CE1 . PHE A 1 119 ? -7.762  1.530   -17.007 1.00 25.69 ? 1097 PHE A CE1 1 
ATOM   998  C CE2 . PHE A 1 119 ? -6.995  1.977   -14.788 1.00 25.76 ? 1097 PHE A CE2 1 
ATOM   999  C CZ  . PHE A 1 119 ? -7.306  1.076   -15.778 1.00 24.59 ? 1097 PHE A CZ  1 
ATOM   1000 N N   . GLU A 1 120 ? -9.207  6.169   -13.846 1.00 24.56 ? 1098 GLU A N   1 
ATOM   1001 C CA  . GLU A 1 120 ? -9.642  5.887   -12.483 1.00 25.51 ? 1098 GLU A CA  1 
ATOM   1002 C C   . GLU A 1 120 ? -11.142 6.107   -12.330 1.00 26.47 ? 1098 GLU A C   1 
ATOM   1003 O O   . GLU A 1 120 ? -11.818 5.338   -11.643 1.00 25.63 ? 1098 GLU A O   1 
ATOM   1004 C CB  . GLU A 1 120 ? -8.861  6.741   -11.486 1.00 30.50 ? 1098 GLU A CB  1 
ATOM   1005 C CG  . GLU A 1 120 ? -9.439  6.750   -10.064 1.00 29.08 ? 1098 GLU A CG  1 
ATOM   1006 C CD  . GLU A 1 120 ? -9.472  5.374   -9.370  1.00 33.88 ? 1098 GLU A CD  1 
ATOM   1007 O OE1 . GLU A 1 120 ? -8.864  4.402   -9.868  1.00 33.55 ? 1098 GLU A OE1 1 
ATOM   1008 O OE2 . GLU A 1 120 ? -10.107 5.269   -8.295  1.00 36.03 ? 1098 GLU A OE2 1 
ATOM   1009 N N   . GLN A 1 121 ? -11.682 7.143   -12.972 1.00 25.87 ? 1099 GLN A N   1 
ATOM   1010 C CA  . GLN A 1 121 ? -13.118 7.393   -12.871 1.00 27.45 ? 1099 GLN A CA  1 
ATOM   1011 C C   . GLN A 1 121 ? -13.923 6.248   -13.474 1.00 25.58 ? 1099 GLN A C   1 
ATOM   1012 O O   . GLN A 1 121 ? -14.970 5.867   -12.934 1.00 27.84 ? 1099 GLN A O   1 
ATOM   1013 C CB  . GLN A 1 121 ? -13.469 8.722   -13.538 1.00 27.47 ? 1099 GLN A CB  1 
ATOM   1014 C CG  . GLN A 1 121 ? -14.951 9.094   -13.434 1.00 29.60 ? 1099 GLN A CG  1 
ATOM   1015 C CD  . GLN A 1 121 ? -15.381 9.318   -12.000 1.00 35.28 ? 1099 GLN A CD  1 
ATOM   1016 O OE1 . GLN A 1 121 ? -14.587 9.759   -11.164 1.00 37.28 ? 1099 GLN A OE1 1 
ATOM   1017 N NE2 . GLN A 1 121 ? -16.639 9.004   -11.701 1.00 33.46 ? 1099 GLN A NE2 1 
ATOM   1018 N N   . LEU A 1 122 ? -13.443 5.672   -14.583 1.00 24.39 ? 1100 LEU A N   1 
ATOM   1019 C CA  . LEU A 1 122 ? -14.126 4.518   -15.158 1.00 25.56 ? 1100 LEU A CA  1 
ATOM   1020 C C   . LEU A 1 122 ? -14.124 3.331   -14.196 1.00 27.69 ? 1100 LEU A C   1 
ATOM   1021 O O   . LEU A 1 122 ? -15.151 2.660   -14.025 1.00 26.96 ? 1100 LEU A O   1 
ATOM   1022 C CB  . LEU A 1 122 ? -13.483 4.135   -16.494 1.00 22.89 ? 1100 LEU A CB  1 
ATOM   1023 C CG  . LEU A 1 122 ? -14.032 2.881   -17.173 1.00 24.66 ? 1100 LEU A CG  1 
ATOM   1024 C CD1 . LEU A 1 122 ? -15.539 2.964   -17.402 1.00 26.28 ? 1100 LEU A CD1 1 
ATOM   1025 C CD2 . LEU A 1 122 ? -13.313 2.639   -18.489 1.00 24.67 ? 1100 LEU A CD2 1 
ATOM   1026 N N   . CYS A 1 123 ? -12.975 3.045   -13.566 1.00 24.79 ? 1101 CYS A N   1 
ATOM   1027 C CA  . CYS A 1 123 ? -12.919 1.976   -12.571 1.00 23.93 ? 1101 CYS A CA  1 
ATOM   1028 C C   . CYS A 1 123 ? -13.970 2.187   -11.489 1.00 26.32 ? 1101 CYS A C   1 
ATOM   1029 O O   . CYS A 1 123 ? -14.702 1.261   -11.128 1.00 28.70 ? 1101 CYS A O   1 
ATOM   1030 C CB  . CYS A 1 123 ? -11.520 1.902   -11.945 1.00 23.35 ? 1101 CYS A CB  1 
ATOM   1031 S SG  . CYS A 1 123 ? -10.263 1.268   -13.093 1.00 26.11 ? 1101 CYS A SG  1 
ATOM   1032 N N   . GLU A 1 124 ? -14.070 3.412   -10.982 1.00 27.98 ? 1102 GLU A N   1 
ATOM   1033 C CA  . GLU A 1 124 ? -15.037 3.702   -9.927  1.00 28.00 ? 1102 GLU A CA  1 
ATOM   1034 C C   . GLU A 1 124 ? -16.469 3.484   -10.404 1.00 33.37 ? 1102 GLU A C   1 
ATOM   1035 O O   . GLU A 1 124 ? -17.292 2.910   -9.676  1.00 32.76 ? 1102 GLU A O   1 
ATOM   1036 C CB  . GLU A 1 124 ? -14.841 5.132   -9.423  1.00 31.45 ? 1102 GLU A CB  1 
ATOM   1037 C CG  . GLU A 1 124 ? -13.465 5.349   -8.815  1.00 34.92 ? 1102 GLU A CG  1 
ATOM   1038 C CD  . GLU A 1 124 ? -13.318 6.689   -8.143  1.00 43.22 ? 1102 GLU A CD  1 
ATOM   1039 O OE1 . GLU A 1 124 ? -14.344 7.374   -7.947  1.00 47.97 ? 1102 GLU A OE1 1 
ATOM   1040 O OE2 . GLU A 1 124 ? -12.166 7.060   -7.821  1.00 46.91 ? 1102 GLU A OE2 1 
ATOM   1041 N N   . GLU A 1 125 ? -16.784 3.912   -11.630 1.00 30.10 ? 1103 GLU A N   1 
ATOM   1042 C CA  . GLU A 1 125 ? -18.158 3.780   -12.102 1.00 30.90 ? 1103 GLU A CA  1 
ATOM   1043 C C   . GLU A 1 125 ? -18.532 2.325   -12.363 1.00 34.88 ? 1103 GLU A C   1 
ATOM   1044 O O   . GLU A 1 125 ? -19.679 1.938   -12.110 1.00 37.45 ? 1103 GLU A O   1 
ATOM   1045 C CB  . GLU A 1 125 ? -18.381 4.671   -13.335 1.00 26.93 ? 1103 GLU A CB  1 
ATOM   1046 C CG  . GLU A 1 125 ? -18.422 6.147   -12.923 1.00 32.23 ? 1103 GLU A CG  1 
ATOM   1047 C CD  . GLU A 1 125 ? -18.724 7.148   -14.036 1.00 32.50 ? 1103 GLU A CD  1 
ATOM   1048 O OE1 . GLU A 1 125 ? -19.116 6.749   -15.153 1.00 31.70 ? 1103 GLU A OE1 1 
ATOM   1049 O OE2 . GLU A 1 125 ? -18.552 8.362   -13.780 1.00 33.55 ? 1103 GLU A OE2 1 
ATOM   1050 N N   . ILE A 1 126 ? -17.593 1.494   -12.822 1.00 27.87 ? 1104 ILE A N   1 
ATOM   1051 C CA  . ILE A 1 126 ? -17.875 0.063   -12.931 1.00 28.41 ? 1104 ILE A CA  1 
ATOM   1052 C C   . ILE A 1 126 ? -18.131 -0.527  -11.549 1.00 37.42 ? 1104 ILE A C   1 
ATOM   1053 O O   . ILE A 1 126 ? -19.119 -1.242  -11.331 1.00 38.38 ? 1104 ILE A O   1 
ATOM   1054 C CB  . ILE A 1 126 ? -16.725 -0.670  -13.644 1.00 30.21 ? 1104 ILE A CB  1 
ATOM   1055 C CG1 . ILE A 1 126 ? -16.465 -0.048  -15.007 1.00 27.58 ? 1104 ILE A CG1 1 
ATOM   1056 C CG2 . ILE A 1 126 ? -17.063 -2.139  -13.818 1.00 31.47 ? 1104 ILE A CG2 1 
ATOM   1057 C CD1 . ILE A 1 126 ? -15.209 -0.578  -15.668 1.00 28.26 ? 1104 ILE A CD1 1 
ATOM   1058 N N   . GLN A 1 127 ? -17.241 -0.232  -10.593 1.00 34.67 ? 1105 GLN A N   1 
ATOM   1059 C CA  . GLN A 1 127 ? -17.403 -0.746  -9.235  1.00 35.44 ? 1105 GLN A CA  1 
ATOM   1060 C C   . GLN A 1 127 ? -18.740 -0.320  -8.641  1.00 39.46 ? 1105 GLN A C   1 
ATOM   1061 O O   . GLN A 1 127 ? -19.431 -1.127  -8.004  1.00 42.03 ? 1105 GLN A O   1 
ATOM   1062 C CB  . GLN A 1 127 ? -16.244 -0.279  -8.347  1.00 33.83 ? 1105 GLN A CB  1 
ATOM   1063 C CG  . GLN A 1 127 ? -16.308 -0.808  -6.900  1.00 35.71 ? 1105 GLN A CG  1 
ATOM   1064 C CD  . GLN A 1 127 ? -15.316 -0.119  -5.972  1.00 38.83 ? 1105 GLN A CD  1 
ATOM   1065 O OE1 . GLN A 1 127 ? -15.291 1.111   -5.865  1.00 41.46 ? 1105 GLN A OE1 1 
ATOM   1066 N NE2 . GLN A 1 127 ? -14.485 -0.915  -5.299  1.00 40.12 ? 1105 GLN A NE2 1 
ATOM   1067 N N   . GLU A 1 128 ? -19.128 0.940   -8.850  1.00 35.71 ? 1106 GLU A N   1 
ATOM   1068 C CA  . GLU A 1 128 ? -20.396 1.436   -8.322  1.00 41.64 ? 1106 GLU A CA  1 
ATOM   1069 C C   . GLU A 1 128 ? -21.605 0.749   -8.946  1.00 46.04 ? 1106 GLU A C   1 
ATOM   1070 O O   . GLU A 1 128 ? -22.669 0.702   -8.318  1.00 48.00 ? 1106 GLU A O   1 
ATOM   1071 C CB  . GLU A 1 128 ? -20.498 2.947   -8.530  1.00 40.84 ? 1106 GLU A CB  1 
ATOM   1072 C CG  . GLU A 1 128 ? -19.716 3.758   -7.512  1.00 45.24 ? 1106 GLU A CG  1 
ATOM   1073 C CD  . GLU A 1 128 ? -19.352 5.145   -8.009  1.00 51.32 ? 1106 GLU A CD  1 
ATOM   1074 O OE1 . GLU A 1 128 ? -19.918 5.589   -9.031  1.00 53.55 ? 1106 GLU A OE1 1 
ATOM   1075 O OE2 . GLU A 1 128 ? -18.491 5.792   -7.378  1.00 59.04 ? 1106 GLU A OE2 1 
ATOM   1076 N N   . SER A 1 129 ? -21.470 0.221   -10.161 1.00 46.52 ? 1107 SER A N   1 
ATOM   1077 C CA  . SER A 1 129 ? -22.565 -0.467  -10.832 1.00 48.61 ? 1107 SER A CA  1 
ATOM   1078 C C   . SER A 1 129 ? -22.729 -1.913  -10.382 1.00 53.27 ? 1107 SER A C   1 
ATOM   1079 O O   . SER A 1 129 ? -23.681 -2.572  -10.815 1.00 57.26 ? 1107 SER A O   1 
ATOM   1080 C CB  . SER A 1 129 ? -22.351 -0.442  -12.345 1.00 46.26 ? 1107 SER A CB  1 
ATOM   1081 O OG  . SER A 1 129 ? -21.382 -1.411  -12.734 1.00 45.89 ? 1107 SER A OG  1 
ATOM   1082 N N   . ARG A 1 130 ? -21.830 -2.423  -9.546  1.00 50.49 ? 1108 ARG A N   1 
ATOM   1083 C CA  . ARG A 1 130 ? -21.870 -3.824  -9.144  1.00 52.59 ? 1108 ARG A CA  1 
ATOM   1084 C C   . ARG A 1 130 ? -22.313 -3.972  -7.693  1.00 58.70 ? 1108 ARG A C   1 
ATOM   1085 O O   . ARG A 1 130 ? -22.408 -2.992  -6.950  1.00 60.44 ? 1108 ARG A O   1 
ATOM   1086 C CB  . ARG A 1 130 ? -20.503 -4.482  -9.351  1.00 50.81 ? 1108 ARG A CB  1 
ATOM   1087 C CG  . ARG A 1 130 ? -20.066 -4.502  -10.807 1.00 51.53 ? 1108 ARG A CG  1 
ATOM   1088 C CD  . ARG A 1 130 ? -18.802 -5.312  -11.025 1.00 49.59 ? 1108 ARG A CD  1 
ATOM   1089 N NE  . ARG A 1 130 ? -18.502 -5.435  -12.451 1.00 45.60 ? 1108 ARG A NE  1 
ATOM   1090 C CZ  . ARG A 1 130 ? -17.470 -6.109  -12.947 1.00 45.23 ? 1108 ARG A CZ  1 
ATOM   1091 N NH1 . ARG A 1 130 ? -17.280 -6.161  -14.260 1.00 43.28 ? 1108 ARG A NH1 1 
ATOM   1092 N NH2 . ARG A 1 130 ? -16.623 -6.729  -12.133 1.00 46.92 ? 1108 ARG A NH2 1 
ATOM   1093 O OXT . ARG A 1 130 ? -22.591 -5.082  -7.239  1.00 65.33 ? 1108 ARG A OXT 1 
HETATM 1094 S S   . SO4 B 2 .   ? -3.874  -10.409 -14.959 1.00 36.98 ? 1201 SO4 A S   1 
HETATM 1095 O O1  . SO4 B 2 .   ? -3.110  -10.124 -16.177 1.00 43.84 ? 1201 SO4 A O1  1 
HETATM 1096 O O2  . SO4 B 2 .   ? -5.234  -10.720 -15.351 1.00 33.42 ? 1201 SO4 A O2  1 
HETATM 1097 O O3  . SO4 B 2 .   ? -3.856  -9.255  -14.076 1.00 40.53 ? 1201 SO4 A O3  1 
HETATM 1098 O O4  . SO4 B 2 .   ? -3.263  -11.550 -14.296 1.00 37.81 ? 1201 SO4 A O4  1 
HETATM 1099 N N   . G1E C 3 .   ? 12.259  0.065   17.959  1.00 44.10 ? 1202 G1E A N   1 
HETATM 1100 C CA  . G1E C 3 .   ? 11.007  0.293   17.217  1.00 38.89 ? 1202 G1E A CA  1 
HETATM 1101 C C   . G1E C 3 .   ? 10.887  -0.765  16.122  1.00 40.79 ? 1202 G1E A C   1 
HETATM 1102 O O   . G1E C 3 .   ? 11.630  -1.745  16.146  1.00 46.21 ? 1202 G1E A O   1 
HETATM 1103 C CB  . G1E C 3 .   ? 9.803   0.150   18.145  1.00 41.53 ? 1202 G1E A CB  1 
HETATM 1104 C CAA . G1E C 3 .   ? 6.869   -2.780  10.509  1.00 44.04 ? 1202 G1E A CAA 1 
HETATM 1105 C CAE . G1E C 3 .   ? 9.666   -6.817  10.550  1.00 51.51 ? 1202 G1E A CAE 1 
HETATM 1106 C CAF . G1E C 3 .   ? 9.438   -5.461  12.541  1.00 48.48 ? 1202 G1E A CAF 1 
HETATM 1107 C CAG . G1E C 3 .   ? 9.523   -4.414  10.407  1.00 47.69 ? 1202 G1E A CAG 1 
HETATM 1108 C CAH . G1E C 3 .   ? 11.146  0.815   20.015  1.00 42.37 ? 1202 G1E A CAH 1 
HETATM 1109 C CAI . G1E C 3 .   ? 12.347  0.981   19.109  1.00 40.80 ? 1202 G1E A CAI 1 
HETATM 1110 C CAQ . G1E C 3 .   ? 7.309   -1.846  11.641  1.00 33.06 ? 1202 G1E A CAQ 1 
HETATM 1111 C CAS . G1E C 3 .   ? 9.638   -5.658  9.791   1.00 47.96 ? 1202 G1E A CAS 1 
HETATM 1112 C CAT . G1E C 3 .   ? 9.409   -4.289  11.789  1.00 47.57 ? 1202 G1E A CAT 1 
HETATM 1113 C CAU . G1E C 3 .   ? 9.635   -1.374  14.209  1.00 38.08 ? 1202 G1E A CAU 1 
HETATM 1114 C CAV . G1E C 3 .   ? 8.378   -2.110  12.433  1.00 37.13 ? 1202 G1E A CAV 1 
HETATM 1115 C CAW . G1E C 3 .   ? 9.281   -3.139  12.483  1.00 45.02 ? 1202 G1E A CAW 1 
HETATM 1116 N NAB . G1E C 3 .   ? 9.736   -5.743  8.465   1.00 52.05 ? 1202 G1E A NAB 1 
HETATM 1117 N NAK . G1E C 3 .   ? 9.563   -6.718  11.937  1.00 52.50 ? 1202 G1E A NAK 1 
HETATM 1118 N NAL . G1E C 3 .   ? 8.605   -1.170  13.383  1.00 35.67 ? 1202 G1E A NAL 1 
HETATM 1119 N NAM . G1E C 3 .   ? 9.898   1.082   19.283  1.00 39.22 ? 1202 G1E A NAM 1 
HETATM 1120 N NAO . G1E C 3 .   ? 9.936   -0.510  15.195  1.00 38.40 ? 1202 G1E A NAO 1 
HETATM 1121 O OAC . G1E C 3 .   ? 6.619   -0.850  11.862  1.00 31.57 ? 1202 G1E A OAC 1 
HETATM 1122 S SAP . G1E C 3 .   ? 10.355  -2.811  13.784  1.00 47.61 ? 1202 G1E A SAP 1 
HETATM 1123 N N   . BQQ D 4 .   ? 2.979   11.578  15.050  1.00 79.05 ? 1203 BQQ A N   1 
HETATM 1124 C CA  . BQQ D 4 .   ? 3.148   11.819  13.637  1.00 74.27 ? 1203 BQQ A CA  1 
HETATM 1125 C C   . BQQ D 4 .   ? 3.926   11.994  12.374  1.00 69.05 ? 1203 BQQ A C   1 
HETATM 1126 O O   . BQQ D 4 .   ? 3.369   12.113  11.281  1.00 65.94 ? 1203 BQQ A O   1 
HETATM 1127 C CB  . BQQ D 4 .   ? 2.345   13.054  13.500  1.00 75.84 ? 1203 BQQ A CB  1 
HETATM 1128 C CAA . BQQ D 4 .   ? 10.639  12.397  10.204  1.00 44.17 ? 1203 BQQ A CAA 1 
HETATM 1129 C CAE . BQQ D 4 .   ? 9.232   13.847  6.057   1.00 45.83 ? 1203 BQQ A CAE 1 
HETATM 1130 C CAF . BQQ D 4 .   ? 8.551   14.339  8.336   1.00 50.00 ? 1203 BQQ A CAF 1 
HETATM 1131 C CAG . BQQ D 4 .   ? 8.318   12.110  7.464   1.00 42.94 ? 1203 BQQ A CAG 1 
HETATM 1132 C CAH . BQQ D 4 .   ? 3.867   13.856  15.212  1.00 79.57 ? 1203 BQQ A CAH 1 
HETATM 1133 C CAI . BQQ D 4 .   ? 3.888   12.462  15.808  1.00 75.85 ? 1203 BQQ A CAI 1 
HETATM 1134 C CAQ . BQQ D 4 .   ? 9.558   11.743  11.026  1.00 51.51 ? 1203 BQQ A CAQ 1 
HETATM 1135 C CAS . BQQ D 4 .   ? 8.845   12.519  6.233   1.00 43.08 ? 1203 BQQ A CAS 1 
HETATM 1136 C CAT . BQQ D 4 .   ? 8.162   13.010  8.524   1.00 52.74 ? 1203 BQQ A CAT 1 
HETATM 1137 C CAU . BQQ D 4 .   ? 6.164   12.176  11.646  1.00 58.45 ? 1203 BQQ A CAU 1 
HETATM 1138 C CAV . BQQ D 4 .   ? 8.272   12.084  10.814  1.00 57.07 ? 1203 BQQ A CAV 1 
HETATM 1139 C CAW . BQQ D 4 .   ? 7.658   12.633  9.721   1.00 57.80 ? 1203 BQQ A CAW 1 
HETATM 1140 N NAB . BQQ D 4 .   ? 8.995   11.648  5.218   1.00 40.16 ? 1203 BQQ A NAB 1 
HETATM 1141 N NAK . BQQ D 4 .   ? 9.089   14.765  7.109   1.00 46.22 ? 1203 BQQ A NAK 1 
HETATM 1142 N NAL . BQQ D 4 .   ? 7.439   11.850  11.849  1.00 57.79 ? 1203 BQQ A NAL 1 
HETATM 1143 N NAM . BQQ D 4 .   ? 2.559   14.047  14.574  1.00 79.59 ? 1203 BQQ A NAM 1 
HETATM 1144 N NAO . BQQ D 4 .   ? 5.250   12.007  12.604  1.00 63.71 ? 1203 BQQ A NAO 1 
HETATM 1145 O OAC . BQQ D 4 .   ? 9.880   10.976  11.937  1.00 49.44 ? 1203 BQQ A OAC 1 
HETATM 1146 S SAP . BQQ D 4 .   ? 6.008   12.820  10.117  1.00 70.26 ? 1203 BQQ A SAP 1 
HETATM 1147 O O   . HOH E 5 .   ? 10.449  -1.820  -10.179 1.00 35.91 ? 1301 HOH A O   1 
HETATM 1148 O O   . HOH E 5 .   ? -6.992  -6.224  6.035   1.00 47.36 ? 1302 HOH A O   1 
HETATM 1149 O O   . HOH E 5 .   ? -21.600 5.258   -10.743 1.00 45.26 ? 1303 HOH A O   1 
HETATM 1150 O O   . HOH E 5 .   ? -8.092  -0.439  -20.158 1.00 39.04 ? 1304 HOH A O   1 
HETATM 1151 O O   . HOH E 5 .   ? -20.936 -1.230  -15.156 1.00 39.63 ? 1305 HOH A O   1 
HETATM 1152 O O   . HOH E 5 .   ? -6.847  5.873   1.841   1.00 36.16 ? 1306 HOH A O   1 
HETATM 1153 O O   . HOH E 5 .   ? 9.607   -6.398  6.038   1.00 40.74 ? 1307 HOH A O   1 
HETATM 1154 O O   . HOH E 5 .   ? -21.960 3.016   -12.209 1.00 39.52 ? 1308 HOH A O   1 
HETATM 1155 O O   . HOH E 5 .   ? 3.955   -1.216  11.078  1.00 30.76 ? 1309 HOH A O   1 
HETATM 1156 O O   . HOH E 5 .   ? -20.129 9.676   -12.259 1.00 39.95 ? 1310 HOH A O   1 
HETATM 1157 O O   . HOH E 5 .   ? 10.430  8.543   -3.368  1.00 39.54 ? 1311 HOH A O   1 
HETATM 1158 O O   . HOH E 5 .   ? -7.230  -4.021  3.926   1.00 42.94 ? 1312 HOH A O   1 
HETATM 1159 O O   . HOH E 5 .   ? -6.662  -8.483  14.452  1.00 39.87 ? 1313 HOH A O   1 
HETATM 1160 O O   . HOH E 5 .   ? 0.082   -13.435 -5.990  1.00 36.00 ? 1314 HOH A O   1 
HETATM 1161 O O   . HOH E 5 .   ? 16.284  8.184   13.497  1.00 30.25 ? 1315 HOH A O   1 
HETATM 1162 O O   . HOH E 5 .   ? -3.436  1.957   11.324  1.00 33.19 ? 1316 HOH A O   1 
HETATM 1163 O O   . HOH E 5 .   ? -13.144 2.965   -4.668  1.00 37.95 ? 1317 HOH A O   1 
HETATM 1164 O O   . HOH E 5 .   ? -5.535  3.710   -20.168 1.00 31.97 ? 1318 HOH A O   1 
HETATM 1165 O O   . HOH E 5 .   ? 9.473   -9.519  12.033  1.00 61.66 ? 1319 HOH A O   1 
HETATM 1166 O O   . HOH E 5 .   ? 1.384   -3.479  9.221   1.00 30.28 ? 1320 HOH A O   1 
HETATM 1167 O O   . HOH E 5 .   ? 6.407   9.139   -11.406 1.00 38.11 ? 1321 HOH A O   1 
HETATM 1168 O O   . HOH E 5 .   ? -5.034  -11.918 -11.974 1.00 43.61 ? 1322 HOH A O   1 
HETATM 1169 O O   . HOH E 5 .   ? 12.040  2.147   -7.194  1.00 39.01 ? 1323 HOH A O   1 
HETATM 1170 O O   . HOH E 5 .   ? -10.339 10.285  -11.298 1.00 38.65 ? 1324 HOH A O   1 
HETATM 1171 O O   . HOH E 5 .   ? -6.334  2.827   5.325   1.00 28.32 ? 1325 HOH A O   1 
HETATM 1172 O O   . HOH E 5 .   ? -13.078 11.820  -14.968 1.00 43.95 ? 1326 HOH A O   1 
HETATM 1173 O O   . HOH E 5 .   ? 0.601   4.584   19.156  1.00 40.74 ? 1327 HOH A O   1 
HETATM 1174 O O   . HOH E 5 .   ? 0.549   4.737   -16.415 1.00 32.25 ? 1328 HOH A O   1 
HETATM 1175 O O   . HOH E 5 .   ? 4.316   -3.066  6.752   1.00 31.37 ? 1329 HOH A O   1 
HETATM 1176 O O   . HOH E 5 .   ? 2.723   -4.871  -14.153 1.00 22.82 ? 1330 HOH A O   1 
HETATM 1177 O O   . HOH E 5 .   ? 16.011  8.593   22.572  1.00 34.17 ? 1331 HOH A O   1 
HETATM 1178 O O   . HOH E 5 .   ? 1.204   -7.675  6.790   1.00 35.64 ? 1332 HOH A O   1 
HETATM 1179 O O   . HOH E 5 .   ? 13.099  -2.703  -0.396  1.00 32.59 ? 1333 HOH A O   1 
HETATM 1180 O O   . HOH E 5 .   ? 2.684   12.676  -2.634  1.00 32.19 ? 1334 HOH A O   1 
HETATM 1181 O O   . HOH E 5 .   ? -10.167 -3.730  -1.608  1.00 42.43 ? 1335 HOH A O   1 
HETATM 1182 O O   . HOH E 5 .   ? -8.434  -1.702  0.497   1.00 39.55 ? 1336 HOH A O   1 
HETATM 1183 O O   . HOH E 5 .   ? 13.227  7.834   4.653   1.00 29.79 ? 1337 HOH A O   1 
HETATM 1184 O O   . HOH E 5 .   ? -3.346  2.611   -16.704 1.00 33.36 ? 1338 HOH A O   1 
HETATM 1185 O O   . HOH E 5 .   ? 17.230  -1.196  3.276   1.00 43.68 ? 1339 HOH A O   1 
HETATM 1186 O O   . HOH E 5 .   ? -4.553  -1.474  14.780  1.00 38.83 ? 1340 HOH A O   1 
HETATM 1187 O O   . HOH E 5 .   ? 9.233   12.098  18.181  1.00 38.18 ? 1341 HOH A O   1 
HETATM 1188 O O   . HOH E 5 .   ? 16.174  -3.465  -3.383  1.00 44.36 ? 1342 HOH A O   1 
HETATM 1189 O O   . HOH E 5 .   ? -20.569 -4.541  -14.402 1.00 48.51 ? 1343 HOH A O   1 
HETATM 1190 O O   . HOH E 5 .   ? -10.419 -8.330  -15.122 1.00 34.49 ? 1344 HOH A O   1 
HETATM 1191 O O   . HOH E 5 .   ? 6.180   -4.778  7.372   1.00 37.17 ? 1345 HOH A O   1 
HETATM 1192 O O   . HOH E 5 .   ? -9.568  -3.122  -23.932 1.00 45.86 ? 1346 HOH A O   1 
HETATM 1193 O O   . HOH E 5 .   ? 2.976   13.569  -8.795  1.00 33.64 ? 1347 HOH A O   1 
HETATM 1194 O O   . HOH E 5 .   ? 5.010   -5.436  -12.577 1.00 31.65 ? 1348 HOH A O   1 
HETATM 1195 O O   . HOH E 5 .   ? -14.865 -0.553  -19.329 1.00 34.98 ? 1349 HOH A O   1 
HETATM 1196 O O   . HOH E 5 .   ? 7.728   -12.219 7.438   1.00 53.44 ? 1350 HOH A O   1 
HETATM 1197 O O   . HOH E 5 .   ? 3.196   -11.711 -2.454  1.00 38.84 ? 1351 HOH A O   1 
HETATM 1198 O O   . HOH E 5 .   ? 2.405   1.521   -13.407 1.00 34.47 ? 1352 HOH A O   1 
HETATM 1199 O O   . HOH E 5 .   ? 6.285   9.201   23.230  1.00 46.38 ? 1353 HOH A O   1 
HETATM 1200 O O   . HOH E 5 .   ? -4.290  -1.827  12.050  1.00 30.32 ? 1354 HOH A O   1 
HETATM 1201 O O   . HOH E 5 .   ? 2.376   -11.739 2.436   1.00 46.92 ? 1355 HOH A O   1 
HETATM 1202 O O   . HOH E 5 .   ? 0.549   -12.701 0.973   1.00 47.53 ? 1356 HOH A O   1 
HETATM 1203 O O   . HOH E 5 .   ? 2.913   8.352   15.594  1.00 42.40 ? 1357 HOH A O   1 
HETATM 1204 O O   . HOH E 5 .   ? -2.430  10.818  -5.907  1.00 33.87 ? 1358 HOH A O   1 
HETATM 1205 O O   . HOH E 5 .   ? 3.398   -1.129  8.393   1.00 31.06 ? 1359 HOH A O   1 
HETATM 1206 O O   . HOH E 5 .   ? 7.920   -1.786  -11.640 1.00 33.57 ? 1360 HOH A O   1 
HETATM 1207 O O   . HOH E 5 .   ? -7.940  11.647  -20.193 1.00 38.48 ? 1361 HOH A O   1 
HETATM 1208 O O   . HOH E 5 .   ? 15.640  10.403  17.745  1.00 32.39 ? 1362 HOH A O   1 
HETATM 1209 O O   . HOH E 5 .   ? -4.977  3.990   7.447   1.00 30.54 ? 1363 HOH A O   1 
HETATM 1210 O O   . HOH E 5 .   ? -6.149  -7.219  -21.164 0.50 38.04 ? 1364 HOH A O   1 
HETATM 1211 O O   . HOH E 5 .   ? -1.585  7.334   -18.039 1.00 43.40 ? 1365 HOH A O   1 
HETATM 1212 O O   . HOH E 5 .   ? 11.875  -6.312  -2.529  1.00 42.58 ? 1366 HOH A O   1 
HETATM 1213 O O   . HOH E 5 .   ? 13.507  -0.100  5.243   1.00 30.43 ? 1367 HOH A O   1 
HETATM 1214 O O   . HOH E 5 .   ? -18.674 -8.448  -23.397 1.00 47.36 ? 1368 HOH A O   1 
HETATM 1215 O O   . HOH E 5 .   ? -4.205  -13.945 -10.590 1.00 39.52 ? 1369 HOH A O   1 
HETATM 1216 O O   . HOH E 5 .   ? 2.636   13.376  -15.717 1.00 45.71 ? 1370 HOH A O   1 
HETATM 1217 O O   . HOH E 5 .   ? -11.568 14.641  -17.783 1.00 59.33 ? 1371 HOH A O   1 
HETATM 1218 O O   . HOH E 5 .   ? -1.835  6.791   6.357   1.00 35.65 ? 1372 HOH A O   1 
HETATM 1219 O O   . HOH E 5 .   ? 8.895   9.684   23.248  1.00 38.54 ? 1373 HOH A O   1 
HETATM 1220 O O   . HOH E 5 .   ? -8.051  5.643   -0.578  1.00 35.96 ? 1374 HOH A O   1 
HETATM 1221 O O   . HOH E 5 .   ? -5.205  12.603  -15.725 1.00 41.99 ? 1375 HOH A O   1 
HETATM 1222 O O   . HOH E 5 .   ? 16.822  1.971   -3.565  1.00 37.33 ? 1376 HOH A O   1 
HETATM 1223 O O   . HOH E 5 .   ? -2.293  2.062   -21.061 1.00 25.21 ? 1377 HOH A O   1 
HETATM 1224 O O   . HOH E 5 .   ? 7.873   -1.420  20.815  1.00 49.86 ? 1378 HOH A O   1 
HETATM 1225 O O   . HOH E 5 .   ? -9.183  -6.597  -10.201 1.00 28.74 ? 1379 HOH A O   1 
HETATM 1226 O O   . HOH E 5 .   ? -6.914  -6.341  -7.805  1.00 24.70 ? 1380 HOH A O   1 
HETATM 1227 O O   . HOH E 5 .   ? -2.465  -13.906 -4.755  1.00 33.10 ? 1381 HOH A O   1 
HETATM 1228 O O   . HOH E 5 .   ? -1.284  6.233   12.802  1.00 37.99 ? 1382 HOH A O   1 
HETATM 1229 O O   . HOH E 5 .   ? -6.942  -7.628  3.566   1.00 36.81 ? 1383 HOH A O   1 
HETATM 1230 O O   . HOH E 5 .   ? 15.922  10.503  15.081  1.00 29.82 ? 1384 HOH A O   1 
HETATM 1231 O O   . HOH E 5 .   ? -6.847  7.716   -1.502  1.00 38.70 ? 1385 HOH A O   1 
HETATM 1232 O O   . HOH E 5 .   ? 7.430   -7.022  -1.232  1.00 39.22 ? 1386 HOH A O   1 
HETATM 1233 O O   . HOH E 5 .   ? -22.184 -3.088  -17.794 1.00 47.49 ? 1387 HOH A O   1 
HETATM 1234 O O   . HOH E 5 .   ? -3.586  5.590   -17.094 1.00 33.82 ? 1388 HOH A O   1 
HETATM 1235 O O   . HOH E 5 .   ? 10.101  3.872   -4.922  1.00 34.39 ? 1389 HOH A O   1 
HETATM 1236 O O   . HOH E 5 .   ? 13.401  9.429   2.286   1.00 32.58 ? 1390 HOH A O   1 
HETATM 1237 O O   . HOH E 5 .   ? 5.869   13.172  -9.192  1.00 44.59 ? 1391 HOH A O   1 
HETATM 1238 O O   . HOH E 5 .   ? 11.500  11.239  -0.789  1.00 48.20 ? 1392 HOH A O   1 
HETATM 1239 O O   . HOH E 5 .   ? -8.910  -9.107  -19.580 1.00 44.78 ? 1393 HOH A O   1 
HETATM 1240 O O   . HOH E 5 .   ? -9.975  -8.859  -24.328 1.00 58.75 ? 1394 HOH A O   1 
HETATM 1241 O O   . HOH E 5 .   ? 17.960  0.488   8.471   1.00 44.39 ? 1395 HOH A O   1 
HETATM 1242 O O   . HOH E 5 .   ? -6.869  -1.257  11.252  1.00 39.93 ? 1396 HOH A O   1 
HETATM 1243 O O   . HOH E 5 .   ? 6.992   9.411   -6.554  1.00 37.52 ? 1397 HOH A O   1 
HETATM 1244 O O   . HOH E 5 .   ? 0.832   12.579  -0.186  1.00 44.90 ? 1398 HOH A O   1 
HETATM 1245 O O   . HOH E 5 .   ? 6.604   -17.315 15.882  1.00 73.82 ? 1399 HOH A O   1 
HETATM 1246 O O   . HOH E 5 .   ? 2.683   -6.439  8.786   1.00 40.37 ? 1400 HOH A O   1 
HETATM 1247 O O   . HOH E 5 .   ? 2.432   -13.115 -4.265  1.00 43.11 ? 1401 HOH A O   1 
HETATM 1248 O O   . HOH E 5 .   ? -11.675 -7.757  -11.114 1.00 37.15 ? 1402 HOH A O   1 
HETATM 1249 O O   . HOH E 5 .   ? -0.521  8.019   7.989   1.00 43.95 ? 1403 HOH A O   1 
HETATM 1250 O O   . HOH E 5 .   ? 7.185   11.914  -2.763  1.00 41.62 ? 1404 HOH A O   1 
HETATM 1251 O O   . HOH E 5 .   ? 6.352   10.438  -9.004  1.00 40.14 ? 1405 HOH A O   1 
HETATM 1252 O O   . HOH E 5 .   ? 11.350  11.614  2.464   1.00 43.49 ? 1406 HOH A O   1 
HETATM 1253 O O   . HOH E 5 .   ? 15.957  -1.497  5.934   1.00 43.31 ? 1407 HOH A O   1 
HETATM 1254 O O   . HOH E 5 .   ? 1.056   13.561  -4.790  1.00 35.33 ? 1408 HOH A O   1 
HETATM 1255 O O   . HOH E 5 .   ? -3.960  11.183  -8.057  1.00 41.87 ? 1409 HOH A O   1 
HETATM 1256 O O   . HOH E 5 .   ? 2.093   14.963  -11.008 1.00 42.01 ? 1410 HOH A O   1 
HETATM 1257 O O   . HOH E 5 .   ? 5.055   13.924  -2.586  1.00 42.15 ? 1411 HOH A O   1 
HETATM 1258 O O   . HOH E 5 .   ? -0.403  7.385   14.861  1.00 45.61 ? 1412 HOH A O   1 
HETATM 1259 O O   . HOH E 5 .   ? -19.220 11.964  -11.701 1.00 45.05 ? 1413 HOH A O   1 
HETATM 1260 O O   . HOH E 5 .   ? 1.454   0.463   -15.764 1.00 25.66 ? 1414 HOH A O   1 
HETATM 1261 O O   . HOH E 5 .   ? 15.527  -3.550  -0.623  1.00 46.06 ? 1415 HOH A O   1 
HETATM 1262 O O   . HOH E 5 .   ? -1.785  13.198  -4.619  1.00 39.94 ? 1416 HOH A O   1 
HETATM 1263 O O   . HOH E 5 .   ? -7.602  5.151   4.422   1.00 36.65 ? 1417 HOH A O   1 
HETATM 1264 O O   . HOH E 5 .   ? -6.185  1.642   11.017  1.00 41.49 ? 1418 HOH A O   1 
HETATM 1265 O O   . HOH E 5 .   ? -4.515  7.028   7.170   1.00 43.67 ? 1419 HOH A O   1 
HETATM 1266 O O   . HOH E 5 .   ? -8.132  1.267   6.283   1.00 45.45 ? 1420 HOH A O   1 
HETATM 1267 O O   . HOH E 5 .   ? 9.932   -7.594  -1.875  1.00 43.25 ? 1421 HOH A O   1 
HETATM 1268 O O   . HOH E 5 .   ? 4.122   -4.017  -16.321 1.00 27.76 ? 1422 HOH A O   1 
HETATM 1269 O O   . HOH E 5 .   ? -1.517  12.009  0.855   1.00 52.44 ? 1423 HOH A O   1 
HETATM 1270 O O   . HOH E 5 .   ? 7.830   11.455  -5.278  1.00 40.51 ? 1424 HOH A O   1 
HETATM 1271 O O   . HOH E 5 .   ? -1.767  7.811   10.706  1.00 41.45 ? 1425 HOH A O   1 
HETATM 1272 O O   . HOH E 5 .   ? 2.630   14.889  -6.500  1.00 39.68 ? 1426 HOH A O   1 
HETATM 1273 O O   . HOH E 5 .   ? 9.883   5.518   -7.110  1.00 42.20 ? 1427 HOH A O   1 
HETATM 1274 O O   . HOH E 5 .   ? -4.512  7.740   9.898   1.00 49.76 ? 1428 HOH A O   1 
HETATM 1275 O O   . HOH E 5 .   ? -5.843  9.367   -8.458  1.00 49.70 ? 1429 HOH A O   1 
HETATM 1276 O O   . HOH E 5 .   ? 9.044   7.905   -7.531  1.00 36.47 ? 1430 HOH A O   1 
HETATM 1277 O O   . HOH E 5 .   ? 5.253   15.134  -5.265  1.00 48.37 ? 1431 HOH A O   1 
# 
